data_5W3A
# 
_entry.id   5W3A 
# 
_audit_conform.dict_name       mmcif_pdbx.dic 
_audit_conform.dict_version    5.398 
_audit_conform.dict_location   http://mmcif.pdb.org/dictionaries/ascii/mmcif_pdbx.dic 
# 
loop_
_database_2.database_id 
_database_2.database_code 
_database_2.pdbx_database_accession 
_database_2.pdbx_DOI 
PDB   5W3A         pdb_00005w3a 10.2210/pdb5w3a/pdb 
WWPDB D_1000228356 ?            ?                   
# 
loop_
_pdbx_audit_revision_history.ordinal 
_pdbx_audit_revision_history.data_content_type 
_pdbx_audit_revision_history.major_revision 
_pdbx_audit_revision_history.minor_revision 
_pdbx_audit_revision_history.revision_date 
1 'Structure model' 1 0 2018-01-03 
2 'Structure model' 1 1 2018-01-31 
3 'Structure model' 1 2 2018-03-07 
4 'Structure model' 1 3 2023-10-04 
5 'Structure model' 1 4 2024-11-13 
# 
_pdbx_audit_revision_details.ordinal             1 
_pdbx_audit_revision_details.revision_ordinal    1 
_pdbx_audit_revision_details.data_content_type   'Structure model' 
_pdbx_audit_revision_details.provider            repository 
_pdbx_audit_revision_details.type                'Initial release' 
_pdbx_audit_revision_details.description         ? 
_pdbx_audit_revision_details.details             ? 
# 
loop_
_pdbx_audit_revision_group.ordinal 
_pdbx_audit_revision_group.revision_ordinal 
_pdbx_audit_revision_group.data_content_type 
_pdbx_audit_revision_group.group 
1 2 'Structure model' 'Database references'    
2 3 'Structure model' 'Data collection'        
3 4 'Structure model' 'Data collection'        
4 4 'Structure model' 'Database references'    
5 4 'Structure model' 'Refinement description' 
6 5 'Structure model' 'Structure summary'      
# 
loop_
_pdbx_audit_revision_category.ordinal 
_pdbx_audit_revision_category.revision_ordinal 
_pdbx_audit_revision_category.data_content_type 
_pdbx_audit_revision_category.category 
1 2 'Structure model' citation                      
2 3 'Structure model' diffrn_source                 
3 4 'Structure model' chem_comp_atom                
4 4 'Structure model' chem_comp_bond                
5 4 'Structure model' database_2                    
6 4 'Structure model' diffrn_radiation_wavelength   
7 4 'Structure model' pdbx_initial_refinement_model 
8 5 'Structure model' pdbx_entry_details            
9 5 'Structure model' pdbx_modification_feature     
# 
loop_
_pdbx_audit_revision_item.ordinal 
_pdbx_audit_revision_item.revision_ordinal 
_pdbx_audit_revision_item.data_content_type 
_pdbx_audit_revision_item.item 
1 2 'Structure model' '_citation.journal_volume'            
2 2 'Structure model' '_citation.page_first'                
3 2 'Structure model' '_citation.page_last'                 
4 2 'Structure model' '_citation.year'                      
5 3 'Structure model' '_diffrn_source.source'               
6 4 'Structure model' '_database_2.pdbx_DOI'                
7 4 'Structure model' '_database_2.pdbx_database_accession' 
# 
_pdbx_database_status.status_code                     REL 
_pdbx_database_status.status_code_sf                  REL 
_pdbx_database_status.status_code_mr                  ? 
_pdbx_database_status.entry_id                        5W3A 
_pdbx_database_status.recvd_initial_deposition_date   2017-06-07 
_pdbx_database_status.SG_entry                        N 
_pdbx_database_status.deposit_site                    RCSB 
_pdbx_database_status.process_site                    RCSB 
_pdbx_database_status.status_code_cs                  ? 
_pdbx_database_status.methods_development_category    ? 
_pdbx_database_status.pdb_format_compatible           Y 
_pdbx_database_status.status_code_nmr_data            ? 
# 
loop_
_pdbx_database_related.db_name 
_pdbx_database_related.details 
_pdbx_database_related.db_id 
_pdbx_database_related.content_type 
PDB 'CJ without thiol' 5W17 unspecified 
PDB CJ-N182C           5W37 unspecified 
# 
loop_
_audit_author.name 
_audit_author.pdbx_ordinal 
_audit_author.identifier_ORCID 
'Huber, T.R.' 1 ? 
'Snow, C.D.'  2 ? 
# 
_citation.abstract                  ? 
_citation.abstract_id_CAS           ? 
_citation.book_id_ISBN              ? 
_citation.book_publisher            ? 
_citation.book_publisher_city       ? 
_citation.book_title                ? 
_citation.coordinate_linkage        ? 
_citation.country                   US 
_citation.database_id_Medline       ? 
_citation.details                   ? 
_citation.id                        primary 
_citation.journal_abbrev            'Bioconjug. Chem.' 
_citation.journal_id_ASTM           BCCHES 
_citation.journal_id_CSD            2063 
_citation.journal_id_ISSN           1520-4812 
_citation.journal_full              ? 
_citation.journal_issue             ? 
_citation.journal_volume            29 
_citation.language                  ? 
_citation.page_first                17 
_citation.page_last                 22 
_citation.title                     'Installing Guest Molecules at Specific Sites within Scaffold Protein Crystals.' 
_citation.year                      2018 
_citation.database_id_CSD           ? 
_citation.pdbx_database_id_DOI      10.1021/acs.bioconjchem.7b00668 
_citation.pdbx_database_id_PubMed   29232505 
_citation.unpublished_flag          ? 
# 
loop_
_citation_author.citation_id 
_citation_author.name 
_citation_author.ordinal 
_citation_author.identifier_ORCID 
primary 'Huber, T.R.'     1 ? 
primary 'McPherson, E.C.' 2 ? 
primary 'Keating, C.E.'   3 ? 
primary 'Snow, C.D.'      4 ? 
# 
loop_
_entity.id 
_entity.type 
_entity.src_method 
_entity.pdbx_description 
_entity.formula_weight 
_entity.pdbx_number_of_molecules 
_entity.pdbx_ec 
_entity.pdbx_mutation 
_entity.pdbx_fragment 
_entity.details 
1 polymer     man 'Polyisoprenoid-binding protein'  20188.832 1  ? N182C 'UNP residues 22-190' ? 
2 non-polymer syn EICOSANE                          282.547   1  ? ?     ?                     ? 
3 non-polymer syn 'SULFATE ION'                     96.063    2  ? ?     ?                     ? 
4 non-polymer syn '5-MERCAPTO-2-NITRO-BENZOIC ACID' 199.184   1  ? ?     ?                     ? 
5 water       nat water                             18.015    22 ? ?     ?                     ? 
# 
_entity_name_com.entity_id   1 
_entity_name_com.name        'YCEI periplasmic protein, Protein yceI, periplasmic protein' 
# 
_entity_poly.entity_id                      1 
_entity_poly.type                           'polypeptide(L)' 
_entity_poly.nstd_linkage                   no 
_entity_poly.nstd_monomer                   no 
_entity_poly.pdbx_seq_one_letter_code       
;MKEYTLDKAHTDVGFKIKHLQISNVKGNFKDYSAVIDFDPASAEFKKLDVTIKIASVNTENQTRDNHLQQDDFFKAKKYP
DMTFTMKKYEKIDNEKGKMTGTLTIAGVSKDIVLDAEIGGVAKGKDGKEKIGFSLNGKIKRSDFKFATSTSTITLSDDIN
LCIEVEANEKEGGSHHHHHH
;
_entity_poly.pdbx_seq_one_letter_code_can   
;MKEYTLDKAHTDVGFKIKHLQISNVKGNFKDYSAVIDFDPASAEFKKLDVTIKIASVNTENQTRDNHLQQDDFFKAKKYP
DMTFTMKKYEKIDNEKGKMTGTLTIAGVSKDIVLDAEIGGVAKGKDGKEKIGFSLNGKIKRSDFKFATSTSTITLSDDIN
LCIEVEANEKEGGSHHHHHH
;
_entity_poly.pdbx_strand_id                 A 
_entity_poly.pdbx_target_identifier         ? 
# 
loop_
_pdbx_entity_nonpoly.entity_id 
_pdbx_entity_nonpoly.name 
_pdbx_entity_nonpoly.comp_id 
2 EICOSANE                          LFA 
3 'SULFATE ION'                     SO4 
4 '5-MERCAPTO-2-NITRO-BENZOIC ACID' MNB 
5 water                             HOH 
# 
loop_
_entity_poly_seq.entity_id 
_entity_poly_seq.num 
_entity_poly_seq.mon_id 
_entity_poly_seq.hetero 
1 1   MET n 
1 2   LYS n 
1 3   GLU n 
1 4   TYR n 
1 5   THR n 
1 6   LEU n 
1 7   ASP n 
1 8   LYS n 
1 9   ALA n 
1 10  HIS n 
1 11  THR n 
1 12  ASP n 
1 13  VAL n 
1 14  GLY n 
1 15  PHE n 
1 16  LYS n 
1 17  ILE n 
1 18  LYS n 
1 19  HIS n 
1 20  LEU n 
1 21  GLN n 
1 22  ILE n 
1 23  SER n 
1 24  ASN n 
1 25  VAL n 
1 26  LYS n 
1 27  GLY n 
1 28  ASN n 
1 29  PHE n 
1 30  LYS n 
1 31  ASP n 
1 32  TYR n 
1 33  SER n 
1 34  ALA n 
1 35  VAL n 
1 36  ILE n 
1 37  ASP n 
1 38  PHE n 
1 39  ASP n 
1 40  PRO n 
1 41  ALA n 
1 42  SER n 
1 43  ALA n 
1 44  GLU n 
1 45  PHE n 
1 46  LYS n 
1 47  LYS n 
1 48  LEU n 
1 49  ASP n 
1 50  VAL n 
1 51  THR n 
1 52  ILE n 
1 53  LYS n 
1 54  ILE n 
1 55  ALA n 
1 56  SER n 
1 57  VAL n 
1 58  ASN n 
1 59  THR n 
1 60  GLU n 
1 61  ASN n 
1 62  GLN n 
1 63  THR n 
1 64  ARG n 
1 65  ASP n 
1 66  ASN n 
1 67  HIS n 
1 68  LEU n 
1 69  GLN n 
1 70  GLN n 
1 71  ASP n 
1 72  ASP n 
1 73  PHE n 
1 74  PHE n 
1 75  LYS n 
1 76  ALA n 
1 77  LYS n 
1 78  LYS n 
1 79  TYR n 
1 80  PRO n 
1 81  ASP n 
1 82  MET n 
1 83  THR n 
1 84  PHE n 
1 85  THR n 
1 86  MET n 
1 87  LYS n 
1 88  LYS n 
1 89  TYR n 
1 90  GLU n 
1 91  LYS n 
1 92  ILE n 
1 93  ASP n 
1 94  ASN n 
1 95  GLU n 
1 96  LYS n 
1 97  GLY n 
1 98  LYS n 
1 99  MET n 
1 100 THR n 
1 101 GLY n 
1 102 THR n 
1 103 LEU n 
1 104 THR n 
1 105 ILE n 
1 106 ALA n 
1 107 GLY n 
1 108 VAL n 
1 109 SER n 
1 110 LYS n 
1 111 ASP n 
1 112 ILE n 
1 113 VAL n 
1 114 LEU n 
1 115 ASP n 
1 116 ALA n 
1 117 GLU n 
1 118 ILE n 
1 119 GLY n 
1 120 GLY n 
1 121 VAL n 
1 122 ALA n 
1 123 LYS n 
1 124 GLY n 
1 125 LYS n 
1 126 ASP n 
1 127 GLY n 
1 128 LYS n 
1 129 GLU n 
1 130 LYS n 
1 131 ILE n 
1 132 GLY n 
1 133 PHE n 
1 134 SER n 
1 135 LEU n 
1 136 ASN n 
1 137 GLY n 
1 138 LYS n 
1 139 ILE n 
1 140 LYS n 
1 141 ARG n 
1 142 SER n 
1 143 ASP n 
1 144 PHE n 
1 145 LYS n 
1 146 PHE n 
1 147 ALA n 
1 148 THR n 
1 149 SER n 
1 150 THR n 
1 151 SER n 
1 152 THR n 
1 153 ILE n 
1 154 THR n 
1 155 LEU n 
1 156 SER n 
1 157 ASP n 
1 158 ASP n 
1 159 ILE n 
1 160 ASN n 
1 161 LEU n 
1 162 CYS n 
1 163 ILE n 
1 164 GLU n 
1 165 VAL n 
1 166 GLU n 
1 167 ALA n 
1 168 ASN n 
1 169 GLU n 
1 170 LYS n 
1 171 GLU n 
1 172 GLY n 
1 173 GLY n 
1 174 SER n 
1 175 HIS n 
1 176 HIS n 
1 177 HIS n 
1 178 HIS n 
1 179 HIS n 
1 180 HIS n 
# 
_entity_src_gen.entity_id                          1 
_entity_src_gen.pdbx_src_id                        1 
_entity_src_gen.pdbx_alt_source_flag               sample 
_entity_src_gen.pdbx_seq_type                      'Biological sequence' 
_entity_src_gen.pdbx_beg_seq_num                   1 
_entity_src_gen.pdbx_end_seq_num                   180 
_entity_src_gen.gene_src_common_name               ? 
_entity_src_gen.gene_src_genus                     ? 
_entity_src_gen.pdbx_gene_src_gene                 'A0L11_08945, A0M64_02260, A0M70_03345, AD53_02580' 
_entity_src_gen.gene_src_species                   ? 
_entity_src_gen.gene_src_strain                    ? 
_entity_src_gen.gene_src_tissue                    ? 
_entity_src_gen.gene_src_tissue_fraction           ? 
_entity_src_gen.gene_src_details                   ? 
_entity_src_gen.pdbx_gene_src_fragment             ? 
_entity_src_gen.pdbx_gene_src_scientific_name      'Campylobacter jejuni' 
_entity_src_gen.pdbx_gene_src_ncbi_taxonomy_id     197 
_entity_src_gen.pdbx_gene_src_variant              ? 
_entity_src_gen.pdbx_gene_src_cell_line            ? 
_entity_src_gen.pdbx_gene_src_atcc                 ? 
_entity_src_gen.pdbx_gene_src_organ                ? 
_entity_src_gen.pdbx_gene_src_organelle            ? 
_entity_src_gen.pdbx_gene_src_cell                 ? 
_entity_src_gen.pdbx_gene_src_cellular_location    ? 
_entity_src_gen.host_org_common_name               ? 
_entity_src_gen.pdbx_host_org_scientific_name      'Escherichia coli BL21(DE3)' 
_entity_src_gen.pdbx_host_org_ncbi_taxonomy_id     469008 
_entity_src_gen.host_org_genus                     ? 
_entity_src_gen.pdbx_host_org_gene                 ? 
_entity_src_gen.pdbx_host_org_organ                ? 
_entity_src_gen.host_org_species                   ? 
_entity_src_gen.pdbx_host_org_tissue               ? 
_entity_src_gen.pdbx_host_org_tissue_fraction      ? 
_entity_src_gen.pdbx_host_org_strain               'C41(DE3)' 
_entity_src_gen.pdbx_host_org_variant              ? 
_entity_src_gen.pdbx_host_org_cell_line            ? 
_entity_src_gen.pdbx_host_org_atcc                 ? 
_entity_src_gen.pdbx_host_org_culture_collection   ? 
_entity_src_gen.pdbx_host_org_cell                 ? 
_entity_src_gen.pdbx_host_org_organelle            ? 
_entity_src_gen.pdbx_host_org_cellular_location    ? 
_entity_src_gen.pdbx_host_org_vector_type          plasmid 
_entity_src_gen.pdbx_host_org_vector               ? 
_entity_src_gen.host_org_details                   ? 
_entity_src_gen.expression_system_id               ? 
_entity_src_gen.plasmid_name                       pSB3 
_entity_src_gen.plasmid_details                    ? 
_entity_src_gen.pdbx_description                   ? 
# 
loop_
_chem_comp.id 
_chem_comp.type 
_chem_comp.mon_nstd_flag 
_chem_comp.name 
_chem_comp.pdbx_synonyms 
_chem_comp.formula 
_chem_comp.formula_weight 
ALA 'L-peptide linking' y ALANINE                           ?                'C3 H7 N O2'     89.093  
ARG 'L-peptide linking' y ARGININE                          ?                'C6 H15 N4 O2 1' 175.209 
ASN 'L-peptide linking' y ASPARAGINE                        ?                'C4 H8 N2 O3'    132.118 
ASP 'L-peptide linking' y 'ASPARTIC ACID'                   ?                'C4 H7 N O4'     133.103 
CYS 'L-peptide linking' y CYSTEINE                          ?                'C3 H7 N O2 S'   121.158 
GLN 'L-peptide linking' y GLUTAMINE                         ?                'C5 H10 N2 O3'   146.144 
GLU 'L-peptide linking' y 'GLUTAMIC ACID'                   ?                'C5 H9 N O4'     147.129 
GLY 'peptide linking'   y GLYCINE                           ?                'C2 H5 N O2'     75.067  
HIS 'L-peptide linking' y HISTIDINE                         ?                'C6 H10 N3 O2 1' 156.162 
HOH non-polymer         . WATER                             ?                'H2 O'           18.015  
ILE 'L-peptide linking' y ISOLEUCINE                        ?                'C6 H13 N O2'    131.173 
LEU 'L-peptide linking' y LEUCINE                           ?                'C6 H13 N O2'    131.173 
LFA non-polymer         . EICOSANE                          'LIPID FRAGMENT' 'C20 H42'        282.547 
LYS 'L-peptide linking' y LYSINE                            ?                'C6 H15 N2 O2 1' 147.195 
MET 'L-peptide linking' y METHIONINE                        ?                'C5 H11 N O2 S'  149.211 
MNB non-polymer         . '5-MERCAPTO-2-NITRO-BENZOIC ACID' ?                'C7 H5 N O4 S'   199.184 
PHE 'L-peptide linking' y PHENYLALANINE                     ?                'C9 H11 N O2'    165.189 
PRO 'L-peptide linking' y PROLINE                           ?                'C5 H9 N O2'     115.130 
SER 'L-peptide linking' y SERINE                            ?                'C3 H7 N O3'     105.093 
SO4 non-polymer         . 'SULFATE ION'                     ?                'O4 S -2'        96.063  
THR 'L-peptide linking' y THREONINE                         ?                'C4 H9 N O3'     119.119 
TYR 'L-peptide linking' y TYROSINE                          ?                'C9 H11 N O3'    181.189 
VAL 'L-peptide linking' y VALINE                            ?                'C5 H11 N O2'    117.146 
# 
loop_
_pdbx_poly_seq_scheme.asym_id 
_pdbx_poly_seq_scheme.entity_id 
_pdbx_poly_seq_scheme.seq_id 
_pdbx_poly_seq_scheme.mon_id 
_pdbx_poly_seq_scheme.ndb_seq_num 
_pdbx_poly_seq_scheme.pdb_seq_num 
_pdbx_poly_seq_scheme.auth_seq_num 
_pdbx_poly_seq_scheme.pdb_mon_id 
_pdbx_poly_seq_scheme.auth_mon_id 
_pdbx_poly_seq_scheme.pdb_strand_id 
_pdbx_poly_seq_scheme.pdb_ins_code 
_pdbx_poly_seq_scheme.hetero 
A 1 1   MET 1   21  21  MET MET A . n 
A 1 2   LYS 2   22  22  LYS LYS A . n 
A 1 3   GLU 3   23  23  GLU GLU A . n 
A 1 4   TYR 4   24  24  TYR TYR A . n 
A 1 5   THR 5   25  25  THR THR A . n 
A 1 6   LEU 6   26  26  LEU LEU A . n 
A 1 7   ASP 7   27  27  ASP ASP A . n 
A 1 8   LYS 8   28  28  LYS LYS A . n 
A 1 9   ALA 9   29  29  ALA ALA A . n 
A 1 10  HIS 10  30  30  HIS HIS A . n 
A 1 11  THR 11  31  31  THR THR A . n 
A 1 12  ASP 12  32  32  ASP ASP A . n 
A 1 13  VAL 13  33  33  VAL VAL A . n 
A 1 14  GLY 14  34  34  GLY GLY A . n 
A 1 15  PHE 15  35  35  PHE PHE A . n 
A 1 16  LYS 16  36  36  LYS LYS A . n 
A 1 17  ILE 17  37  37  ILE ILE A . n 
A 1 18  LYS 18  38  38  LYS LYS A . n 
A 1 19  HIS 19  39  39  HIS HIS A . n 
A 1 20  LEU 20  40  40  LEU LEU A . n 
A 1 21  GLN 21  41  41  GLN GLN A . n 
A 1 22  ILE 22  42  42  ILE ILE A . n 
A 1 23  SER 23  43  43  SER SER A . n 
A 1 24  ASN 24  44  44  ASN ASN A . n 
A 1 25  VAL 25  45  45  VAL VAL A . n 
A 1 26  LYS 26  46  46  LYS LYS A . n 
A 1 27  GLY 27  47  47  GLY GLY A . n 
A 1 28  ASN 28  48  48  ASN ASN A . n 
A 1 29  PHE 29  49  49  PHE PHE A . n 
A 1 30  LYS 30  50  50  LYS LYS A . n 
A 1 31  ASP 31  51  51  ASP ASP A . n 
A 1 32  TYR 32  52  52  TYR TYR A . n 
A 1 33  SER 33  53  53  SER SER A . n 
A 1 34  ALA 34  54  54  ALA ALA A . n 
A 1 35  VAL 35  55  55  VAL VAL A . n 
A 1 36  ILE 36  56  56  ILE ILE A . n 
A 1 37  ASP 37  57  57  ASP ASP A . n 
A 1 38  PHE 38  58  58  PHE PHE A . n 
A 1 39  ASP 39  59  59  ASP ASP A . n 
A 1 40  PRO 40  60  60  PRO PRO A . n 
A 1 41  ALA 41  61  61  ALA ALA A . n 
A 1 42  SER 42  62  62  SER SER A . n 
A 1 43  ALA 43  63  63  ALA ALA A . n 
A 1 44  GLU 44  64  64  GLU GLU A . n 
A 1 45  PHE 45  65  65  PHE PHE A . n 
A 1 46  LYS 46  66  66  LYS LYS A . n 
A 1 47  LYS 47  67  67  LYS LYS A . n 
A 1 48  LEU 48  68  68  LEU LEU A . n 
A 1 49  ASP 49  69  69  ASP ASP A . n 
A 1 50  VAL 50  70  70  VAL VAL A . n 
A 1 51  THR 51  71  71  THR THR A . n 
A 1 52  ILE 52  72  72  ILE ILE A . n 
A 1 53  LYS 53  73  73  LYS LYS A . n 
A 1 54  ILE 54  74  74  ILE ILE A . n 
A 1 55  ALA 55  75  75  ALA ALA A . n 
A 1 56  SER 56  76  76  SER SER A . n 
A 1 57  VAL 57  77  77  VAL VAL A . n 
A 1 58  ASN 58  78  78  ASN ASN A . n 
A 1 59  THR 59  79  79  THR THR A . n 
A 1 60  GLU 60  80  80  GLU GLU A . n 
A 1 61  ASN 61  81  81  ASN ASN A . n 
A 1 62  GLN 62  82  82  GLN GLN A . n 
A 1 63  THR 63  83  83  THR THR A . n 
A 1 64  ARG 64  84  84  ARG ARG A . n 
A 1 65  ASP 65  85  85  ASP ASP A . n 
A 1 66  ASN 66  86  86  ASN ASN A . n 
A 1 67  HIS 67  87  87  HIS HIS A . n 
A 1 68  LEU 68  88  88  LEU LEU A . n 
A 1 69  GLN 69  89  89  GLN GLN A . n 
A 1 70  GLN 70  90  90  GLN GLN A . n 
A 1 71  ASP 71  91  91  ASP ASP A . n 
A 1 72  ASP 72  92  92  ASP ASP A . n 
A 1 73  PHE 73  93  93  PHE PHE A . n 
A 1 74  PHE 74  94  94  PHE PHE A . n 
A 1 75  LYS 75  95  95  LYS LYS A . n 
A 1 76  ALA 76  96  96  ALA ALA A . n 
A 1 77  LYS 77  97  97  LYS LYS A . n 
A 1 78  LYS 78  98  98  LYS LYS A . n 
A 1 79  TYR 79  99  99  TYR TYR A . n 
A 1 80  PRO 80  100 100 PRO PRO A . n 
A 1 81  ASP 81  101 101 ASP ASP A . n 
A 1 82  MET 82  102 102 MET MET A . n 
A 1 83  THR 83  103 103 THR THR A . n 
A 1 84  PHE 84  104 104 PHE PHE A . n 
A 1 85  THR 85  105 105 THR THR A . n 
A 1 86  MET 86  106 106 MET MET A . n 
A 1 87  LYS 87  107 107 LYS LYS A . n 
A 1 88  LYS 88  108 108 LYS LYS A . n 
A 1 89  TYR 89  109 109 TYR TYR A . n 
A 1 90  GLU 90  110 110 GLU GLU A . n 
A 1 91  LYS 91  111 111 LYS LYS A . n 
A 1 92  ILE 92  112 112 ILE ILE A . n 
A 1 93  ASP 93  113 113 ASP ASP A . n 
A 1 94  ASN 94  114 114 ASN ASN A . n 
A 1 95  GLU 95  115 115 GLU GLU A . n 
A 1 96  LYS 96  116 116 LYS LYS A . n 
A 1 97  GLY 97  117 117 GLY GLY A . n 
A 1 98  LYS 98  118 118 LYS LYS A . n 
A 1 99  MET 99  119 119 MET MET A . n 
A 1 100 THR 100 120 120 THR THR A . n 
A 1 101 GLY 101 121 121 GLY GLY A . n 
A 1 102 THR 102 122 122 THR THR A . n 
A 1 103 LEU 103 123 123 LEU LEU A . n 
A 1 104 THR 104 124 124 THR THR A . n 
A 1 105 ILE 105 125 125 ILE ILE A . n 
A 1 106 ALA 106 126 126 ALA ALA A . n 
A 1 107 GLY 107 127 127 GLY GLY A . n 
A 1 108 VAL 108 128 128 VAL VAL A . n 
A 1 109 SER 109 129 129 SER SER A . n 
A 1 110 LYS 110 130 130 LYS LYS A . n 
A 1 111 ASP 111 131 131 ASP ASP A . n 
A 1 112 ILE 112 132 132 ILE ILE A . n 
A 1 113 VAL 113 133 133 VAL VAL A . n 
A 1 114 LEU 114 134 134 LEU LEU A . n 
A 1 115 ASP 115 135 135 ASP ASP A . n 
A 1 116 ALA 116 136 136 ALA ALA A . n 
A 1 117 GLU 117 137 137 GLU GLU A . n 
A 1 118 ILE 118 138 138 ILE ILE A . n 
A 1 119 GLY 119 139 139 GLY GLY A . n 
A 1 120 GLY 120 140 140 GLY GLY A . n 
A 1 121 VAL 121 141 141 VAL VAL A . n 
A 1 122 ALA 122 142 142 ALA ALA A . n 
A 1 123 LYS 123 143 143 LYS LYS A . n 
A 1 124 GLY 124 144 144 GLY GLY A . n 
A 1 125 LYS 125 145 145 LYS LYS A . n 
A 1 126 ASP 126 146 146 ASP ASP A . n 
A 1 127 GLY 127 147 147 GLY GLY A . n 
A 1 128 LYS 128 148 148 LYS LYS A . n 
A 1 129 GLU 129 149 149 GLU GLU A . n 
A 1 130 LYS 130 150 150 LYS LYS A . n 
A 1 131 ILE 131 151 151 ILE ILE A . n 
A 1 132 GLY 132 152 152 GLY GLY A . n 
A 1 133 PHE 133 153 153 PHE PHE A . n 
A 1 134 SER 134 154 154 SER SER A . n 
A 1 135 LEU 135 155 155 LEU LEU A . n 
A 1 136 ASN 136 156 156 ASN ASN A . n 
A 1 137 GLY 137 157 157 GLY GLY A . n 
A 1 138 LYS 138 158 158 LYS LYS A . n 
A 1 139 ILE 139 159 159 ILE ILE A . n 
A 1 140 LYS 140 160 160 LYS LYS A . n 
A 1 141 ARG 141 161 161 ARG ARG A . n 
A 1 142 SER 142 162 162 SER SER A . n 
A 1 143 ASP 143 163 163 ASP ASP A . n 
A 1 144 PHE 144 164 164 PHE PHE A . n 
A 1 145 LYS 145 165 165 LYS LYS A . n 
A 1 146 PHE 146 166 166 PHE PHE A . n 
A 1 147 ALA 147 167 167 ALA ALA A . n 
A 1 148 THR 148 168 168 THR THR A . n 
A 1 149 SER 149 169 169 SER SER A . n 
A 1 150 THR 150 170 170 THR THR A . n 
A 1 151 SER 151 171 171 SER SER A . n 
A 1 152 THR 152 172 172 THR THR A . n 
A 1 153 ILE 153 173 173 ILE ILE A . n 
A 1 154 THR 154 174 174 THR THR A . n 
A 1 155 LEU 155 175 175 LEU LEU A . n 
A 1 156 SER 156 176 176 SER SER A . n 
A 1 157 ASP 157 177 177 ASP ASP A . n 
A 1 158 ASP 158 178 178 ASP ASP A . n 
A 1 159 ILE 159 179 179 ILE ILE A . n 
A 1 160 ASN 160 180 180 ASN ASN A . n 
A 1 161 LEU 161 181 181 LEU LEU A . n 
A 1 162 CYS 162 182 182 CYS CYS A . n 
A 1 163 ILE 163 183 183 ILE ILE A . n 
A 1 164 GLU 164 184 184 GLU GLU A . n 
A 1 165 VAL 165 185 185 VAL VAL A . n 
A 1 166 GLU 166 186 186 GLU GLU A . n 
A 1 167 ALA 167 187 187 ALA ALA A . n 
A 1 168 ASN 168 188 188 ASN ASN A . n 
A 1 169 GLU 169 189 189 GLU GLU A . n 
A 1 170 LYS 170 190 190 LYS LYS A . n 
A 1 171 GLU 171 191 191 GLU GLU A . n 
A 1 172 GLY 172 192 ?   ?   ?   A . n 
A 1 173 GLY 173 193 ?   ?   ?   A . n 
A 1 174 SER 174 194 ?   ?   ?   A . n 
A 1 175 HIS 175 195 ?   ?   ?   A . n 
A 1 176 HIS 176 196 ?   ?   ?   A . n 
A 1 177 HIS 177 197 ?   ?   ?   A . n 
A 1 178 HIS 178 198 ?   ?   ?   A . n 
A 1 179 HIS 179 199 ?   ?   ?   A . n 
A 1 180 HIS 180 200 ?   ?   ?   A . n 
# 
loop_
_pdbx_nonpoly_scheme.asym_id 
_pdbx_nonpoly_scheme.entity_id 
_pdbx_nonpoly_scheme.mon_id 
_pdbx_nonpoly_scheme.ndb_seq_num 
_pdbx_nonpoly_scheme.pdb_seq_num 
_pdbx_nonpoly_scheme.auth_seq_num 
_pdbx_nonpoly_scheme.pdb_mon_id 
_pdbx_nonpoly_scheme.auth_mon_id 
_pdbx_nonpoly_scheme.pdb_strand_id 
_pdbx_nonpoly_scheme.pdb_ins_code 
B 2 LFA 1  301 1  LFA LFA A . 
C 3 SO4 1  302 1  SO4 SO4 A . 
D 3 SO4 1  303 2  SO4 SO4 A . 
E 4 MNB 1  304 1  MNB MNB A . 
F 5 HOH 1  401 25 HOH HOH A . 
F 5 HOH 2  402 17 HOH HOH A . 
F 5 HOH 3  403 1  HOH HOH A . 
F 5 HOH 4  404 19 HOH HOH A . 
F 5 HOH 5  405 12 HOH HOH A . 
F 5 HOH 6  406 7  HOH HOH A . 
F 5 HOH 7  407 22 HOH HOH A . 
F 5 HOH 8  408 26 HOH HOH A . 
F 5 HOH 9  409 14 HOH HOH A . 
F 5 HOH 10 410 10 HOH HOH A . 
F 5 HOH 11 411 4  HOH HOH A . 
F 5 HOH 12 412 5  HOH HOH A . 
F 5 HOH 13 413 11 HOH HOH A . 
F 5 HOH 14 414 27 HOH HOH A . 
F 5 HOH 15 415 2  HOH HOH A . 
F 5 HOH 16 416 18 HOH HOH A . 
F 5 HOH 17 417 8  HOH HOH A . 
F 5 HOH 18 418 3  HOH HOH A . 
F 5 HOH 19 419 9  HOH HOH A . 
F 5 HOH 20 420 15 HOH HOH A . 
F 5 HOH 21 421 20 HOH HOH A . 
F 5 HOH 22 422 21 HOH HOH A . 
# 
loop_
_pdbx_unobs_or_zero_occ_atoms.id 
_pdbx_unobs_or_zero_occ_atoms.PDB_model_num 
_pdbx_unobs_or_zero_occ_atoms.polymer_flag 
_pdbx_unobs_or_zero_occ_atoms.occupancy_flag 
_pdbx_unobs_or_zero_occ_atoms.auth_asym_id 
_pdbx_unobs_or_zero_occ_atoms.auth_comp_id 
_pdbx_unobs_or_zero_occ_atoms.auth_seq_id 
_pdbx_unobs_or_zero_occ_atoms.PDB_ins_code 
_pdbx_unobs_or_zero_occ_atoms.auth_atom_id 
_pdbx_unobs_or_zero_occ_atoms.label_alt_id 
_pdbx_unobs_or_zero_occ_atoms.label_asym_id 
_pdbx_unobs_or_zero_occ_atoms.label_comp_id 
_pdbx_unobs_or_zero_occ_atoms.label_seq_id 
_pdbx_unobs_or_zero_occ_atoms.label_atom_id 
1  1 Y 1 A LYS 46  ? CG  ? A LYS 26  CG  
2  1 Y 1 A LYS 46  ? CD  ? A LYS 26  CD  
3  1 Y 1 A LYS 46  ? CE  ? A LYS 26  CE  
4  1 Y 1 A LYS 46  ? NZ  ? A LYS 26  NZ  
5  1 Y 1 A LYS 50  ? CG  ? A LYS 30  CG  
6  1 Y 1 A LYS 50  ? CD  ? A LYS 30  CD  
7  1 Y 1 A LYS 50  ? CE  ? A LYS 30  CE  
8  1 Y 1 A LYS 50  ? NZ  ? A LYS 30  NZ  
9  1 Y 1 A GLN 82  ? CG  ? A GLN 62  CG  
10 1 Y 1 A GLN 82  ? CD  ? A GLN 62  CD  
11 1 Y 1 A GLN 82  ? OE1 ? A GLN 62  OE1 
12 1 Y 1 A GLN 82  ? NE2 ? A GLN 62  NE2 
13 1 Y 1 A LYS 97  ? CG  ? A LYS 77  CG  
14 1 Y 1 A LYS 97  ? CD  ? A LYS 77  CD  
15 1 Y 1 A LYS 97  ? CE  ? A LYS 77  CE  
16 1 Y 1 A LYS 97  ? NZ  ? A LYS 77  NZ  
17 1 Y 1 A LYS 158 ? CG  ? A LYS 138 CG  
18 1 Y 1 A LYS 158 ? CD  ? A LYS 138 CD  
19 1 Y 1 A LYS 158 ? CE  ? A LYS 138 CE  
20 1 Y 1 A LYS 158 ? NZ  ? A LYS 138 NZ  
21 1 Y 1 A GLU 186 ? CG  ? A GLU 166 CG  
22 1 Y 1 A GLU 186 ? CD  ? A GLU 166 CD  
23 1 Y 1 A GLU 186 ? OE1 ? A GLU 166 OE1 
24 1 Y 1 A GLU 186 ? OE2 ? A GLU 166 OE2 
25 1 Y 1 A GLU 191 ? CG  ? A GLU 171 CG  
26 1 Y 1 A GLU 191 ? CD  ? A GLU 171 CD  
27 1 Y 1 A GLU 191 ? OE1 ? A GLU 171 OE1 
28 1 Y 1 A GLU 191 ? OE2 ? A GLU 171 OE2 
29 1 N 1 A LFA 301 ? C18 ? B LFA 1   C18 
30 1 N 1 A LFA 301 ? C19 ? B LFA 1   C19 
31 1 N 1 A LFA 301 ? C20 ? B LFA 1   C20 
# 
loop_
_software.citation_id 
_software.classification 
_software.compiler_name 
_software.compiler_version 
_software.contact_author 
_software.contact_author_email 
_software.date 
_software.description 
_software.dependencies 
_software.hardware 
_software.language 
_software.location 
_software.mods 
_software.name 
_software.os 
_software.os_version 
_software.type 
_software.version 
_software.pdbx_ordinal 
? 'data scaling'    ? ? ? ? ? ? ? ? ? ? ? SCALA       ? ? ? 3.3.22   1 
? refinement        ? ? ? ? ? ? ? ? ? ? ? REFMAC      ? ? ? 5.8.0158 2 
? 'data extraction' ? ? ? ? ? ? ? ? ? ? ? PDB_EXTRACT ? ? ? 3.22     3 
? 'data reduction'  ? ? ? ? ? ? ? ? ? ? ? XDS         ? ? ? 20161101 4 
? phasing           ? ? ? ? ? ? ? ? ? ? ? REFMAC      ? ? ? 5.8.0158 5 
# 
_cell.angle_alpha                  90.000 
_cell.angle_alpha_esd              ? 
_cell.angle_beta                   90.000 
_cell.angle_beta_esd               ? 
_cell.angle_gamma                  120.000 
_cell.angle_gamma_esd              ? 
_cell.entry_id                     5W3A 
_cell.details                      ? 
_cell.formula_units_Z              ? 
_cell.length_a                     180.329 
_cell.length_a_esd                 ? 
_cell.length_b                     180.329 
_cell.length_b_esd                 ? 
_cell.length_c                     50.566 
_cell.length_c_esd                 ? 
_cell.volume                       ? 
_cell.volume_esd                   ? 
_cell.Z_PDB                        12 
_cell.reciprocal_angle_alpha       ? 
_cell.reciprocal_angle_beta        ? 
_cell.reciprocal_angle_gamma       ? 
_cell.reciprocal_angle_alpha_esd   ? 
_cell.reciprocal_angle_beta_esd    ? 
_cell.reciprocal_angle_gamma_esd   ? 
_cell.reciprocal_length_a          ? 
_cell.reciprocal_length_b          ? 
_cell.reciprocal_length_c          ? 
_cell.reciprocal_length_a_esd      ? 
_cell.reciprocal_length_b_esd      ? 
_cell.reciprocal_length_c_esd      ? 
_cell.pdbx_unique_axis             ? 
# 
_symmetry.entry_id                         5W3A 
_symmetry.cell_setting                     ? 
_symmetry.Int_Tables_number                177 
_symmetry.space_group_name_Hall            ? 
_symmetry.space_group_name_H-M             'P 6 2 2' 
_symmetry.pdbx_full_space_group_name_H-M   ? 
# 
_exptl.absorpt_coefficient_mu     ? 
_exptl.absorpt_correction_T_max   ? 
_exptl.absorpt_correction_T_min   ? 
_exptl.absorpt_correction_type    ? 
_exptl.absorpt_process_details    ? 
_exptl.entry_id                   5W3A 
_exptl.crystals_number            1 
_exptl.details                    ? 
_exptl.method                     'X-RAY DIFFRACTION' 
_exptl.method_details             ? 
# 
_exptl_crystal.colour                      ? 
_exptl_crystal.density_diffrn              ? 
_exptl_crystal.density_Matthews            5.88 
_exptl_crystal.density_method              ? 
_exptl_crystal.density_percent_sol         79.07 
_exptl_crystal.description                 ? 
_exptl_crystal.F_000                       ? 
_exptl_crystal.id                          1 
_exptl_crystal.preparation                 ? 
_exptl_crystal.size_max                    ? 
_exptl_crystal.size_mid                    ? 
_exptl_crystal.size_min                    ? 
_exptl_crystal.size_rad                    ? 
_exptl_crystal.colour_lustre               ? 
_exptl_crystal.colour_modifier             ? 
_exptl_crystal.colour_primary              ? 
_exptl_crystal.density_meas                ? 
_exptl_crystal.density_meas_esd            ? 
_exptl_crystal.density_meas_gt             ? 
_exptl_crystal.density_meas_lt             ? 
_exptl_crystal.density_meas_temp           ? 
_exptl_crystal.density_meas_temp_esd       ? 
_exptl_crystal.density_meas_temp_gt        ? 
_exptl_crystal.density_meas_temp_lt        ? 
_exptl_crystal.pdbx_crystal_image_url      ? 
_exptl_crystal.pdbx_crystal_image_format   ? 
_exptl_crystal.pdbx_mosaicity              0.170 
_exptl_crystal.pdbx_mosaicity_esd          ? 
# 
_exptl_crystal_grow.apparatus       ? 
_exptl_crystal_grow.atmosphere      ? 
_exptl_crystal_grow.crystal_id      1 
_exptl_crystal_grow.details         ? 
_exptl_crystal_grow.method          'VAPOR DIFFUSION, SITTING DROP' 
_exptl_crystal_grow.method_ref      ? 
_exptl_crystal_grow.pH              6.0 
_exptl_crystal_grow.pressure        ? 
_exptl_crystal_grow.pressure_esd    ? 
_exptl_crystal_grow.seeding         ? 
_exptl_crystal_grow.seeding_ref     ? 
_exptl_crystal_grow.temp            293 
_exptl_crystal_grow.temp_details    ? 
_exptl_crystal_grow.temp_esd        ? 
_exptl_crystal_grow.time            ? 
_exptl_crystal_grow.pdbx_details    '3.2 M ammonium sulfate, 0.1 M Bis-Tris' 
_exptl_crystal_grow.pdbx_pH_range   ? 
# 
_diffrn.ambient_environment    ? 
_diffrn.ambient_temp           100 
_diffrn.ambient_temp_details   ? 
_diffrn.ambient_temp_esd       ? 
_diffrn.crystal_id             1 
_diffrn.crystal_support        ? 
_diffrn.crystal_treatment      ? 
_diffrn.details                ? 
_diffrn.id                     1 
_diffrn.ambient_pressure       ? 
_diffrn.ambient_pressure_esd   ? 
_diffrn.ambient_pressure_gt    ? 
_diffrn.ambient_pressure_lt    ? 
_diffrn.ambient_temp_gt        ? 
_diffrn.ambient_temp_lt        ? 
# 
_diffrn_detector.details                      ? 
_diffrn_detector.detector                     PIXEL 
_diffrn_detector.diffrn_id                    1 
_diffrn_detector.type                         'DECTRIS PILATUS 200K' 
_diffrn_detector.area_resol_mean              ? 
_diffrn_detector.dtime                        ? 
_diffrn_detector.pdbx_frames_total            ? 
_diffrn_detector.pdbx_collection_time_total   ? 
_diffrn_detector.pdbx_collection_date         2017-04-30 
# 
_diffrn_radiation.collimation                      ? 
_diffrn_radiation.diffrn_id                        1 
_diffrn_radiation.filter_edge                      ? 
_diffrn_radiation.inhomogeneity                    ? 
_diffrn_radiation.monochromator                    'Si (111) double crystal' 
_diffrn_radiation.polarisn_norm                    ? 
_diffrn_radiation.polarisn_ratio                   ? 
_diffrn_radiation.probe                            ? 
_diffrn_radiation.type                             ? 
_diffrn_radiation.xray_symbol                      ? 
_diffrn_radiation.wavelength_id                    1 
_diffrn_radiation.pdbx_monochromatic_or_laue_m_l   M 
_diffrn_radiation.pdbx_wavelength_list             ? 
_diffrn_radiation.pdbx_wavelength                  ? 
_diffrn_radiation.pdbx_diffrn_protocol             'SINGLE WAVELENGTH' 
_diffrn_radiation.pdbx_analyzer                    ? 
_diffrn_radiation.pdbx_scattering_type             x-ray 
# 
_diffrn_radiation_wavelength.id           1 
_diffrn_radiation_wavelength.wavelength   1.54187 
_diffrn_radiation_wavelength.wt           1.0 
# 
_diffrn_source.current                     ? 
_diffrn_source.details                     ? 
_diffrn_source.diffrn_id                   1 
_diffrn_source.power                       ? 
_diffrn_source.size                        ? 
_diffrn_source.source                      'ROTATING ANODE' 
_diffrn_source.target                      ? 
_diffrn_source.type                        RIGAKU 
_diffrn_source.voltage                     ? 
_diffrn_source.take-off_angle              ? 
_diffrn_source.pdbx_wavelength_list        1.54187 
_diffrn_source.pdbx_wavelength             ? 
_diffrn_source.pdbx_synchrotron_beamline   ? 
_diffrn_source.pdbx_synchrotron_site       ? 
# 
_reflns.B_iso_Wilson_estimate            ? 
_reflns.entry_id                         5W3A 
_reflns.data_reduction_details           ? 
_reflns.data_reduction_method            ? 
_reflns.d_resolution_high                2.760 
_reflns.d_resolution_low                 45.082 
_reflns.details                          ? 
_reflns.limit_h_max                      ? 
_reflns.limit_h_min                      ? 
_reflns.limit_k_max                      ? 
_reflns.limit_k_min                      ? 
_reflns.limit_l_max                      ? 
_reflns.limit_l_min                      ? 
_reflns.number_all                       12968 
_reflns.number_obs                       12968 
_reflns.observed_criterion               ? 
_reflns.observed_criterion_F_max         ? 
_reflns.observed_criterion_F_min         ? 
_reflns.observed_criterion_I_max         ? 
_reflns.observed_criterion_I_min         ? 
_reflns.observed_criterion_sigma_F       ? 
_reflns.observed_criterion_sigma_I       ? 
_reflns.percent_possible_obs             100.000 
_reflns.R_free_details                   ? 
_reflns.Rmerge_F_all                     ? 
_reflns.Rmerge_F_obs                     ? 
_reflns.Friedel_coverage                 ? 
_reflns.number_gt                        ? 
_reflns.threshold_expression             ? 
_reflns.pdbx_redundancy                  17.200 
_reflns.pdbx_Rmerge_I_obs                ? 
_reflns.pdbx_Rmerge_I_all                ? 
_reflns.pdbx_Rsym_value                  0.327 
_reflns.pdbx_netI_over_av_sigmaI         2.300 
_reflns.pdbx_netI_over_sigmaI            9.000 
_reflns.pdbx_res_netI_over_av_sigmaI_2   ? 
_reflns.pdbx_res_netI_over_sigmaI_2      ? 
_reflns.pdbx_chi_squared                 ? 
_reflns.pdbx_scaling_rejects             ? 
_reflns.pdbx_d_res_high_opt              ? 
_reflns.pdbx_d_res_low_opt               ? 
_reflns.pdbx_d_res_opt_method            ? 
_reflns.phase_calculation_details        ? 
_reflns.pdbx_Rrim_I_all                  0.337 
_reflns.pdbx_Rpim_I_all                  0.080 
_reflns.pdbx_d_opt                       ? 
_reflns.pdbx_number_measured_all         222910 
_reflns.pdbx_diffrn_id                   1 
_reflns.pdbx_ordinal                     1 
_reflns.pdbx_CC_half                     ? 
_reflns.pdbx_R_split                     ? 
# 
loop_
_reflns_shell.d_res_high 
_reflns_shell.d_res_low 
_reflns_shell.meanI_over_sigI_all 
_reflns_shell.meanI_over_sigI_obs 
_reflns_shell.number_measured_all 
_reflns_shell.number_measured_obs 
_reflns_shell.number_possible 
_reflns_shell.number_unique_all 
_reflns_shell.number_unique_obs 
_reflns_shell.percent_possible_all 
_reflns_shell.percent_possible_obs 
_reflns_shell.Rmerge_F_all 
_reflns_shell.Rmerge_F_obs 
_reflns_shell.Rmerge_I_all 
_reflns_shell.Rmerge_I_obs 
_reflns_shell.meanI_over_sigI_gt 
_reflns_shell.meanI_over_uI_all 
_reflns_shell.meanI_over_uI_gt 
_reflns_shell.number_measured_gt 
_reflns_shell.number_unique_gt 
_reflns_shell.percent_possible_gt 
_reflns_shell.Rmerge_F_gt 
_reflns_shell.Rmerge_I_gt 
_reflns_shell.pdbx_redundancy 
_reflns_shell.pdbx_Rsym_value 
_reflns_shell.pdbx_chi_squared 
_reflns_shell.pdbx_netI_over_sigmaI_all 
_reflns_shell.pdbx_netI_over_sigmaI_obs 
_reflns_shell.pdbx_Rrim_I_all 
_reflns_shell.pdbx_Rpim_I_all 
_reflns_shell.pdbx_rejects 
_reflns_shell.pdbx_ordinal 
_reflns_shell.pdbx_diffrn_id 
_reflns_shell.pdbx_CC_half 
_reflns_shell.pdbx_R_split 
2.760 2.910  ? 0.300  ? ? ? ? ? 100.000 ? ? ? ? 2.370 ? ? ? ? ? ? ? ? 9.400  2.370 ? ? ? 2.507 0.805 ? 1  1 ? ? 
2.910 3.090  ? 0.500  ? ? ? ? ? 100.000 ? ? ? ? 1.547 ? ? ? ? ? ? ? ? 16.800 1.547 ? ? ? 1.595 0.386 ? 2  1 ? ? 
3.090 3.300  ? 0.900  ? ? ? ? ? 100.000 ? ? ? ? 0.908 ? ? ? ? ? ? ? ? 18.500 0.908 ? ? ? 0.934 0.215 ? 3  1 ? ? 
3.300 3.560  ? 1.400  ? ? ? ? ? 100.000 ? ? ? ? 0.545 ? ? ? ? ? ? ? ? 19.000 0.545 ? ? ? 0.560 0.128 ? 4  1 ? ? 
3.560 3.900  ? 2.100  ? ? ? ? ? 100.000 ? ? ? ? 0.368 ? ? ? ? ? ? ? ? 19.800 0.368 ? ? ? 0.378 0.085 ? 5  1 ? ? 
3.900 4.360  ? 3.400  ? ? ? ? ? 100.000 ? ? ? ? 0.218 ? ? ? ? ? ? ? ? 19.900 0.218 ? ? ? 0.224 0.050 ? 6  1 ? ? 
4.360 5.040  ? 4.500  ? ? ? ? ? 100.000 ? ? ? ? 0.160 ? ? ? ? ? ? ? ? 19.300 0.160 ? ? ? 0.164 0.037 ? 7  1 ? ? 
5.040 6.170  ? 4.000  ? ? ? ? ? 100.000 ? ? ? ? 0.185 ? ? ? ? ? ? ? ? 19.000 0.185 ? ? ? 0.191 0.044 ? 8  1 ? ? 
6.170 8.730  ? 4.900  ? ? ? ? ? 100.000 ? ? ? ? 0.150 ? ? ? ? ? ? ? ? 17.700 0.150 ? ? ? 0.154 0.036 ? 9  1 ? ? 
8.730 45.082 ? 12.100 ? ? ? ? ? 99.100  ? ? ? ? 0.053 ? ? ? ? ? ? ? ? 13.700 0.053 ? ? ? 0.056 0.015 ? 10 1 ? ? 
# 
_refine.aniso_B[1][1]                            1.1700 
_refine.aniso_B[1][2]                            0.5800 
_refine.aniso_B[1][3]                            0.0000 
_refine.aniso_B[2][2]                            1.1700 
_refine.aniso_B[2][3]                            -0.0000 
_refine.aniso_B[3][3]                            -3.7800 
_refine.B_iso_max                                136.020 
_refine.B_iso_mean                               52.8850 
_refine.B_iso_min                                20.930 
_refine.correlation_coeff_Fo_to_Fc               0.9240 
_refine.correlation_coeff_Fo_to_Fc_free          0.8990 
_refine.details                                  'U VALUES      : REFINED INDIVIDUALLY' 
_refine.diff_density_max                         ? 
_refine.diff_density_max_esd                     ? 
_refine.diff_density_min                         ? 
_refine.diff_density_min_esd                     ? 
_refine.diff_density_rms                         ? 
_refine.diff_density_rms_esd                     ? 
_refine.entry_id                                 5W3A 
_refine.pdbx_refine_id                           'X-RAY DIFFRACTION' 
_refine.ls_abs_structure_details                 ? 
_refine.ls_abs_structure_Flack                   ? 
_refine.ls_abs_structure_Flack_esd               ? 
_refine.ls_abs_structure_Rogers                  ? 
_refine.ls_abs_structure_Rogers_esd              ? 
_refine.ls_d_res_high                            2.7600 
_refine.ls_d_res_low                             44.1000 
_refine.ls_extinction_coef                       ? 
_refine.ls_extinction_coef_esd                   ? 
_refine.ls_extinction_expression                 ? 
_refine.ls_extinction_method                     ? 
_refine.ls_goodness_of_fit_all                   ? 
_refine.ls_goodness_of_fit_all_esd               ? 
_refine.ls_goodness_of_fit_obs                   ? 
_refine.ls_goodness_of_fit_obs_esd               ? 
_refine.ls_hydrogen_treatment                    ? 
_refine.ls_matrix_type                           ? 
_refine.ls_number_constraints                    ? 
_refine.ls_number_parameters                     ? 
_refine.ls_number_reflns_all                     ? 
_refine.ls_number_reflns_obs                     12299 
_refine.ls_number_reflns_R_free                  658 
_refine.ls_number_reflns_R_work                  ? 
_refine.ls_number_restraints                     ? 
_refine.ls_percent_reflns_obs                    99.8400 
_refine.ls_percent_reflns_R_free                 5.1000 
_refine.ls_R_factor_all                          ? 
_refine.ls_R_factor_obs                          0.2390 
_refine.ls_R_factor_R_free                       0.2746 
_refine.ls_R_factor_R_free_error                 ? 
_refine.ls_R_factor_R_free_error_details         ? 
_refine.ls_R_factor_R_work                       0.2371 
_refine.ls_R_Fsqd_factor_obs                     ? 
_refine.ls_R_I_factor_obs                        ? 
_refine.ls_redundancy_reflns_all                 ? 
_refine.ls_redundancy_reflns_obs                 ? 
_refine.ls_restrained_S_all                      ? 
_refine.ls_restrained_S_obs                      ? 
_refine.ls_shift_over_esd_max                    ? 
_refine.ls_shift_over_esd_mean                   ? 
_refine.ls_structure_factor_coef                 ? 
_refine.ls_weighting_details                     ? 
_refine.ls_weighting_scheme                      ? 
_refine.ls_wR_factor_all                         ? 
_refine.ls_wR_factor_obs                         ? 
_refine.ls_wR_factor_R_free                      ? 
_refine.ls_wR_factor_R_work                      ? 
_refine.occupancy_max                            ? 
_refine.occupancy_min                            ? 
_refine.solvent_model_details                    ? 
_refine.solvent_model_param_bsol                 ? 
_refine.solvent_model_param_ksol                 ? 
_refine.ls_R_factor_gt                           ? 
_refine.ls_goodness_of_fit_gt                    ? 
_refine.ls_goodness_of_fit_ref                   ? 
_refine.ls_shift_over_su_max                     ? 
_refine.ls_shift_over_su_max_lt                  ? 
_refine.ls_shift_over_su_mean                    ? 
_refine.ls_shift_over_su_mean_lt                 ? 
_refine.pdbx_ls_sigma_I                          ? 
_refine.pdbx_ls_sigma_F                          0.000 
_refine.pdbx_ls_sigma_Fsqd                       ? 
_refine.pdbx_data_cutoff_high_absF               ? 
_refine.pdbx_data_cutoff_high_rms_absF           ? 
_refine.pdbx_data_cutoff_low_absF                ? 
_refine.pdbx_isotropic_thermal_model             ? 
_refine.pdbx_ls_cross_valid_method               THROUGHOUT 
_refine.pdbx_method_to_determine_struct          'MOLECULAR REPLACEMENT' 
_refine.pdbx_starting_model                      'PDB entry 5W37' 
_refine.pdbx_stereochemistry_target_values       ? 
_refine.pdbx_R_Free_selection_details            RANDOM 
_refine.pdbx_stereochem_target_val_spec_case     ? 
_refine.pdbx_overall_ESU_R                       0.3000 
_refine.pdbx_overall_ESU_R_Free                  0.2580 
_refine.pdbx_solvent_vdw_probe_radii             1.2000 
_refine.pdbx_solvent_ion_probe_radii             0.8000 
_refine.pdbx_solvent_shrinkage_radii             0.8000 
_refine.pdbx_real_space_R                        ? 
_refine.pdbx_density_correlation                 ? 
_refine.pdbx_pd_number_of_powder_patterns        ? 
_refine.pdbx_pd_number_of_points                 ? 
_refine.pdbx_pd_meas_number_of_points            ? 
_refine.pdbx_pd_proc_ls_prof_R_factor            ? 
_refine.pdbx_pd_proc_ls_prof_wR_factor           ? 
_refine.pdbx_pd_Marquardt_correlation_coeff      ? 
_refine.pdbx_pd_Fsqrd_R_factor                   ? 
_refine.pdbx_pd_ls_matrix_band_width             ? 
_refine.pdbx_overall_phase_error                 ? 
_refine.pdbx_overall_SU_R_free_Cruickshank_DPI   ? 
_refine.pdbx_overall_SU_R_free_Blow_DPI          ? 
_refine.pdbx_overall_SU_R_Blow_DPI               ? 
_refine.pdbx_TLS_residual_ADP_flag               ? 
_refine.pdbx_diffrn_id                           1 
_refine.overall_SU_B                             12.7160 
_refine.overall_SU_ML                            0.2210 
_refine.overall_SU_R_Cruickshank_DPI             ? 
_refine.overall_SU_R_free                        ? 
_refine.overall_FOM_free_R_set                   ? 
_refine.overall_FOM_work_R_set                   ? 
_refine.pdbx_average_fsc_overall                 ? 
_refine.pdbx_average_fsc_work                    ? 
_refine.pdbx_average_fsc_free                    ? 
# 
_refine_hist.cycle_id                         final 
_refine_hist.pdbx_refine_id                   'X-RAY DIFFRACTION' 
_refine_hist.d_res_high                       2.7600 
_refine_hist.d_res_low                        44.1000 
_refine_hist.pdbx_number_atoms_ligand         40 
_refine_hist.number_atoms_solvent             22 
_refine_hist.number_atoms_total               1377 
_refine_hist.pdbx_number_residues_total       171 
_refine_hist.pdbx_B_iso_mean_ligand           74.70 
_refine_hist.pdbx_B_iso_mean_solvent          40.14 
_refine_hist.pdbx_number_atoms_protein        1315 
_refine_hist.pdbx_number_atoms_nucleic_acid   0 
# 
loop_
_refine_ls_restr.pdbx_refine_id 
_refine_ls_restr.criterion 
_refine_ls_restr.dev_ideal 
_refine_ls_restr.dev_ideal_target 
_refine_ls_restr.number 
_refine_ls_restr.rejects 
_refine_ls_restr.type 
_refine_ls_restr.weight 
_refine_ls_restr.pdbx_restraint_function 
'X-RAY DIFFRACTION' ? 0.013  0.019  1371 ? r_bond_refined_d       ? ? 
'X-RAY DIFFRACTION' ? 1.770  1.983  1835 ? r_angle_refined_deg    ? ? 
'X-RAY DIFFRACTION' ? 7.200  5.000  170  ? r_dihedral_angle_1_deg ? ? 
'X-RAY DIFFRACTION' ? 38.628 26.316 57   ? r_dihedral_angle_2_deg ? ? 
'X-RAY DIFFRACTION' ? 18.661 15.000 253  ? r_dihedral_angle_3_deg ? ? 
'X-RAY DIFFRACTION' ? 31.061 15.000 2    ? r_dihedral_angle_4_deg ? ? 
'X-RAY DIFFRACTION' ? 0.114  0.200  208  ? r_chiral_restr         ? ? 
'X-RAY DIFFRACTION' ? 0.006  0.020  987  ? r_gen_planes_refined   ? ? 
# 
_refine_ls_shell.pdbx_refine_id                   'X-RAY DIFFRACTION' 
_refine_ls_shell.d_res_high                       2.7600 
_refine_ls_shell.d_res_low                        2.8310 
_refine_ls_shell.number_reflns_all                934 
_refine_ls_shell.number_reflns_obs                ? 
_refine_ls_shell.number_reflns_R_free             46 
_refine_ls_shell.number_reflns_R_work             888 
_refine_ls_shell.percent_reflns_obs               100.0000 
_refine_ls_shell.percent_reflns_R_free            ? 
_refine_ls_shell.R_factor_all                     ? 
_refine_ls_shell.R_factor_obs                     ? 
_refine_ls_shell.R_factor_R_free                  0.5060 
_refine_ls_shell.R_factor_R_free_error            0.0000 
_refine_ls_shell.R_factor_R_work                  0.3860 
_refine_ls_shell.redundancy_reflns_all            ? 
_refine_ls_shell.redundancy_reflns_obs            ? 
_refine_ls_shell.wR_factor_all                    ? 
_refine_ls_shell.wR_factor_obs                    ? 
_refine_ls_shell.wR_factor_R_free                 ? 
_refine_ls_shell.wR_factor_R_work                 ? 
_refine_ls_shell.pdbx_total_number_of_bins_used   20 
_refine_ls_shell.pdbx_phase_error                 ? 
_refine_ls_shell.pdbx_fsc_work                    ? 
_refine_ls_shell.pdbx_fsc_free                    ? 
# 
_struct.entry_id                     5W3A 
_struct.title                        
'Crystal structure of mutant CJ YCEI protein (CJ-N182C) with 5-mercapto-2-nitrobenzoic acid guest structure' 
_struct.pdbx_model_details           ? 
_struct.pdbx_formula_weight          ? 
_struct.pdbx_formula_weight_method   ? 
_struct.pdbx_model_type_details      ? 
_struct.pdbx_CASP_flag               N 
# 
_struct_keywords.entry_id        5W3A 
_struct_keywords.text            'nanotechnology, nanoporous, UNKNOWN FUNCTION' 
_struct_keywords.pdbx_keywords   'UNKNOWN FUNCTION' 
# 
loop_
_struct_asym.id 
_struct_asym.pdbx_blank_PDB_chainid_flag 
_struct_asym.pdbx_modified 
_struct_asym.entity_id 
_struct_asym.details 
A N N 1 ? 
B N N 2 ? 
C N N 3 ? 
D N N 3 ? 
E N N 4 ? 
F N N 5 ? 
# 
_struct_ref.id                         1 
_struct_ref.db_name                    UNP 
_struct_ref.db_code                    Q79JB5_CAMJU 
_struct_ref.pdbx_db_accession          Q79JB5 
_struct_ref.pdbx_db_isoform            ? 
_struct_ref.entity_id                  1 
_struct_ref.pdbx_seq_one_letter_code   
;KEYTLDKAHTDVGFKIKHLQISNVKGNFKDYSAVIDFDPASAEFKKLDVTIKIASVNTENQTRDNHLQQDDFFKAKKYPD
MTFTMKKYEKIDNEKGKMTGTLTIAGVSKDIVLDAEIGGVAKGKDGKEKIGFSLNGKIKRSDFKFATSTSTITLSDDINL
NIEVEANEK
;
_struct_ref.pdbx_align_begin           22 
# 
_struct_ref_seq.align_id                      1 
_struct_ref_seq.ref_id                        1 
_struct_ref_seq.pdbx_PDB_id_code              5W3A 
_struct_ref_seq.pdbx_strand_id                A 
_struct_ref_seq.seq_align_beg                 2 
_struct_ref_seq.pdbx_seq_align_beg_ins_code   ? 
_struct_ref_seq.seq_align_end                 170 
_struct_ref_seq.pdbx_seq_align_end_ins_code   ? 
_struct_ref_seq.pdbx_db_accession             Q79JB5 
_struct_ref_seq.db_align_beg                  22 
_struct_ref_seq.pdbx_db_align_beg_ins_code    ? 
_struct_ref_seq.db_align_end                  190 
_struct_ref_seq.pdbx_db_align_end_ins_code    ? 
_struct_ref_seq.pdbx_auth_seq_align_beg       22 
_struct_ref_seq.pdbx_auth_seq_align_end       190 
# 
loop_
_struct_ref_seq_dif.align_id 
_struct_ref_seq_dif.pdbx_pdb_id_code 
_struct_ref_seq_dif.mon_id 
_struct_ref_seq_dif.pdbx_pdb_strand_id 
_struct_ref_seq_dif.seq_num 
_struct_ref_seq_dif.pdbx_pdb_ins_code 
_struct_ref_seq_dif.pdbx_seq_db_name 
_struct_ref_seq_dif.pdbx_seq_db_accession_code 
_struct_ref_seq_dif.db_mon_id 
_struct_ref_seq_dif.pdbx_seq_db_seq_num 
_struct_ref_seq_dif.details 
_struct_ref_seq_dif.pdbx_auth_seq_num 
_struct_ref_seq_dif.pdbx_ordinal 
1 5W3A MET A 1   ? UNP Q79JB5 ?   ?   'initiating methionine' 21  1  
1 5W3A CYS A 162 ? UNP Q79JB5 ASN 182 'engineered mutation'   182 2  
1 5W3A GLU A 171 ? UNP Q79JB5 ?   ?   'expression tag'        191 3  
1 5W3A GLY A 172 ? UNP Q79JB5 ?   ?   'expression tag'        192 4  
1 5W3A GLY A 173 ? UNP Q79JB5 ?   ?   'expression tag'        193 5  
1 5W3A SER A 174 ? UNP Q79JB5 ?   ?   'expression tag'        194 6  
1 5W3A HIS A 175 ? UNP Q79JB5 ?   ?   'expression tag'        195 7  
1 5W3A HIS A 176 ? UNP Q79JB5 ?   ?   'expression tag'        196 8  
1 5W3A HIS A 177 ? UNP Q79JB5 ?   ?   'expression tag'        197 9  
1 5W3A HIS A 178 ? UNP Q79JB5 ?   ?   'expression tag'        198 10 
1 5W3A HIS A 179 ? UNP Q79JB5 ?   ?   'expression tag'        199 11 
1 5W3A HIS A 180 ? UNP Q79JB5 ?   ?   'expression tag'        200 12 
# 
loop_
_pdbx_struct_assembly.id 
_pdbx_struct_assembly.details 
_pdbx_struct_assembly.method_details 
_pdbx_struct_assembly.oligomeric_details 
_pdbx_struct_assembly.oligomeric_count 
1 author_defined_assembly   ?    monomeric  1 
2 software_defined_assembly PISA tetrameric 4 
# 
loop_
_pdbx_struct_assembly_prop.biol_id 
_pdbx_struct_assembly_prop.type 
_pdbx_struct_assembly_prop.value 
_pdbx_struct_assembly_prop.details 
1 'ABSA (A^2)' 1270  ? 
1 MORE         -19   ? 
1 'SSA (A^2)'  12630 ? 
2 'ABSA (A^2)' 22680 ? 
2 MORE         -208  ? 
2 'SSA (A^2)'  32930 ? 
# 
loop_
_pdbx_struct_assembly_gen.assembly_id 
_pdbx_struct_assembly_gen.oper_expression 
_pdbx_struct_assembly_gen.asym_id_list 
1 1       A,B,C,D,E,F 
2 1,2,3,4 A,B,C,D,E,F 
# 
_pdbx_struct_assembly_auth_evidence.id                     1 
_pdbx_struct_assembly_auth_evidence.assembly_id            1 
_pdbx_struct_assembly_auth_evidence.experimental_support   none 
_pdbx_struct_assembly_auth_evidence.details                . 
# 
loop_
_pdbx_struct_oper_list.id 
_pdbx_struct_oper_list.type 
_pdbx_struct_oper_list.name 
_pdbx_struct_oper_list.symmetry_operation 
_pdbx_struct_oper_list.matrix[1][1] 
_pdbx_struct_oper_list.matrix[1][2] 
_pdbx_struct_oper_list.matrix[1][3] 
_pdbx_struct_oper_list.vector[1] 
_pdbx_struct_oper_list.matrix[2][1] 
_pdbx_struct_oper_list.matrix[2][2] 
_pdbx_struct_oper_list.matrix[2][3] 
_pdbx_struct_oper_list.vector[2] 
_pdbx_struct_oper_list.matrix[3][1] 
_pdbx_struct_oper_list.matrix[3][2] 
_pdbx_struct_oper_list.matrix[3][3] 
_pdbx_struct_oper_list.vector[3] 
1 'identity operation'         1_555  x,y,z        1.0000000000  0.0000000000  0.0000000000  0.0000000000   0.0000000000  1.0000000000  0.0000000000  0.0000000000  0.0000000000  0.0000000000  1.0000000000  0.0000000000   
2 'crystal symmetry operation' 4_545  -x,-y-1,z    -0.7646550860 -0.4239278653 -0.4853738399 3.4899336096   -0.4239278653 -0.2363768057 0.8743061081  32.6568650947 -0.4853738399 0.8743061081  0.0010318916  -26.8304879916 
3 'crystal symmetry operation' 9_556  -x,-x+y,-z+1 0.4518396855  0.8891385347  -0.0726193136 -20.6732940208 0.8891385347  -0.4554720181 -0.0444736638 32.6727090382 -0.0726193136 -0.0444736638 -0.9963676673 -13.2711809413 
4 'crystal symmetry operation' 12_546 x,x-y-1,-z+1 -0.6871845995 -0.4652106694 0.5579931535  11.8884852824  -0.4652106694 -0.3081511762 -0.8298324443 22.0947053447 0.5579931535  -0.8298324443 -0.0046642243 11.7560427719 
# 
loop_
_struct_conf.conf_type_id 
_struct_conf.id 
_struct_conf.pdbx_PDB_helix_id 
_struct_conf.beg_label_comp_id 
_struct_conf.beg_label_asym_id 
_struct_conf.beg_label_seq_id 
_struct_conf.pdbx_beg_PDB_ins_code 
_struct_conf.end_label_comp_id 
_struct_conf.end_label_asym_id 
_struct_conf.end_label_seq_id 
_struct_conf.pdbx_end_PDB_ins_code 
_struct_conf.beg_auth_comp_id 
_struct_conf.beg_auth_asym_id 
_struct_conf.beg_auth_seq_id 
_struct_conf.end_auth_comp_id 
_struct_conf.end_auth_asym_id 
_struct_conf.end_auth_seq_id 
_struct_conf.pdbx_PDB_helix_class 
_struct_conf.details 
_struct_conf.pdbx_PDB_helix_length 
HELX_P HELX_P1 AA1 ASP A 7   ? THR A 11  ? ASP A 27  THR A 31  5 ? 5 
HELX_P HELX_P2 AA2 ASN A 61  ? GLN A 69  ? ASN A 81  GLN A 89  1 ? 9 
HELX_P HELX_P3 AA3 SER A 142 ? LYS A 145 ? SER A 162 LYS A 165 5 ? 4 
# 
_struct_conf_type.id          HELX_P 
_struct_conf_type.criteria    ? 
_struct_conf_type.reference   ? 
# 
_struct_conn.id                            covale1 
_struct_conn.conn_type_id                  covale 
_struct_conn.pdbx_leaving_atom_flag        none 
_struct_conn.pdbx_PDB_id                   ? 
_struct_conn.ptnr1_label_asym_id           A 
_struct_conn.ptnr1_label_comp_id           CYS 
_struct_conn.ptnr1_label_seq_id            162 
_struct_conn.ptnr1_label_atom_id           SG 
_struct_conn.pdbx_ptnr1_label_alt_id       ? 
_struct_conn.pdbx_ptnr1_PDB_ins_code       ? 
_struct_conn.pdbx_ptnr1_standard_comp_id   ? 
_struct_conn.ptnr1_symmetry                1_555 
_struct_conn.ptnr2_label_asym_id           E 
_struct_conn.ptnr2_label_comp_id           MNB 
_struct_conn.ptnr2_label_seq_id            . 
_struct_conn.ptnr2_label_atom_id           S5 
_struct_conn.pdbx_ptnr2_label_alt_id       ? 
_struct_conn.pdbx_ptnr2_PDB_ins_code       ? 
_struct_conn.ptnr1_auth_asym_id            A 
_struct_conn.ptnr1_auth_comp_id            CYS 
_struct_conn.ptnr1_auth_seq_id             182 
_struct_conn.ptnr2_auth_asym_id            A 
_struct_conn.ptnr2_auth_comp_id            MNB 
_struct_conn.ptnr2_auth_seq_id             304 
_struct_conn.ptnr2_symmetry                1_555 
_struct_conn.pdbx_ptnr3_label_atom_id      ? 
_struct_conn.pdbx_ptnr3_label_seq_id       ? 
_struct_conn.pdbx_ptnr3_label_comp_id      ? 
_struct_conn.pdbx_ptnr3_label_asym_id      ? 
_struct_conn.pdbx_ptnr3_label_alt_id       ? 
_struct_conn.pdbx_ptnr3_PDB_ins_code       ? 
_struct_conn.details                       ? 
_struct_conn.pdbx_dist_value               1.994 
_struct_conn.pdbx_value_order              ? 
_struct_conn.pdbx_role                     ? 
# 
_struct_conn_type.id          covale 
_struct_conn_type.criteria    ? 
_struct_conn_type.reference   ? 
# 
_pdbx_modification_feature.ordinal                            1 
_pdbx_modification_feature.label_comp_id                      MNB 
_pdbx_modification_feature.label_asym_id                      E 
_pdbx_modification_feature.label_seq_id                       . 
_pdbx_modification_feature.label_alt_id                       ? 
_pdbx_modification_feature.modified_residue_label_comp_id     CYS 
_pdbx_modification_feature.modified_residue_label_asym_id     A 
_pdbx_modification_feature.modified_residue_label_seq_id      162 
_pdbx_modification_feature.modified_residue_label_alt_id      ? 
_pdbx_modification_feature.auth_comp_id                       MNB 
_pdbx_modification_feature.auth_asym_id                       A 
_pdbx_modification_feature.auth_seq_id                        304 
_pdbx_modification_feature.PDB_ins_code                       ? 
_pdbx_modification_feature.symmetry                           1_555 
_pdbx_modification_feature.modified_residue_auth_comp_id      CYS 
_pdbx_modification_feature.modified_residue_auth_asym_id      A 
_pdbx_modification_feature.modified_residue_auth_seq_id       182 
_pdbx_modification_feature.modified_residue_PDB_ins_code      ? 
_pdbx_modification_feature.modified_residue_symmetry          1_555 
_pdbx_modification_feature.comp_id_linking_atom               S5 
_pdbx_modification_feature.modified_residue_id_linking_atom   SG 
_pdbx_modification_feature.modified_residue_id                CYS 
_pdbx_modification_feature.ref_pcm_id                         1 
_pdbx_modification_feature.ref_comp_id                        MNB 
_pdbx_modification_feature.type                               None 
_pdbx_modification_feature.category                           'Covalent chemical modification' 
# 
loop_
_struct_sheet.id 
_struct_sheet.type 
_struct_sheet.number_strands 
_struct_sheet.details 
AA1 ? 2 ? 
AA2 ? 7 ? 
# 
loop_
_struct_sheet_order.sheet_id 
_struct_sheet_order.range_id_1 
_struct_sheet_order.range_id_2 
_struct_sheet_order.offset 
_struct_sheet_order.sense 
AA1 1 2 ? anti-parallel 
AA2 1 2 ? anti-parallel 
AA2 2 3 ? anti-parallel 
AA2 3 4 ? anti-parallel 
AA2 4 5 ? anti-parallel 
AA2 5 6 ? anti-parallel 
AA2 6 7 ? anti-parallel 
# 
loop_
_struct_sheet_range.sheet_id 
_struct_sheet_range.id 
_struct_sheet_range.beg_label_comp_id 
_struct_sheet_range.beg_label_asym_id 
_struct_sheet_range.beg_label_seq_id 
_struct_sheet_range.pdbx_beg_PDB_ins_code 
_struct_sheet_range.end_label_comp_id 
_struct_sheet_range.end_label_asym_id 
_struct_sheet_range.end_label_seq_id 
_struct_sheet_range.pdbx_end_PDB_ins_code 
_struct_sheet_range.beg_auth_comp_id 
_struct_sheet_range.beg_auth_asym_id 
_struct_sheet_range.beg_auth_seq_id 
_struct_sheet_range.end_auth_comp_id 
_struct_sheet_range.end_auth_asym_id 
_struct_sheet_range.end_auth_seq_id 
AA1 1 ASN A 28  ? PHE A 29  ? ASN A 48  PHE A 49  
AA1 2 VAL A 57  ? ASN A 58  ? VAL A 77  ASN A 78  
AA2 1 TYR A 32  ? PHE A 38  ? TYR A 52  PHE A 58  
AA2 2 PHE A 45  ? LYS A 53  ? PHE A 65  LYS A 73  
AA2 3 ASP A 81  ? LYS A 91  ? ASP A 101 LYS A 111 
AA2 4 LYS A 96  ? ILE A 105 ? LYS A 116 ILE A 125 
AA2 5 VAL A 108 ? LYS A 123 ? VAL A 128 LYS A 143 
AA2 6 GLU A 129 ? LYS A 140 ? GLU A 149 LYS A 160 
AA2 7 ASP A 158 ? ASN A 168 ? ASP A 178 ASN A 188 
# 
loop_
_pdbx_struct_sheet_hbond.sheet_id 
_pdbx_struct_sheet_hbond.range_id_1 
_pdbx_struct_sheet_hbond.range_id_2 
_pdbx_struct_sheet_hbond.range_1_label_atom_id 
_pdbx_struct_sheet_hbond.range_1_label_comp_id 
_pdbx_struct_sheet_hbond.range_1_label_asym_id 
_pdbx_struct_sheet_hbond.range_1_label_seq_id 
_pdbx_struct_sheet_hbond.range_1_PDB_ins_code 
_pdbx_struct_sheet_hbond.range_1_auth_atom_id 
_pdbx_struct_sheet_hbond.range_1_auth_comp_id 
_pdbx_struct_sheet_hbond.range_1_auth_asym_id 
_pdbx_struct_sheet_hbond.range_1_auth_seq_id 
_pdbx_struct_sheet_hbond.range_2_label_atom_id 
_pdbx_struct_sheet_hbond.range_2_label_comp_id 
_pdbx_struct_sheet_hbond.range_2_label_asym_id 
_pdbx_struct_sheet_hbond.range_2_label_seq_id 
_pdbx_struct_sheet_hbond.range_2_PDB_ins_code 
_pdbx_struct_sheet_hbond.range_2_auth_atom_id 
_pdbx_struct_sheet_hbond.range_2_auth_comp_id 
_pdbx_struct_sheet_hbond.range_2_auth_asym_id 
_pdbx_struct_sheet_hbond.range_2_auth_seq_id 
AA1 1 2 N ASN A 28  ? N ASN A 48  O ASN A 58  ? O ASN A 78  
AA2 1 2 N ASP A 37  ? N ASP A 57  O LYS A 46  ? O LYS A 66  
AA2 2 3 N ILE A 52  ? N ILE A 72  O MET A 82  ? O MET A 102 
AA2 3 4 N LYS A 87  ? N LYS A 107 O THR A 100 ? O THR A 120 
AA2 4 5 N MET A 99  ? N MET A 119 O LEU A 114 ? O LEU A 134 
AA2 5 6 N ASP A 115 ? N ASP A 135 O ASN A 136 ? O ASN A 156 
AA2 6 7 N GLY A 137 ? N GLY A 157 O LEU A 161 ? O LEU A 181 
# 
loop_
_struct_site.id 
_struct_site.pdbx_evidence_code 
_struct_site.pdbx_auth_asym_id 
_struct_site.pdbx_auth_comp_id 
_struct_site.pdbx_auth_seq_id 
_struct_site.pdbx_auth_ins_code 
_struct_site.pdbx_num_residues 
_struct_site.details 
AC1 Software A LFA 301 ? 5 'binding site for residue LFA A 301' 
AC2 Software A SO4 302 ? 2 'binding site for residue SO4 A 302' 
AC3 Software A SO4 303 ? 6 'binding site for residue SO4 A 303' 
AC4 Software A MNB 304 ? 3 'binding site for residue MNB A 304' 
# 
loop_
_struct_site_gen.id 
_struct_site_gen.site_id 
_struct_site_gen.pdbx_num_res 
_struct_site_gen.label_comp_id 
_struct_site_gen.label_asym_id 
_struct_site_gen.label_seq_id 
_struct_site_gen.pdbx_auth_ins_code 
_struct_site_gen.auth_comp_id 
_struct_site_gen.auth_asym_id 
_struct_site_gen.auth_seq_id 
_struct_site_gen.label_atom_id 
_struct_site_gen.label_alt_id 
_struct_site_gen.symmetry 
_struct_site_gen.details 
1  AC1 5 HIS A 19  ? HIS A 39  . ? 9_556 ? 
2  AC1 5 ARG A 64  ? ARG A 84  . ? 1_555 ? 
3  AC1 5 PHE A 74  ? PHE A 94  . ? 1_555 ? 
4  AC1 5 ILE A 159 ? ILE A 179 . ? 1_555 ? 
5  AC1 5 LEU A 161 ? LEU A 181 . ? 1_555 ? 
6  AC2 2 LYS A 110 ? LYS A 130 . ? 1_555 ? 
7  AC2 2 ASP A 111 ? ASP A 131 . ? 1_555 ? 
8  AC3 6 SER A 149 ? SER A 169 . ? 4_545 ? 
9  AC3 6 THR A 150 ? THR A 170 . ? 1_555 ? 
10 AC3 6 SER A 151 ? SER A 171 . ? 4_545 ? 
11 AC3 6 SER A 151 ? SER A 171 . ? 1_555 ? 
12 AC3 6 THR A 154 ? THR A 174 . ? 4_545 ? 
13 AC3 6 THR A 154 ? THR A 174 . ? 1_555 ? 
14 AC4 3 SER A 134 ? SER A 154 . ? 1_555 ? 
15 AC4 3 ASN A 136 ? ASN A 156 . ? 1_555 ? 
16 AC4 3 CYS A 162 ? CYS A 182 . ? 1_555 ? 
# 
_pdbx_entry_details.entry_id                   5W3A 
_pdbx_entry_details.compound_details           ? 
_pdbx_entry_details.source_details             ? 
_pdbx_entry_details.nonpolymer_details         ? 
_pdbx_entry_details.sequence_details           ? 
_pdbx_entry_details.has_ligand_of_interest     ? 
_pdbx_entry_details.has_protein_modification   Y 
# 
loop_
_pdbx_validate_torsion.id 
_pdbx_validate_torsion.PDB_model_num 
_pdbx_validate_torsion.auth_comp_id 
_pdbx_validate_torsion.auth_asym_id 
_pdbx_validate_torsion.auth_seq_id 
_pdbx_validate_torsion.PDB_ins_code 
_pdbx_validate_torsion.label_alt_id 
_pdbx_validate_torsion.phi 
_pdbx_validate_torsion.psi 
1 1 ASN A 48  ? ? -133.30 -159.78 
2 1 ASN A 81  ? ? 179.39  85.28   
3 1 PHE A 93  ? ? -125.14 -109.45 
4 1 LYS A 108 ? ? -175.25 135.45  
5 1 ALA A 126 ? ? 37.19   47.94   
6 1 LYS A 165 ? ? 37.26   49.44   
# 
loop_
_pdbx_unobs_or_zero_occ_residues.id 
_pdbx_unobs_or_zero_occ_residues.PDB_model_num 
_pdbx_unobs_or_zero_occ_residues.polymer_flag 
_pdbx_unobs_or_zero_occ_residues.occupancy_flag 
_pdbx_unobs_or_zero_occ_residues.auth_asym_id 
_pdbx_unobs_or_zero_occ_residues.auth_comp_id 
_pdbx_unobs_or_zero_occ_residues.auth_seq_id 
_pdbx_unobs_or_zero_occ_residues.PDB_ins_code 
_pdbx_unobs_or_zero_occ_residues.label_asym_id 
_pdbx_unobs_or_zero_occ_residues.label_comp_id 
_pdbx_unobs_or_zero_occ_residues.label_seq_id 
1 1 Y 1 A GLY 192 ? A GLY 172 
2 1 Y 1 A GLY 193 ? A GLY 173 
3 1 Y 1 A SER 194 ? A SER 174 
4 1 Y 1 A HIS 195 ? A HIS 175 
5 1 Y 1 A HIS 196 ? A HIS 176 
6 1 Y 1 A HIS 197 ? A HIS 177 
7 1 Y 1 A HIS 198 ? A HIS 178 
8 1 Y 1 A HIS 199 ? A HIS 179 
9 1 Y 1 A HIS 200 ? A HIS 180 
# 
loop_
_chem_comp_atom.comp_id 
_chem_comp_atom.atom_id 
_chem_comp_atom.type_symbol 
_chem_comp_atom.pdbx_aromatic_flag 
_chem_comp_atom.pdbx_stereo_config 
_chem_comp_atom.pdbx_ordinal 
ALA N    N N N 1   
ALA CA   C N S 2   
ALA C    C N N 3   
ALA O    O N N 4   
ALA CB   C N N 5   
ALA OXT  O N N 6   
ALA H    H N N 7   
ALA H2   H N N 8   
ALA HA   H N N 9   
ALA HB1  H N N 10  
ALA HB2  H N N 11  
ALA HB3  H N N 12  
ALA HXT  H N N 13  
ARG N    N N N 14  
ARG CA   C N S 15  
ARG C    C N N 16  
ARG O    O N N 17  
ARG CB   C N N 18  
ARG CG   C N N 19  
ARG CD   C N N 20  
ARG NE   N N N 21  
ARG CZ   C N N 22  
ARG NH1  N N N 23  
ARG NH2  N N N 24  
ARG OXT  O N N 25  
ARG H    H N N 26  
ARG H2   H N N 27  
ARG HA   H N N 28  
ARG HB2  H N N 29  
ARG HB3  H N N 30  
ARG HG2  H N N 31  
ARG HG3  H N N 32  
ARG HD2  H N N 33  
ARG HD3  H N N 34  
ARG HE   H N N 35  
ARG HH11 H N N 36  
ARG HH12 H N N 37  
ARG HH21 H N N 38  
ARG HH22 H N N 39  
ARG HXT  H N N 40  
ASN N    N N N 41  
ASN CA   C N S 42  
ASN C    C N N 43  
ASN O    O N N 44  
ASN CB   C N N 45  
ASN CG   C N N 46  
ASN OD1  O N N 47  
ASN ND2  N N N 48  
ASN OXT  O N N 49  
ASN H    H N N 50  
ASN H2   H N N 51  
ASN HA   H N N 52  
ASN HB2  H N N 53  
ASN HB3  H N N 54  
ASN HD21 H N N 55  
ASN HD22 H N N 56  
ASN HXT  H N N 57  
ASP N    N N N 58  
ASP CA   C N S 59  
ASP C    C N N 60  
ASP O    O N N 61  
ASP CB   C N N 62  
ASP CG   C N N 63  
ASP OD1  O N N 64  
ASP OD2  O N N 65  
ASP OXT  O N N 66  
ASP H    H N N 67  
ASP H2   H N N 68  
ASP HA   H N N 69  
ASP HB2  H N N 70  
ASP HB3  H N N 71  
ASP HD2  H N N 72  
ASP HXT  H N N 73  
CYS N    N N N 74  
CYS CA   C N R 75  
CYS C    C N N 76  
CYS O    O N N 77  
CYS CB   C N N 78  
CYS SG   S N N 79  
CYS OXT  O N N 80  
CYS H    H N N 81  
CYS H2   H N N 82  
CYS HA   H N N 83  
CYS HB2  H N N 84  
CYS HB3  H N N 85  
CYS HG   H N N 86  
CYS HXT  H N N 87  
GLN N    N N N 88  
GLN CA   C N S 89  
GLN C    C N N 90  
GLN O    O N N 91  
GLN CB   C N N 92  
GLN CG   C N N 93  
GLN CD   C N N 94  
GLN OE1  O N N 95  
GLN NE2  N N N 96  
GLN OXT  O N N 97  
GLN H    H N N 98  
GLN H2   H N N 99  
GLN HA   H N N 100 
GLN HB2  H N N 101 
GLN HB3  H N N 102 
GLN HG2  H N N 103 
GLN HG3  H N N 104 
GLN HE21 H N N 105 
GLN HE22 H N N 106 
GLN HXT  H N N 107 
GLU N    N N N 108 
GLU CA   C N S 109 
GLU C    C N N 110 
GLU O    O N N 111 
GLU CB   C N N 112 
GLU CG   C N N 113 
GLU CD   C N N 114 
GLU OE1  O N N 115 
GLU OE2  O N N 116 
GLU OXT  O N N 117 
GLU H    H N N 118 
GLU H2   H N N 119 
GLU HA   H N N 120 
GLU HB2  H N N 121 
GLU HB3  H N N 122 
GLU HG2  H N N 123 
GLU HG3  H N N 124 
GLU HE2  H N N 125 
GLU HXT  H N N 126 
GLY N    N N N 127 
GLY CA   C N N 128 
GLY C    C N N 129 
GLY O    O N N 130 
GLY OXT  O N N 131 
GLY H    H N N 132 
GLY H2   H N N 133 
GLY HA2  H N N 134 
GLY HA3  H N N 135 
GLY HXT  H N N 136 
HIS N    N N N 137 
HIS CA   C N S 138 
HIS C    C N N 139 
HIS O    O N N 140 
HIS CB   C N N 141 
HIS CG   C Y N 142 
HIS ND1  N Y N 143 
HIS CD2  C Y N 144 
HIS CE1  C Y N 145 
HIS NE2  N Y N 146 
HIS OXT  O N N 147 
HIS H    H N N 148 
HIS H2   H N N 149 
HIS HA   H N N 150 
HIS HB2  H N N 151 
HIS HB3  H N N 152 
HIS HD1  H N N 153 
HIS HD2  H N N 154 
HIS HE1  H N N 155 
HIS HE2  H N N 156 
HIS HXT  H N N 157 
HOH O    O N N 158 
HOH H1   H N N 159 
HOH H2   H N N 160 
ILE N    N N N 161 
ILE CA   C N S 162 
ILE C    C N N 163 
ILE O    O N N 164 
ILE CB   C N S 165 
ILE CG1  C N N 166 
ILE CG2  C N N 167 
ILE CD1  C N N 168 
ILE OXT  O N N 169 
ILE H    H N N 170 
ILE H2   H N N 171 
ILE HA   H N N 172 
ILE HB   H N N 173 
ILE HG12 H N N 174 
ILE HG13 H N N 175 
ILE HG21 H N N 176 
ILE HG22 H N N 177 
ILE HG23 H N N 178 
ILE HD11 H N N 179 
ILE HD12 H N N 180 
ILE HD13 H N N 181 
ILE HXT  H N N 182 
LEU N    N N N 183 
LEU CA   C N S 184 
LEU C    C N N 185 
LEU O    O N N 186 
LEU CB   C N N 187 
LEU CG   C N N 188 
LEU CD1  C N N 189 
LEU CD2  C N N 190 
LEU OXT  O N N 191 
LEU H    H N N 192 
LEU H2   H N N 193 
LEU HA   H N N 194 
LEU HB2  H N N 195 
LEU HB3  H N N 196 
LEU HG   H N N 197 
LEU HD11 H N N 198 
LEU HD12 H N N 199 
LEU HD13 H N N 200 
LEU HD21 H N N 201 
LEU HD22 H N N 202 
LEU HD23 H N N 203 
LEU HXT  H N N 204 
LFA C1   C N N 205 
LFA C2   C N N 206 
LFA C3   C N N 207 
LFA C4   C N N 208 
LFA C5   C N N 209 
LFA C6   C N N 210 
LFA C7   C N N 211 
LFA C8   C N N 212 
LFA C9   C N N 213 
LFA C10  C N N 214 
LFA C11  C N N 215 
LFA C12  C N N 216 
LFA C13  C N N 217 
LFA C14  C N N 218 
LFA C15  C N N 219 
LFA C16  C N N 220 
LFA C17  C N N 221 
LFA C18  C N N 222 
LFA C19  C N N 223 
LFA C20  C N N 224 
LFA H11  H N N 225 
LFA H12  H N N 226 
LFA H13  H N N 227 
LFA H21  H N N 228 
LFA H22  H N N 229 
LFA H31  H N N 230 
LFA H32  H N N 231 
LFA H41  H N N 232 
LFA H42  H N N 233 
LFA H51  H N N 234 
LFA H52  H N N 235 
LFA H61  H N N 236 
LFA H62  H N N 237 
LFA H71  H N N 238 
LFA H72  H N N 239 
LFA H81  H N N 240 
LFA H82  H N N 241 
LFA H91  H N N 242 
LFA H92  H N N 243 
LFA H101 H N N 244 
LFA H102 H N N 245 
LFA H111 H N N 246 
LFA H112 H N N 247 
LFA H121 H N N 248 
LFA H122 H N N 249 
LFA H131 H N N 250 
LFA H132 H N N 251 
LFA H141 H N N 252 
LFA H142 H N N 253 
LFA H151 H N N 254 
LFA H152 H N N 255 
LFA H161 H N N 256 
LFA H162 H N N 257 
LFA H171 H N N 258 
LFA H172 H N N 259 
LFA H181 H N N 260 
LFA H182 H N N 261 
LFA H191 H N N 262 
LFA H192 H N N 263 
LFA H201 H N N 264 
LFA H202 H N N 265 
LFA H203 H N N 266 
LYS N    N N N 267 
LYS CA   C N S 268 
LYS C    C N N 269 
LYS O    O N N 270 
LYS CB   C N N 271 
LYS CG   C N N 272 
LYS CD   C N N 273 
LYS CE   C N N 274 
LYS NZ   N N N 275 
LYS OXT  O N N 276 
LYS H    H N N 277 
LYS H2   H N N 278 
LYS HA   H N N 279 
LYS HB2  H N N 280 
LYS HB3  H N N 281 
LYS HG2  H N N 282 
LYS HG3  H N N 283 
LYS HD2  H N N 284 
LYS HD3  H N N 285 
LYS HE2  H N N 286 
LYS HE3  H N N 287 
LYS HZ1  H N N 288 
LYS HZ2  H N N 289 
LYS HZ3  H N N 290 
LYS HXT  H N N 291 
MET N    N N N 292 
MET CA   C N S 293 
MET C    C N N 294 
MET O    O N N 295 
MET CB   C N N 296 
MET CG   C N N 297 
MET SD   S N N 298 
MET CE   C N N 299 
MET OXT  O N N 300 
MET H    H N N 301 
MET H2   H N N 302 
MET HA   H N N 303 
MET HB2  H N N 304 
MET HB3  H N N 305 
MET HG2  H N N 306 
MET HG3  H N N 307 
MET HE1  H N N 308 
MET HE2  H N N 309 
MET HE3  H N N 310 
MET HXT  H N N 311 
MNB C6   C Y N 312 
MNB C1   C Y N 313 
MNB C2   C Y N 314 
MNB C3   C Y N 315 
MNB C4   C Y N 316 
MNB C5   C Y N 317 
MNB S5   S N N 318 
MNB C10  C N N 319 
MNB O12  O N N 320 
MNB O11  O N N 321 
MNB N7   N N N 322 
MNB O9   O N N 323 
MNB O8   O N N 324 
MNB HC6  H N N 325 
MNB HC3  H N N 326 
MNB HC4  H N N 327 
MNB HS5  H N N 328 
MNB H12  H N N 329 
PHE N    N N N 330 
PHE CA   C N S 331 
PHE C    C N N 332 
PHE O    O N N 333 
PHE CB   C N N 334 
PHE CG   C Y N 335 
PHE CD1  C Y N 336 
PHE CD2  C Y N 337 
PHE CE1  C Y N 338 
PHE CE2  C Y N 339 
PHE CZ   C Y N 340 
PHE OXT  O N N 341 
PHE H    H N N 342 
PHE H2   H N N 343 
PHE HA   H N N 344 
PHE HB2  H N N 345 
PHE HB3  H N N 346 
PHE HD1  H N N 347 
PHE HD2  H N N 348 
PHE HE1  H N N 349 
PHE HE2  H N N 350 
PHE HZ   H N N 351 
PHE HXT  H N N 352 
PRO N    N N N 353 
PRO CA   C N S 354 
PRO C    C N N 355 
PRO O    O N N 356 
PRO CB   C N N 357 
PRO CG   C N N 358 
PRO CD   C N N 359 
PRO OXT  O N N 360 
PRO H    H N N 361 
PRO HA   H N N 362 
PRO HB2  H N N 363 
PRO HB3  H N N 364 
PRO HG2  H N N 365 
PRO HG3  H N N 366 
PRO HD2  H N N 367 
PRO HD3  H N N 368 
PRO HXT  H N N 369 
SER N    N N N 370 
SER CA   C N S 371 
SER C    C N N 372 
SER O    O N N 373 
SER CB   C N N 374 
SER OG   O N N 375 
SER OXT  O N N 376 
SER H    H N N 377 
SER H2   H N N 378 
SER HA   H N N 379 
SER HB2  H N N 380 
SER HB3  H N N 381 
SER HG   H N N 382 
SER HXT  H N N 383 
SO4 S    S N N 384 
SO4 O1   O N N 385 
SO4 O2   O N N 386 
SO4 O3   O N N 387 
SO4 O4   O N N 388 
THR N    N N N 389 
THR CA   C N S 390 
THR C    C N N 391 
THR O    O N N 392 
THR CB   C N R 393 
THR OG1  O N N 394 
THR CG2  C N N 395 
THR OXT  O N N 396 
THR H    H N N 397 
THR H2   H N N 398 
THR HA   H N N 399 
THR HB   H N N 400 
THR HG1  H N N 401 
THR HG21 H N N 402 
THR HG22 H N N 403 
THR HG23 H N N 404 
THR HXT  H N N 405 
TYR N    N N N 406 
TYR CA   C N S 407 
TYR C    C N N 408 
TYR O    O N N 409 
TYR CB   C N N 410 
TYR CG   C Y N 411 
TYR CD1  C Y N 412 
TYR CD2  C Y N 413 
TYR CE1  C Y N 414 
TYR CE2  C Y N 415 
TYR CZ   C Y N 416 
TYR OH   O N N 417 
TYR OXT  O N N 418 
TYR H    H N N 419 
TYR H2   H N N 420 
TYR HA   H N N 421 
TYR HB2  H N N 422 
TYR HB3  H N N 423 
TYR HD1  H N N 424 
TYR HD2  H N N 425 
TYR HE1  H N N 426 
TYR HE2  H N N 427 
TYR HH   H N N 428 
TYR HXT  H N N 429 
VAL N    N N N 430 
VAL CA   C N S 431 
VAL C    C N N 432 
VAL O    O N N 433 
VAL CB   C N N 434 
VAL CG1  C N N 435 
VAL CG2  C N N 436 
VAL OXT  O N N 437 
VAL H    H N N 438 
VAL H2   H N N 439 
VAL HA   H N N 440 
VAL HB   H N N 441 
VAL HG11 H N N 442 
VAL HG12 H N N 443 
VAL HG13 H N N 444 
VAL HG21 H N N 445 
VAL HG22 H N N 446 
VAL HG23 H N N 447 
VAL HXT  H N N 448 
# 
loop_
_chem_comp_bond.comp_id 
_chem_comp_bond.atom_id_1 
_chem_comp_bond.atom_id_2 
_chem_comp_bond.value_order 
_chem_comp_bond.pdbx_aromatic_flag 
_chem_comp_bond.pdbx_stereo_config 
_chem_comp_bond.pdbx_ordinal 
ALA N   CA   sing N N 1   
ALA N   H    sing N N 2   
ALA N   H2   sing N N 3   
ALA CA  C    sing N N 4   
ALA CA  CB   sing N N 5   
ALA CA  HA   sing N N 6   
ALA C   O    doub N N 7   
ALA C   OXT  sing N N 8   
ALA CB  HB1  sing N N 9   
ALA CB  HB2  sing N N 10  
ALA CB  HB3  sing N N 11  
ALA OXT HXT  sing N N 12  
ARG N   CA   sing N N 13  
ARG N   H    sing N N 14  
ARG N   H2   sing N N 15  
ARG CA  C    sing N N 16  
ARG CA  CB   sing N N 17  
ARG CA  HA   sing N N 18  
ARG C   O    doub N N 19  
ARG C   OXT  sing N N 20  
ARG CB  CG   sing N N 21  
ARG CB  HB2  sing N N 22  
ARG CB  HB3  sing N N 23  
ARG CG  CD   sing N N 24  
ARG CG  HG2  sing N N 25  
ARG CG  HG3  sing N N 26  
ARG CD  NE   sing N N 27  
ARG CD  HD2  sing N N 28  
ARG CD  HD3  sing N N 29  
ARG NE  CZ   sing N N 30  
ARG NE  HE   sing N N 31  
ARG CZ  NH1  sing N N 32  
ARG CZ  NH2  doub N N 33  
ARG NH1 HH11 sing N N 34  
ARG NH1 HH12 sing N N 35  
ARG NH2 HH21 sing N N 36  
ARG NH2 HH22 sing N N 37  
ARG OXT HXT  sing N N 38  
ASN N   CA   sing N N 39  
ASN N   H    sing N N 40  
ASN N   H2   sing N N 41  
ASN CA  C    sing N N 42  
ASN CA  CB   sing N N 43  
ASN CA  HA   sing N N 44  
ASN C   O    doub N N 45  
ASN C   OXT  sing N N 46  
ASN CB  CG   sing N N 47  
ASN CB  HB2  sing N N 48  
ASN CB  HB3  sing N N 49  
ASN CG  OD1  doub N N 50  
ASN CG  ND2  sing N N 51  
ASN ND2 HD21 sing N N 52  
ASN ND2 HD22 sing N N 53  
ASN OXT HXT  sing N N 54  
ASP N   CA   sing N N 55  
ASP N   H    sing N N 56  
ASP N   H2   sing N N 57  
ASP CA  C    sing N N 58  
ASP CA  CB   sing N N 59  
ASP CA  HA   sing N N 60  
ASP C   O    doub N N 61  
ASP C   OXT  sing N N 62  
ASP CB  CG   sing N N 63  
ASP CB  HB2  sing N N 64  
ASP CB  HB3  sing N N 65  
ASP CG  OD1  doub N N 66  
ASP CG  OD2  sing N N 67  
ASP OD2 HD2  sing N N 68  
ASP OXT HXT  sing N N 69  
CYS N   CA   sing N N 70  
CYS N   H    sing N N 71  
CYS N   H2   sing N N 72  
CYS CA  C    sing N N 73  
CYS CA  CB   sing N N 74  
CYS CA  HA   sing N N 75  
CYS C   O    doub N N 76  
CYS C   OXT  sing N N 77  
CYS CB  SG   sing N N 78  
CYS CB  HB2  sing N N 79  
CYS CB  HB3  sing N N 80  
CYS SG  HG   sing N N 81  
CYS OXT HXT  sing N N 82  
GLN N   CA   sing N N 83  
GLN N   H    sing N N 84  
GLN N   H2   sing N N 85  
GLN CA  C    sing N N 86  
GLN CA  CB   sing N N 87  
GLN CA  HA   sing N N 88  
GLN C   O    doub N N 89  
GLN C   OXT  sing N N 90  
GLN CB  CG   sing N N 91  
GLN CB  HB2  sing N N 92  
GLN CB  HB3  sing N N 93  
GLN CG  CD   sing N N 94  
GLN CG  HG2  sing N N 95  
GLN CG  HG3  sing N N 96  
GLN CD  OE1  doub N N 97  
GLN CD  NE2  sing N N 98  
GLN NE2 HE21 sing N N 99  
GLN NE2 HE22 sing N N 100 
GLN OXT HXT  sing N N 101 
GLU N   CA   sing N N 102 
GLU N   H    sing N N 103 
GLU N   H2   sing N N 104 
GLU CA  C    sing N N 105 
GLU CA  CB   sing N N 106 
GLU CA  HA   sing N N 107 
GLU C   O    doub N N 108 
GLU C   OXT  sing N N 109 
GLU CB  CG   sing N N 110 
GLU CB  HB2  sing N N 111 
GLU CB  HB3  sing N N 112 
GLU CG  CD   sing N N 113 
GLU CG  HG2  sing N N 114 
GLU CG  HG3  sing N N 115 
GLU CD  OE1  doub N N 116 
GLU CD  OE2  sing N N 117 
GLU OE2 HE2  sing N N 118 
GLU OXT HXT  sing N N 119 
GLY N   CA   sing N N 120 
GLY N   H    sing N N 121 
GLY N   H2   sing N N 122 
GLY CA  C    sing N N 123 
GLY CA  HA2  sing N N 124 
GLY CA  HA3  sing N N 125 
GLY C   O    doub N N 126 
GLY C   OXT  sing N N 127 
GLY OXT HXT  sing N N 128 
HIS N   CA   sing N N 129 
HIS N   H    sing N N 130 
HIS N   H2   sing N N 131 
HIS CA  C    sing N N 132 
HIS CA  CB   sing N N 133 
HIS CA  HA   sing N N 134 
HIS C   O    doub N N 135 
HIS C   OXT  sing N N 136 
HIS CB  CG   sing N N 137 
HIS CB  HB2  sing N N 138 
HIS CB  HB3  sing N N 139 
HIS CG  ND1  sing Y N 140 
HIS CG  CD2  doub Y N 141 
HIS ND1 CE1  doub Y N 142 
HIS ND1 HD1  sing N N 143 
HIS CD2 NE2  sing Y N 144 
HIS CD2 HD2  sing N N 145 
HIS CE1 NE2  sing Y N 146 
HIS CE1 HE1  sing N N 147 
HIS NE2 HE2  sing N N 148 
HIS OXT HXT  sing N N 149 
HOH O   H1   sing N N 150 
HOH O   H2   sing N N 151 
ILE N   CA   sing N N 152 
ILE N   H    sing N N 153 
ILE N   H2   sing N N 154 
ILE CA  C    sing N N 155 
ILE CA  CB   sing N N 156 
ILE CA  HA   sing N N 157 
ILE C   O    doub N N 158 
ILE C   OXT  sing N N 159 
ILE CB  CG1  sing N N 160 
ILE CB  CG2  sing N N 161 
ILE CB  HB   sing N N 162 
ILE CG1 CD1  sing N N 163 
ILE CG1 HG12 sing N N 164 
ILE CG1 HG13 sing N N 165 
ILE CG2 HG21 sing N N 166 
ILE CG2 HG22 sing N N 167 
ILE CG2 HG23 sing N N 168 
ILE CD1 HD11 sing N N 169 
ILE CD1 HD12 sing N N 170 
ILE CD1 HD13 sing N N 171 
ILE OXT HXT  sing N N 172 
LEU N   CA   sing N N 173 
LEU N   H    sing N N 174 
LEU N   H2   sing N N 175 
LEU CA  C    sing N N 176 
LEU CA  CB   sing N N 177 
LEU CA  HA   sing N N 178 
LEU C   O    doub N N 179 
LEU C   OXT  sing N N 180 
LEU CB  CG   sing N N 181 
LEU CB  HB2  sing N N 182 
LEU CB  HB3  sing N N 183 
LEU CG  CD1  sing N N 184 
LEU CG  CD2  sing N N 185 
LEU CG  HG   sing N N 186 
LEU CD1 HD11 sing N N 187 
LEU CD1 HD12 sing N N 188 
LEU CD1 HD13 sing N N 189 
LEU CD2 HD21 sing N N 190 
LEU CD2 HD22 sing N N 191 
LEU CD2 HD23 sing N N 192 
LEU OXT HXT  sing N N 193 
LFA C1  C2   sing N N 194 
LFA C1  H11  sing N N 195 
LFA C1  H12  sing N N 196 
LFA C1  H13  sing N N 197 
LFA C2  C3   sing N N 198 
LFA C2  H21  sing N N 199 
LFA C2  H22  sing N N 200 
LFA C3  C4   sing N N 201 
LFA C3  H31  sing N N 202 
LFA C3  H32  sing N N 203 
LFA C4  C5   sing N N 204 
LFA C4  H41  sing N N 205 
LFA C4  H42  sing N N 206 
LFA C5  C6   sing N N 207 
LFA C5  H51  sing N N 208 
LFA C5  H52  sing N N 209 
LFA C6  C7   sing N N 210 
LFA C6  H61  sing N N 211 
LFA C6  H62  sing N N 212 
LFA C7  C8   sing N N 213 
LFA C7  H71  sing N N 214 
LFA C7  H72  sing N N 215 
LFA C8  C9   sing N N 216 
LFA C8  H81  sing N N 217 
LFA C8  H82  sing N N 218 
LFA C9  C10  sing N N 219 
LFA C9  H91  sing N N 220 
LFA C9  H92  sing N N 221 
LFA C10 C11  sing N N 222 
LFA C10 H101 sing N N 223 
LFA C10 H102 sing N N 224 
LFA C11 C12  sing N N 225 
LFA C11 H111 sing N N 226 
LFA C11 H112 sing N N 227 
LFA C12 C13  sing N N 228 
LFA C12 H121 sing N N 229 
LFA C12 H122 sing N N 230 
LFA C13 C14  sing N N 231 
LFA C13 H131 sing N N 232 
LFA C13 H132 sing N N 233 
LFA C14 C15  sing N N 234 
LFA C14 H141 sing N N 235 
LFA C14 H142 sing N N 236 
LFA C15 C16  sing N N 237 
LFA C15 H151 sing N N 238 
LFA C15 H152 sing N N 239 
LFA C16 C17  sing N N 240 
LFA C16 H161 sing N N 241 
LFA C16 H162 sing N N 242 
LFA C17 C18  sing N N 243 
LFA C17 H171 sing N N 244 
LFA C17 H172 sing N N 245 
LFA C18 C19  sing N N 246 
LFA C18 H181 sing N N 247 
LFA C18 H182 sing N N 248 
LFA C19 C20  sing N N 249 
LFA C19 H191 sing N N 250 
LFA C19 H192 sing N N 251 
LFA C20 H201 sing N N 252 
LFA C20 H202 sing N N 253 
LFA C20 H203 sing N N 254 
LYS N   CA   sing N N 255 
LYS N   H    sing N N 256 
LYS N   H2   sing N N 257 
LYS CA  C    sing N N 258 
LYS CA  CB   sing N N 259 
LYS CA  HA   sing N N 260 
LYS C   O    doub N N 261 
LYS C   OXT  sing N N 262 
LYS CB  CG   sing N N 263 
LYS CB  HB2  sing N N 264 
LYS CB  HB3  sing N N 265 
LYS CG  CD   sing N N 266 
LYS CG  HG2  sing N N 267 
LYS CG  HG3  sing N N 268 
LYS CD  CE   sing N N 269 
LYS CD  HD2  sing N N 270 
LYS CD  HD3  sing N N 271 
LYS CE  NZ   sing N N 272 
LYS CE  HE2  sing N N 273 
LYS CE  HE3  sing N N 274 
LYS NZ  HZ1  sing N N 275 
LYS NZ  HZ2  sing N N 276 
LYS NZ  HZ3  sing N N 277 
LYS OXT HXT  sing N N 278 
MET N   CA   sing N N 279 
MET N   H    sing N N 280 
MET N   H2   sing N N 281 
MET CA  C    sing N N 282 
MET CA  CB   sing N N 283 
MET CA  HA   sing N N 284 
MET C   O    doub N N 285 
MET C   OXT  sing N N 286 
MET CB  CG   sing N N 287 
MET CB  HB2  sing N N 288 
MET CB  HB3  sing N N 289 
MET CG  SD   sing N N 290 
MET CG  HG2  sing N N 291 
MET CG  HG3  sing N N 292 
MET SD  CE   sing N N 293 
MET CE  HE1  sing N N 294 
MET CE  HE2  sing N N 295 
MET CE  HE3  sing N N 296 
MET OXT HXT  sing N N 297 
MNB C6  C1   doub Y N 298 
MNB C6  C5   sing Y N 299 
MNB C6  HC6  sing N N 300 
MNB C1  C2   sing Y N 301 
MNB C1  C10  sing N N 302 
MNB C2  C3   doub Y N 303 
MNB C2  N7   sing N N 304 
MNB C3  C4   sing Y N 305 
MNB C3  HC3  sing N N 306 
MNB C4  C5   doub Y N 307 
MNB C4  HC4  sing N N 308 
MNB C5  S5   sing N N 309 
MNB S5  HS5  sing N N 310 
MNB C10 O12  sing N N 311 
MNB C10 O11  doub N N 312 
MNB O12 H12  sing N N 313 
MNB N7  O9   doub N N 314 
MNB N7  O8   sing N N 315 
PHE N   CA   sing N N 316 
PHE N   H    sing N N 317 
PHE N   H2   sing N N 318 
PHE CA  C    sing N N 319 
PHE CA  CB   sing N N 320 
PHE CA  HA   sing N N 321 
PHE C   O    doub N N 322 
PHE C   OXT  sing N N 323 
PHE CB  CG   sing N N 324 
PHE CB  HB2  sing N N 325 
PHE CB  HB3  sing N N 326 
PHE CG  CD1  doub Y N 327 
PHE CG  CD2  sing Y N 328 
PHE CD1 CE1  sing Y N 329 
PHE CD1 HD1  sing N N 330 
PHE CD2 CE2  doub Y N 331 
PHE CD2 HD2  sing N N 332 
PHE CE1 CZ   doub Y N 333 
PHE CE1 HE1  sing N N 334 
PHE CE2 CZ   sing Y N 335 
PHE CE2 HE2  sing N N 336 
PHE CZ  HZ   sing N N 337 
PHE OXT HXT  sing N N 338 
PRO N   CA   sing N N 339 
PRO N   CD   sing N N 340 
PRO N   H    sing N N 341 
PRO CA  C    sing N N 342 
PRO CA  CB   sing N N 343 
PRO CA  HA   sing N N 344 
PRO C   O    doub N N 345 
PRO C   OXT  sing N N 346 
PRO CB  CG   sing N N 347 
PRO CB  HB2  sing N N 348 
PRO CB  HB3  sing N N 349 
PRO CG  CD   sing N N 350 
PRO CG  HG2  sing N N 351 
PRO CG  HG3  sing N N 352 
PRO CD  HD2  sing N N 353 
PRO CD  HD3  sing N N 354 
PRO OXT HXT  sing N N 355 
SER N   CA   sing N N 356 
SER N   H    sing N N 357 
SER N   H2   sing N N 358 
SER CA  C    sing N N 359 
SER CA  CB   sing N N 360 
SER CA  HA   sing N N 361 
SER C   O    doub N N 362 
SER C   OXT  sing N N 363 
SER CB  OG   sing N N 364 
SER CB  HB2  sing N N 365 
SER CB  HB3  sing N N 366 
SER OG  HG   sing N N 367 
SER OXT HXT  sing N N 368 
SO4 S   O1   doub N N 369 
SO4 S   O2   doub N N 370 
SO4 S   O3   sing N N 371 
SO4 S   O4   sing N N 372 
THR N   CA   sing N N 373 
THR N   H    sing N N 374 
THR N   H2   sing N N 375 
THR CA  C    sing N N 376 
THR CA  CB   sing N N 377 
THR CA  HA   sing N N 378 
THR C   O    doub N N 379 
THR C   OXT  sing N N 380 
THR CB  OG1  sing N N 381 
THR CB  CG2  sing N N 382 
THR CB  HB   sing N N 383 
THR OG1 HG1  sing N N 384 
THR CG2 HG21 sing N N 385 
THR CG2 HG22 sing N N 386 
THR CG2 HG23 sing N N 387 
THR OXT HXT  sing N N 388 
TYR N   CA   sing N N 389 
TYR N   H    sing N N 390 
TYR N   H2   sing N N 391 
TYR CA  C    sing N N 392 
TYR CA  CB   sing N N 393 
TYR CA  HA   sing N N 394 
TYR C   O    doub N N 395 
TYR C   OXT  sing N N 396 
TYR CB  CG   sing N N 397 
TYR CB  HB2  sing N N 398 
TYR CB  HB3  sing N N 399 
TYR CG  CD1  doub Y N 400 
TYR CG  CD2  sing Y N 401 
TYR CD1 CE1  sing Y N 402 
TYR CD1 HD1  sing N N 403 
TYR CD2 CE2  doub Y N 404 
TYR CD2 HD2  sing N N 405 
TYR CE1 CZ   doub Y N 406 
TYR CE1 HE1  sing N N 407 
TYR CE2 CZ   sing Y N 408 
TYR CE2 HE2  sing N N 409 
TYR CZ  OH   sing N N 410 
TYR OH  HH   sing N N 411 
TYR OXT HXT  sing N N 412 
VAL N   CA   sing N N 413 
VAL N   H    sing N N 414 
VAL N   H2   sing N N 415 
VAL CA  C    sing N N 416 
VAL CA  CB   sing N N 417 
VAL CA  HA   sing N N 418 
VAL C   O    doub N N 419 
VAL C   OXT  sing N N 420 
VAL CB  CG1  sing N N 421 
VAL CB  CG2  sing N N 422 
VAL CB  HB   sing N N 423 
VAL CG1 HG11 sing N N 424 
VAL CG1 HG12 sing N N 425 
VAL CG1 HG13 sing N N 426 
VAL CG2 HG21 sing N N 427 
VAL CG2 HG22 sing N N 428 
VAL CG2 HG23 sing N N 429 
VAL OXT HXT  sing N N 430 
# 
_pdbx_initial_refinement_model.id               1 
_pdbx_initial_refinement_model.entity_id_list   ? 
_pdbx_initial_refinement_model.type             'experimental model' 
_pdbx_initial_refinement_model.source_name      PDB 
_pdbx_initial_refinement_model.accession_code   5W37 
_pdbx_initial_refinement_model.details          'PDB entry 5W37' 
# 
_atom_sites.entry_id                    5W3A 
_atom_sites.fract_transf_matrix[1][1]   -0.00253277 
_atom_sites.fract_transf_matrix[1][2]   0.00376574 
_atom_sites.fract_transf_matrix[1][3]   -0.00451709 
_atom_sites.fract_transf_matrix[2][1]   -0.00599067 
_atom_sites.fract_transf_matrix[2][2]   -0.00101043 
_atom_sites.fract_transf_matrix[2][3]   -0.00202220 
_atom_sites.fract_transf_matrix[3][1]   -0.00678384 
_atom_sites.fract_transf_matrix[3][2]   0.01221977 
_atom_sites.fract_transf_matrix[3][3]   0.01399096 
_atom_sites.fract_transf_vector[1]      -0.117713 
_atom_sites.fract_transf_vector[2]      -0.500153 
_atom_sites.fract_transf_vector[3]      0.323086 
# 
loop_
_atom_type.symbol 
C 
N 
O 
S 
# 
loop_
_atom_site.group_PDB 
_atom_site.id 
_atom_site.type_symbol 
_atom_site.label_atom_id 
_atom_site.label_alt_id 
_atom_site.label_comp_id 
_atom_site.label_asym_id 
_atom_site.label_entity_id 
_atom_site.label_seq_id 
_atom_site.pdbx_PDB_ins_code 
_atom_site.Cartn_x 
_atom_site.Cartn_y 
_atom_site.Cartn_z 
_atom_site.occupancy 
_atom_site.B_iso_or_equiv 
_atom_site.pdbx_formal_charge 
_atom_site.auth_seq_id 
_atom_site.auth_comp_id 
_atom_site.auth_asym_id 
_atom_site.auth_atom_id 
_atom_site.pdbx_PDB_model_num 
ATOM   1    N N   . MET A 1 1   ? -35.274 51.354  -30.238 1.00 71.56  ? 21  MET A N   1 
ATOM   2    C CA  . MET A 1 1   ? -35.148 50.112  -29.410 1.00 72.03  ? 21  MET A CA  1 
ATOM   3    C C   . MET A 1 1   ? -36.506 49.566  -28.949 1.00 64.34  ? 21  MET A C   1 
ATOM   4    O O   . MET A 1 1   ? -37.523 49.857  -29.556 1.00 60.79  ? 21  MET A O   1 
ATOM   5    C CB  . MET A 1 1   ? -34.130 50.269  -28.257 1.00 77.91  ? 21  MET A CB  1 
ATOM   6    C CG  . MET A 1 1   ? -34.221 51.573  -27.475 1.00 98.54  ? 21  MET A CG  1 
ATOM   7    S SD  . MET A 1 1   ? -35.426 51.587  -26.122 1.00 124.66 ? 21  MET A SD  1 
ATOM   8    C CE  . MET A 1 1   ? -35.415 53.329  -25.653 1.00 101.19 ? 21  MET A CE  1 
ATOM   9    N N   . LYS A 1 2   ? -36.482 48.741  -27.905 1.00 60.95  ? 22  LYS A N   1 
ATOM   10   C CA  . LYS A 1 2   ? -37.613 47.978  -27.383 1.00 58.07  ? 22  LYS A CA  1 
ATOM   11   C C   . LYS A 1 2   ? -37.138 47.344  -26.084 1.00 60.96  ? 22  LYS A C   1 
ATOM   12   O O   . LYS A 1 2   ? -35.934 47.138  -25.885 1.00 69.99  ? 22  LYS A O   1 
ATOM   13   C CB  . LYS A 1 2   ? -38.005 46.872  -28.337 1.00 56.05  ? 22  LYS A CB  1 
ATOM   14   C CG  . LYS A 1 2   ? -39.244 47.157  -29.136 1.00 62.50  ? 22  LYS A CG  1 
ATOM   15   C CD  . LYS A 1 2   ? -39.173 46.387  -30.447 1.00 72.32  ? 22  LYS A CD  1 
ATOM   16   C CE  . LYS A 1 2   ? -40.536 45.961  -30.989 1.00 76.54  ? 22  LYS A CE  1 
ATOM   17   N NZ  . LYS A 1 2   ? -41.433 47.102  -31.317 1.00 75.88  ? 22  LYS A NZ  1 
ATOM   18   N N   . GLU A 1 3   ? -38.072 47.018  -25.203 1.00 56.45  ? 23  GLU A N   1 
ATOM   19   C CA  . GLU A 1 3   ? -37.719 46.573  -23.863 1.00 54.96  ? 23  GLU A CA  1 
ATOM   20   C C   . GLU A 1 3   ? -38.096 45.120  -23.664 1.00 53.05  ? 23  GLU A C   1 
ATOM   21   O O   . GLU A 1 3   ? -39.163 44.670  -24.097 1.00 53.93  ? 23  GLU A O   1 
ATOM   22   C CB  . GLU A 1 3   ? -38.406 47.431  -22.811 1.00 62.64  ? 23  GLU A CB  1 
ATOM   23   C CG  . GLU A 1 3   ? -38.129 48.931  -22.913 1.00 69.95  ? 23  GLU A CG  1 
ATOM   24   C CD  . GLU A 1 3   ? -38.877 49.744  -21.862 1.00 73.25  ? 23  GLU A CD  1 
ATOM   25   O OE1 . GLU A 1 3   ? -39.150 50.936  -22.128 1.00 67.39  ? 23  GLU A OE1 1 
ATOM   26   O OE2 . GLU A 1 3   ? -39.193 49.193  -20.774 1.00 78.77  ? 23  GLU A OE2 1 
ATOM   27   N N   . TYR A 1 4   ? -37.215 44.375  -23.011 1.00 48.14  ? 24  TYR A N   1 
ATOM   28   C CA  . TYR A 1 4   ? -37.449 42.946  -22.842 1.00 45.85  ? 24  TYR A CA  1 
ATOM   29   C C   . TYR A 1 4   ? -37.394 42.573  -21.365 1.00 46.66  ? 24  TYR A C   1 
ATOM   30   O O   . TYR A 1 4   ? -36.704 43.235  -20.596 1.00 46.62  ? 24  TYR A O   1 
ATOM   31   C CB  . TYR A 1 4   ? -36.428 42.149  -23.633 1.00 40.51  ? 24  TYR A CB  1 
ATOM   32   C CG  . TYR A 1 4   ? -36.464 42.312  -25.135 1.00 40.30  ? 24  TYR A CG  1 
ATOM   33   C CD1 . TYR A 1 4   ? -35.958 43.485  -25.777 1.00 40.37  ? 24  TYR A CD1 1 
ATOM   34   C CD2 . TYR A 1 4   ? -36.944 41.271  -25.945 1.00 40.68  ? 24  TYR A CD2 1 
ATOM   35   C CE1 . TYR A 1 4   ? -35.967 43.623  -27.179 1.00 40.32  ? 24  TYR A CE1 1 
ATOM   36   C CE2 . TYR A 1 4   ? -36.941 41.390  -27.342 1.00 45.44  ? 24  TYR A CE2 1 
ATOM   37   C CZ  . TYR A 1 4   ? -36.455 42.562  -27.961 1.00 44.29  ? 24  TYR A CZ  1 
ATOM   38   O OH  . TYR A 1 4   ? -36.467 42.629  -29.345 1.00 47.34  ? 24  TYR A OH  1 
ATOM   39   N N   . THR A 1 5   ? -38.150 41.548  -20.979 1.00 46.70  ? 25  THR A N   1 
ATOM   40   C CA  . THR A 1 5   ? -38.121 40.993  -19.626 1.00 53.14  ? 25  THR A CA  1 
ATOM   41   C C   . THR A 1 5   ? -37.614 39.572  -19.765 1.00 51.11  ? 25  THR A C   1 
ATOM   42   O O   . THR A 1 5   ? -38.115 38.805  -20.605 1.00 52.55  ? 25  THR A O   1 
ATOM   43   C CB  . THR A 1 5   ? -39.526 40.985  -18.926 1.00 58.48  ? 25  THR A CB  1 
ATOM   44   O OG1 . THR A 1 5   ? -40.088 42.299  -18.918 1.00 62.55  ? 25  THR A OG1 1 
ATOM   45   C CG2 . THR A 1 5   ? -39.439 40.506  -17.452 1.00 61.24  ? 25  THR A CG2 1 
ATOM   46   N N   . LEU A 1 6   ? -36.642 39.220  -18.928 1.00 49.34  ? 26  LEU A N   1 
ATOM   47   C CA  . LEU A 1 6   ? -36.076 37.866  -18.907 1.00 52.41  ? 26  LEU A CA  1 
ATOM   48   C C   . LEU A 1 6   ? -37.143 36.813  -18.667 1.00 54.53  ? 26  LEU A C   1 
ATOM   49   O O   . LEU A 1 6   ? -38.077 37.041  -17.909 1.00 65.60  ? 26  LEU A O   1 
ATOM   50   C CB  . LEU A 1 6   ? -35.045 37.724  -17.798 1.00 50.31  ? 26  LEU A CB  1 
ATOM   51   C CG  . LEU A 1 6   ? -33.935 38.748  -17.693 1.00 51.12  ? 26  LEU A CG  1 
ATOM   52   C CD1 . LEU A 1 6   ? -34.367 39.916  -16.796 1.00 56.33  ? 26  LEU A CD1 1 
ATOM   53   C CD2 . LEU A 1 6   ? -32.749 38.015  -17.121 1.00 48.29  ? 26  LEU A CD2 1 
ATOM   54   N N   . ASP A 1 7   ? -37.021 35.680  -19.345 1.00 52.53  ? 27  ASP A N   1 
ATOM   55   C CA  . ASP A 1 7   ? -37.743 34.488  -18.966 1.00 53.53  ? 27  ASP A CA  1 
ATOM   56   C C   . ASP A 1 7   ? -36.792 33.792  -17.996 1.00 55.49  ? 27  ASP A C   1 
ATOM   57   O O   . ASP A 1 7   ? -35.870 33.079  -18.412 1.00 57.09  ? 27  ASP A O   1 
ATOM   58   C CB  . ASP A 1 7   ? -38.079 33.630  -20.206 1.00 57.71  ? 27  ASP A CB  1 
ATOM   59   C CG  . ASP A 1 7   ? -38.906 32.352  -19.885 1.00 61.72  ? 27  ASP A CG  1 
ATOM   60   O OD1 . ASP A 1 7   ? -39.074 31.969  -18.693 1.00 62.78  ? 27  ASP A OD1 1 
ATOM   61   O OD2 . ASP A 1 7   ? -39.380 31.709  -20.862 1.00 60.30  ? 27  ASP A OD2 1 
ATOM   62   N N   . LYS A 1 8   ? -37.006 34.036  -16.703 1.00 56.22  ? 28  LYS A N   1 
ATOM   63   C CA  . LYS A 1 8   ? -36.237 33.415  -15.635 1.00 54.73  ? 28  LYS A CA  1 
ATOM   64   C C   . LYS A 1 8   ? -36.125 31.879  -15.776 1.00 53.41  ? 28  LYS A C   1 
ATOM   65   O O   . LYS A 1 8   ? -35.092 31.284  -15.429 1.00 53.42  ? 28  LYS A O   1 
ATOM   66   C CB  . LYS A 1 8   ? -36.825 33.805  -14.285 1.00 60.05  ? 28  LYS A CB  1 
ATOM   67   C CG  . LYS A 1 8   ? -36.254 35.085  -13.670 1.00 65.56  ? 28  LYS A CG  1 
ATOM   68   C CD  . LYS A 1 8   ? -36.225 34.952  -12.136 1.00 80.44  ? 28  LYS A CD  1 
ATOM   69   C CE  . LYS A 1 8   ? -36.575 36.228  -11.384 1.00 80.29  ? 28  LYS A CE  1 
ATOM   70   N NZ  . LYS A 1 8   ? -35.601 37.295  -11.732 1.00 74.33  ? 28  LYS A NZ  1 
ATOM   71   N N   . ALA A 1 9   ? -37.164 31.254  -16.326 1.00 52.35  ? 29  ALA A N   1 
ATOM   72   C CA  . ALA A 1 9   ? -37.194 29.804  -16.539 1.00 50.45  ? 29  ALA A CA  1 
ATOM   73   C C   . ALA A 1 9   ? -36.199 29.287  -17.567 1.00 51.51  ? 29  ALA A C   1 
ATOM   74   O O   . ALA A 1 9   ? -35.851 28.115  -17.523 1.00 52.48  ? 29  ALA A O   1 
ATOM   75   C CB  . ALA A 1 9   ? -38.596 29.353  -16.899 1.00 52.36  ? 29  ALA A CB  1 
ATOM   76   N N   . HIS A 1 10  ? -35.764 30.141  -18.495 1.00 55.68  ? 30  HIS A N   1 
ATOM   77   C CA  . HIS A 1 10  ? -34.785 29.760  -19.545 1.00 60.57  ? 30  HIS A CA  1 
ATOM   78   C C   . HIS A 1 10  ? -33.560 30.681  -19.612 1.00 60.05  ? 30  HIS A C   1 
ATOM   79   O O   . HIS A 1 10  ? -32.934 30.855  -20.667 1.00 58.86  ? 30  HIS A O   1 
ATOM   80   C CB  . HIS A 1 10  ? -35.465 29.679  -20.911 1.00 64.87  ? 30  HIS A CB  1 
ATOM   81   C CG  . HIS A 1 10  ? -36.487 28.600  -20.990 1.00 69.10  ? 30  HIS A CG  1 
ATOM   82   N ND1 . HIS A 1 10  ? -37.795 28.789  -20.591 1.00 68.45  ? 30  HIS A ND1 1 
ATOM   83   C CD2 . HIS A 1 10  ? -36.388 27.309  -21.382 1.00 72.30  ? 30  HIS A CD2 1 
ATOM   84   C CE1 . HIS A 1 10  ? -38.467 27.664  -20.751 1.00 73.13  ? 30  HIS A CE1 1 
ATOM   85   N NE2 . HIS A 1 10  ? -37.637 26.752  -21.233 1.00 80.64  ? 30  HIS A NE2 1 
ATOM   86   N N   . THR A 1 11  ? -33.243 31.274  -18.471 1.00 57.78  ? 31  THR A N   1 
ATOM   87   C CA  . THR A 1 11  ? -32.103 32.153  -18.318 1.00 52.92  ? 31  THR A CA  1 
ATOM   88   C C   . THR A 1 11  ? -31.243 31.526  -17.240 1.00 51.84  ? 31  THR A C   1 
ATOM   89   O O   . THR A 1 11  ? -31.756 31.068  -16.226 1.00 61.99  ? 31  THR A O   1 
ATOM   90   C CB  . THR A 1 11  ? -32.564 33.583  -17.958 1.00 50.17  ? 31  THR A CB  1 
ATOM   91   O OG1 . THR A 1 11  ? -33.185 34.170  -19.109 1.00 49.34  ? 31  THR A OG1 1 
ATOM   92   C CG2 . THR A 1 11  ? -31.407 34.459  -17.528 1.00 48.67  ? 31  THR A CG2 1 
ATOM   93   N N   . ASP A 1 12  ? -29.945 31.466  -17.497 1.00 50.73  ? 32  ASP A N   1 
ATOM   94   C CA  . ASP A 1 12  ? -28.969 30.979  -16.545 1.00 51.21  ? 32  ASP A CA  1 
ATOM   95   C C   . ASP A 1 12  ? -27.887 32.062  -16.331 1.00 50.13  ? 32  ASP A C   1 
ATOM   96   O O   . ASP A 1 12  ? -27.214 32.460  -17.296 1.00 49.14  ? 32  ASP A O   1 
ATOM   97   C CB  . ASP A 1 12  ? -28.361 29.677  -17.082 1.00 53.40  ? 32  ASP A CB  1 
ATOM   98   C CG  . ASP A 1 12  ? -27.541 28.936  -16.034 1.00 59.83  ? 32  ASP A CG  1 
ATOM   99   O OD1 . ASP A 1 12  ? -28.175 28.268  -15.190 1.00 58.64  ? 32  ASP A OD1 1 
ATOM   100  O OD2 . ASP A 1 12  ? -26.279 29.022  -16.055 1.00 62.60  ? 32  ASP A OD2 1 
ATOM   101  N N   . VAL A 1 13  ? -27.730 32.573  -15.105 1.00 44.68  ? 33  VAL A N   1 
ATOM   102  C CA  . VAL A 1 13  ? -26.623 33.510  -14.881 1.00 43.03  ? 33  VAL A CA  1 
ATOM   103  C C   . VAL A 1 13  ? -25.470 32.696  -14.311 1.00 47.89  ? 33  VAL A C   1 
ATOM   104  O O   . VAL A 1 13  ? -25.387 32.525  -13.096 1.00 55.26  ? 33  VAL A O   1 
ATOM   105  C CB  . VAL A 1 13  ? -27.021 34.695  -13.985 1.00 39.72  ? 33  VAL A CB  1 
ATOM   106  C CG1 . VAL A 1 13  ? -25.894 35.716  -13.898 1.00 35.40  ? 33  VAL A CG1 1 
ATOM   107  C CG2 . VAL A 1 13  ? -28.285 35.347  -14.523 1.00 37.85  ? 33  VAL A CG2 1 
ATOM   108  N N   . GLY A 1 14  ? -24.604 32.181  -15.192 1.00 48.28  ? 34  GLY A N   1 
ATOM   109  C CA  . GLY A 1 14  ? -23.648 31.118  -14.844 1.00 47.75  ? 34  GLY A CA  1 
ATOM   110  C C   . GLY A 1 14  ? -22.173 31.485  -14.814 1.00 50.28  ? 34  GLY A C   1 
ATOM   111  O O   . GLY A 1 14  ? -21.767 32.501  -15.388 1.00 57.44  ? 34  GLY A O   1 
ATOM   112  N N   . PHE A 1 15  ? -21.373 30.647  -14.149 1.00 46.91  ? 35  PHE A N   1 
ATOM   113  C CA  . PHE A 1 15  ? -19.920 30.824  -14.039 1.00 47.22  ? 35  PHE A CA  1 
ATOM   114  C C   . PHE A 1 15  ? -19.230 29.476  -13.822 1.00 48.02  ? 35  PHE A C   1 
ATOM   115  O O   . PHE A 1 15  ? -19.845 28.547  -13.290 1.00 44.62  ? 35  PHE A O   1 
ATOM   116  C CB  . PHE A 1 15  ? -19.575 31.773  -12.890 1.00 51.72  ? 35  PHE A CB  1 
ATOM   117  C CG  . PHE A 1 15  ? -20.019 31.271  -11.537 1.00 57.08  ? 35  PHE A CG  1 
ATOM   118  C CD1 . PHE A 1 15  ? -21.298 31.558  -11.055 1.00 59.23  ? 35  PHE A CD1 1 
ATOM   119  C CD2 . PHE A 1 15  ? -19.168 30.501  -10.746 1.00 57.94  ? 35  PHE A CD2 1 
ATOM   120  C CE1 . PHE A 1 15  ? -21.723 31.079  -9.826  1.00 59.15  ? 35  PHE A CE1 1 
ATOM   121  C CE2 . PHE A 1 15  ? -19.592 30.018  -9.521  1.00 58.73  ? 35  PHE A CE2 1 
ATOM   122  C CZ  . PHE A 1 15  ? -20.869 30.309  -9.061  1.00 59.15  ? 35  PHE A CZ  1 
ATOM   123  N N   . LYS A 1 16  ? -17.960 29.388  -14.233 1.00 48.33  ? 36  LYS A N   1 
ATOM   124  C CA  . LYS A 1 16  ? -17.131 28.188  -14.102 1.00 47.74  ? 36  LYS A CA  1 
ATOM   125  C C   . LYS A 1 16  ? -15.805 28.651  -13.573 1.00 47.02  ? 36  LYS A C   1 
ATOM   126  O O   . LYS A 1 16  ? -15.227 29.604  -14.097 1.00 51.93  ? 36  LYS A O   1 
ATOM   127  C CB  . LYS A 1 16  ? -16.909 27.508  -15.454 1.00 52.52  ? 36  LYS A CB  1 
ATOM   128  C CG  . LYS A 1 16  ? -17.944 26.448  -15.790 1.00 66.49  ? 36  LYS A CG  1 
ATOM   129  C CD  . LYS A 1 16  ? -17.871 25.979  -17.251 1.00 82.49  ? 36  LYS A CD  1 
ATOM   130  C CE  . LYS A 1 16  ? -19.072 25.091  -17.619 1.00 90.54  ? 36  LYS A CE  1 
ATOM   131  N NZ  . LYS A 1 16  ? -18.998 24.461  -18.970 1.00 89.09  ? 36  LYS A NZ  1 
ATOM   132  N N   . ILE A 1 17  ? -15.315 27.993  -12.531 1.00 42.94  ? 37  ILE A N   1 
ATOM   133  C CA  . ILE A 1 17  ? -14.006 28.327  -11.971 1.00 41.22  ? 37  ILE A CA  1 
ATOM   134  C C   . ILE A 1 17  ? -13.266 27.038  -11.616 1.00 43.16  ? 37  ILE A C   1 
ATOM   135  O O   . ILE A 1 17  ? -13.842 26.141  -10.997 1.00 43.76  ? 37  ILE A O   1 
ATOM   136  C CB  . ILE A 1 17  ? -14.145 29.309  -10.783 1.00 38.08  ? 37  ILE A CB  1 
ATOM   137  C CG1 . ILE A 1 17  ? -12.794 29.706  -10.242 1.00 36.78  ? 37  ILE A CG1 1 
ATOM   138  C CG2 . ILE A 1 17  ? -15.055 28.763  -9.678  1.00 39.33  ? 37  ILE A CG2 1 
ATOM   139  C CD1 . ILE A 1 17  ? -12.898 30.937  -9.397  1.00 36.90  ? 37  ILE A CD1 1 
ATOM   140  N N   . LYS A 1 18  ? -12.013 26.919  -12.037 1.00 46.76  ? 38  LYS A N   1 
ATOM   141  C CA  . LYS A 1 18  ? -11.277 25.672  -11.783 1.00 50.79  ? 38  LYS A CA  1 
ATOM   142  C C   . LYS A 1 18  ? -10.677 25.652  -10.361 1.00 49.38  ? 38  LYS A C   1 
ATOM   143  O O   . LYS A 1 18  ? -10.111 26.654  -9.887  1.00 47.03  ? 38  LYS A O   1 
ATOM   144  C CB  . LYS A 1 18  ? -10.161 25.451  -12.823 1.00 58.70  ? 38  LYS A CB  1 
ATOM   145  C CG  . LYS A 1 18  ? -10.568 25.057  -14.237 1.00 63.48  ? 38  LYS A CG  1 
ATOM   146  C CD  . LYS A 1 18  ? -9.482  25.497  -15.217 1.00 74.59  ? 38  LYS A CD  1 
ATOM   147  C CE  . LYS A 1 18  ? -9.873  25.267  -16.675 1.00 87.68  ? 38  LYS A CE  1 
ATOM   148  N NZ  . LYS A 1 18  ? -8.711  25.520  -17.581 1.00 97.28  ? 38  LYS A NZ  1 
ATOM   149  N N   . HIS A 1 19  ? -10.797 24.513  -9.684  1.00 47.55  ? 39  HIS A N   1 
ATOM   150  C CA  . HIS A 1 19  ? -10.033 24.301  -8.456  1.00 48.63  ? 39  HIS A CA  1 
ATOM   151  C C   . HIS A 1 19  ? -9.399  22.922  -8.321  1.00 50.19  ? 39  HIS A C   1 
ATOM   152  O O   . HIS A 1 19  ? -9.785  21.965  -8.999  1.00 48.21  ? 39  HIS A O   1 
ATOM   153  C CB  . HIS A 1 19  ? -10.850 24.651  -7.207  1.00 46.62  ? 39  HIS A CB  1 
ATOM   154  C CG  . HIS A 1 19  ? -11.925 23.663  -6.866  1.00 47.69  ? 39  HIS A CG  1 
ATOM   155  N ND1 . HIS A 1 19  ? -12.525 22.840  -7.803  1.00 47.98  ? 39  HIS A ND1 1 
ATOM   156  C CD2 . HIS A 1 19  ? -12.539 23.401  -5.685  1.00 49.39  ? 39  HIS A CD2 1 
ATOM   157  C CE1 . HIS A 1 19  ? -13.452 22.101  -7.213  1.00 46.69  ? 39  HIS A CE1 1 
ATOM   158  N NE2 . HIS A 1 19  ? -13.474 22.416  -5.927  1.00 50.54  ? 39  HIS A NE2 1 
ATOM   159  N N   . LEU A 1 20  ? -8.427  22.863  -7.413  1.00 49.55  ? 40  LEU A N   1 
ATOM   160  C CA  . LEU A 1 20  ? -7.725  21.657  -7.054  1.00 48.16  ? 40  LEU A CA  1 
ATOM   161  C C   . LEU A 1 20  ? -8.299  21.025  -5.798  1.00 50.35  ? 40  LEU A C   1 
ATOM   162  O O   . LEU A 1 20  ? -8.792  21.728  -4.914  1.00 54.80  ? 40  LEU A O   1 
ATOM   163  C CB  . LEU A 1 20  ? -6.261  21.997  -6.839  1.00 45.21  ? 40  LEU A CB  1 
ATOM   164  C CG  . LEU A 1 20  ? -5.476  22.353  -8.103  1.00 46.66  ? 40  LEU A CG  1 
ATOM   165  C CD1 . LEU A 1 20  ? -4.009  22.573  -7.740  1.00 42.87  ? 40  LEU A CD1 1 
ATOM   166  C CD2 . LEU A 1 20  ? -5.626  21.294  -9.203  1.00 45.08  ? 40  LEU A CD2 1 
ATOM   167  N N   . GLN A 1 21  ? -8.240  19.696  -5.733  1.00 52.50  ? 41  GLN A N   1 
ATOM   168  C CA  . GLN A 1 21  ? -8.617  18.937  -4.535  1.00 54.47  ? 41  GLN A CA  1 
ATOM   169  C C   . GLN A 1 21  ? -7.641  17.799  -4.222  1.00 55.61  ? 41  GLN A C   1 
ATOM   170  O O   . GLN A 1 21  ? -7.408  16.906  -5.055  1.00 57.19  ? 41  GLN A O   1 
ATOM   171  C CB  . GLN A 1 21  ? -10.015 18.380  -4.682  1.00 53.83  ? 41  GLN A CB  1 
ATOM   172  C CG  . GLN A 1 21  ? -11.025 19.450  -4.969  1.00 59.78  ? 41  GLN A CG  1 
ATOM   173  C CD  . GLN A 1 21  ? -12.415 19.045  -4.563  1.00 71.56  ? 41  GLN A CD  1 
ATOM   174  O OE1 . GLN A 1 21  ? -13.022 18.196  -5.213  1.00 72.40  ? 41  GLN A OE1 1 
ATOM   175  N NE2 . GLN A 1 21  ? -12.943 19.664  -3.488  1.00 78.13  ? 41  GLN A NE2 1 
ATOM   176  N N   . ILE A 1 22  ? -7.079  17.846  -3.014  1.00 52.46  ? 42  ILE A N   1 
ATOM   177  C CA  . ILE A 1 22  ? -6.238  16.772  -2.487  1.00 48.41  ? 42  ILE A CA  1 
ATOM   178  C C   . ILE A 1 22  ? -7.140  15.680  -1.900  1.00 48.80  ? 42  ILE A C   1 
ATOM   179  O O   . ILE A 1 22  ? -8.122  15.977  -1.234  1.00 47.28  ? 42  ILE A O   1 
ATOM   180  C CB  . ILE A 1 22  ? -5.205  17.320  -1.468  1.00 48.14  ? 42  ILE A CB  1 
ATOM   181  C CG1 . ILE A 1 22  ? -4.086  16.300  -1.182  1.00 47.97  ? 42  ILE A CG1 1 
ATOM   182  C CG2 . ILE A 1 22  ? -5.887  17.854  -0.208  1.00 47.17  ? 42  ILE A CG2 1 
ATOM   183  C CD1 . ILE A 1 22  ? -2.704  16.904  -0.934  1.00 46.35  ? 42  ILE A CD1 1 
ATOM   184  N N   . SER A 1 23  ? -6.830  14.425  -2.217  1.00 53.30  ? 43  SER A N   1 
ATOM   185  C CA  . SER A 1 23  ? -7.492  13.241  -1.657  1.00 54.41  ? 43  SER A CA  1 
ATOM   186  C C   . SER A 1 23  ? -6.465  12.109  -1.606  1.00 59.76  ? 43  SER A C   1 
ATOM   187  O O   . SER A 1 23  ? -5.422  12.169  -2.276  1.00 58.69  ? 43  SER A O   1 
ATOM   188  C CB  . SER A 1 23  ? -8.699  12.837  -2.502  1.00 52.81  ? 43  SER A CB  1 
ATOM   189  O OG  . SER A 1 23  ? -8.302  12.447  -3.803  1.00 54.39  ? 43  SER A OG  1 
ATOM   190  N N   . ASN A 1 24  ? -6.746  11.092  -0.792  1.00 68.07  ? 44  ASN A N   1 
ATOM   191  C CA  . ASN A 1 24  ? -5.898  9.891   -0.718  1.00 67.22  ? 44  ASN A CA  1 
ATOM   192  C C   . ASN A 1 24  ? -6.416  8.818   -1.668  1.00 59.67  ? 44  ASN A C   1 
ATOM   193  O O   . ASN A 1 24  ? -7.596  8.496   -1.621  1.00 63.91  ? 44  ASN A O   1 
ATOM   194  C CB  . ASN A 1 24  ? -5.866  9.340   0.721   1.00 77.61  ? 44  ASN A CB  1 
ATOM   195  C CG  . ASN A 1 24  ? -4.637  9.793   1.504   1.00 92.12  ? 44  ASN A CG  1 
ATOM   196  O OD1 . ASN A 1 24  ? -4.524  10.959  1.890   1.00 111.92 ? 44  ASN A OD1 1 
ATOM   197  N ND2 . ASN A 1 24  ? -3.712  8.864   1.748   1.00 101.05 ? 44  ASN A ND2 1 
ATOM   198  N N   . VAL A 1 25  ? -5.561  8.275   -2.534  1.00 53.95  ? 45  VAL A N   1 
ATOM   199  C CA  . VAL A 1 25  ? -5.863  6.972   -3.159  1.00 51.48  ? 45  VAL A CA  1 
ATOM   200  C C   . VAL A 1 25  ? -5.478  5.886   -2.143  1.00 51.18  ? 45  VAL A C   1 
ATOM   201  O O   . VAL A 1 25  ? -4.294  5.792   -1.749  1.00 50.55  ? 45  VAL A O   1 
ATOM   202  C CB  . VAL A 1 25  ? -5.091  6.710   -4.470  1.00 51.99  ? 45  VAL A CB  1 
ATOM   203  C CG1 . VAL A 1 25  ? -5.720  5.534   -5.222  1.00 50.38  ? 45  VAL A CG1 1 
ATOM   204  C CG2 . VAL A 1 25  ? -5.037  7.953   -5.342  1.00 48.38  ? 45  VAL A CG2 1 
ATOM   205  N N   . LYS A 1 26  ? -6.488  5.131   -1.688  1.00 46.48  ? 46  LYS A N   1 
ATOM   206  C CA  . LYS A 1 26  ? -6.318  3.941   -0.840  1.00 47.28  ? 46  LYS A CA  1 
ATOM   207  C C   . LYS A 1 26  ? -6.441  2.726   -1.780  1.00 50.30  ? 46  LYS A C   1 
ATOM   208  O O   . LYS A 1 26  ? -7.090  2.812   -2.814  1.00 58.29  ? 46  LYS A O   1 
ATOM   209  C CB  . LYS A 1 26  ? -7.327  3.910   0.332   1.00 39.83  ? 46  LYS A CB  1 
ATOM   210  N N   . GLY A 1 27  ? -5.771  1.625   -1.462  1.00 54.71  ? 47  GLY A N   1 
ATOM   211  C CA  . GLY A 1 27  ? -5.737  0.445   -2.328  1.00 50.79  ? 47  GLY A CA  1 
ATOM   212  C C   . GLY A 1 27  ? -5.047  -0.689  -1.614  1.00 51.86  ? 47  GLY A C   1 
ATOM   213  O O   . GLY A 1 27  ? -4.298  -0.460  -0.671  1.00 55.75  ? 47  GLY A O   1 
ATOM   214  N N   . ASN A 1 28  ? -5.334  -1.913  -2.039  1.00 54.68  ? 48  ASN A N   1 
ATOM   215  C CA  . ASN A 1 28  ? -4.627  -3.130  -1.575  1.00 52.85  ? 48  ASN A CA  1 
ATOM   216  C C   . ASN A 1 28  ? -4.236  -4.036  -2.760  1.00 52.07  ? 48  ASN A C   1 
ATOM   217  O O   . ASN A 1 28  ? -4.158  -3.562  -3.898  1.00 52.28  ? 48  ASN A O   1 
ATOM   218  C CB  . ASN A 1 28  ? -5.477  -3.898  -0.555  1.00 49.46  ? 48  ASN A CB  1 
ATOM   219  C CG  . ASN A 1 28  ? -6.850  -4.223  -1.075  1.00 47.57  ? 48  ASN A CG  1 
ATOM   220  O OD1 . ASN A 1 28  ? -7.112  -4.149  -2.271  1.00 47.48  ? 48  ASN A OD1 1 
ATOM   221  N ND2 . ASN A 1 28  ? -7.742  -4.579  -0.178  1.00 51.28  ? 48  ASN A ND2 1 
ATOM   222  N N   . PHE A 1 29  ? -3.979  -5.318  -2.500  1.00 51.72  ? 49  PHE A N   1 
ATOM   223  C CA  . PHE A 1 29  ? -3.743  -6.289  -3.574  1.00 50.26  ? 49  PHE A CA  1 
ATOM   224  C C   . PHE A 1 29  ? -4.437  -7.570  -3.173  1.00 54.10  ? 49  PHE A C   1 
ATOM   225  O O   . PHE A 1 29  ? -4.274  -7.994  -2.014  1.00 56.72  ? 49  PHE A O   1 
ATOM   226  C CB  . PHE A 1 29  ? -2.259  -6.577  -3.729  1.00 47.75  ? 49  PHE A CB  1 
ATOM   227  C CG  . PHE A 1 29  ? -1.418  -5.383  -4.108  1.00 48.66  ? 49  PHE A CG  1 
ATOM   228  C CD1 . PHE A 1 29  ? -0.939  -4.497  -3.139  1.00 48.21  ? 49  PHE A CD1 1 
ATOM   229  C CD2 . PHE A 1 29  ? -1.036  -5.176  -5.431  1.00 47.57  ? 49  PHE A CD2 1 
ATOM   230  C CE1 . PHE A 1 29  ? -0.132  -3.408  -3.492  1.00 46.82  ? 49  PHE A CE1 1 
ATOM   231  C CE2 . PHE A 1 29  ? -0.230  -4.093  -5.780  1.00 45.53  ? 49  PHE A CE2 1 
ATOM   232  C CZ  . PHE A 1 29  ? 0.227   -3.210  -4.808  1.00 45.05  ? 49  PHE A CZ  1 
ATOM   233  N N   . LYS A 1 30  ? -5.201  -8.165  -4.111  1.00 55.41  ? 50  LYS A N   1 
ATOM   234  C CA  . LYS A 1 30  ? -6.015  -9.393  -3.878  1.00 58.70  ? 50  LYS A CA  1 
ATOM   235  C C   . LYS A 1 30  ? -5.175  -10.684 -3.903  1.00 60.91  ? 50  LYS A C   1 
ATOM   236  O O   . LYS A 1 30  ? -5.506  -11.677 -3.245  1.00 63.87  ? 50  LYS A O   1 
ATOM   237  C CB  . LYS A 1 30  ? -7.214  -9.493  -4.851  1.00 56.38  ? 50  LYS A CB  1 
ATOM   238  N N   . ASP A 1 31  ? -4.061  -10.645 -4.628  1.00 62.96  ? 51  ASP A N   1 
ATOM   239  C CA  . ASP A 1 31  ? -3.226  -11.820 -4.837  1.00 63.68  ? 51  ASP A CA  1 
ATOM   240  C C   . ASP A 1 31  ? -1.757  -11.594 -4.391  1.00 57.40  ? 51  ASP A C   1 
ATOM   241  O O   . ASP A 1 31  ? -0.987  -10.864 -5.035  1.00 57.30  ? 51  ASP A O   1 
ATOM   242  C CB  . ASP A 1 31  ? -3.353  -12.243 -6.315  1.00 74.70  ? 51  ASP A CB  1 
ATOM   243  C CG  . ASP A 1 31  ? -2.746  -13.596 -6.606  1.00 87.04  ? 51  ASP A CG  1 
ATOM   244  O OD1 . ASP A 1 31  ? -2.629  -14.438 -5.683  1.00 103.63 ? 51  ASP A OD1 1 
ATOM   245  O OD2 . ASP A 1 31  ? -2.393  -13.818 -7.784  1.00 93.91  ? 51  ASP A OD2 1 
ATOM   246  N N   . TYR A 1 32  ? -1.391  -12.218 -3.272  1.00 52.18  ? 52  TYR A N   1 
ATOM   247  C CA  . TYR A 1 32  ? -0.044  -12.118 -2.669  1.00 51.08  ? 52  TYR A CA  1 
ATOM   248  C C   . TYR A 1 32  ? 0.205   -13.404 -1.913  1.00 53.90  ? 52  TYR A C   1 
ATOM   249  O O   . TYR A 1 32  ? -0.729  -14.156 -1.637  1.00 60.95  ? 52  TYR A O   1 
ATOM   250  C CB  . TYR A 1 32  ? 0.040   -10.941 -1.674  1.00 47.56  ? 52  TYR A CB  1 
ATOM   251  C CG  . TYR A 1 32  ? -1.089  -10.946 -0.641  1.00 44.68  ? 52  TYR A CG  1 
ATOM   252  C CD1 . TYR A 1 32  ? -2.348  -10.412 -0.966  1.00 43.41  ? 52  TYR A CD1 1 
ATOM   253  C CD2 . TYR A 1 32  ? -0.913  -11.503 0.644   1.00 41.65  ? 52  TYR A CD2 1 
ATOM   254  C CE1 . TYR A 1 32  ? -3.397  -10.421 -0.061  1.00 45.36  ? 52  TYR A CE1 1 
ATOM   255  C CE2 . TYR A 1 32  ? -1.965  -11.524 1.564   1.00 44.39  ? 52  TYR A CE2 1 
ATOM   256  C CZ  . TYR A 1 32  ? -3.210  -10.976 1.206   1.00 48.16  ? 52  TYR A CZ  1 
ATOM   257  O OH  . TYR A 1 32  ? -4.300  -10.964 2.068   1.00 50.36  ? 52  TYR A OH  1 
ATOM   258  N N   . SER A 1 33  ? 1.446   -13.655 -1.535  1.00 56.21  ? 53  SER A N   1 
ATOM   259  C CA  . SER A 1 33  ? 1.729   -14.778 -0.646  1.00 58.83  ? 53  SER A CA  1 
ATOM   260  C C   . SER A 1 33  ? 2.809   -14.385 0.358   1.00 61.41  ? 53  SER A C   1 
ATOM   261  O O   . SER A 1 33  ? 3.667   -13.531 0.058   1.00 66.41  ? 53  SER A O   1 
ATOM   262  C CB  . SER A 1 33  ? 2.177   -15.987 -1.462  1.00 59.58  ? 53  SER A CB  1 
ATOM   263  O OG  . SER A 1 33  ? 3.576   -15.933 -1.694  1.00 62.92  ? 53  SER A OG  1 
ATOM   264  N N   . ALA A 1 34  ? 2.783   -14.999 1.536   1.00 55.97  ? 54  ALA A N   1 
ATOM   265  C CA  . ALA A 1 34  ? 3.865   -14.773 2.491   1.00 53.29  ? 54  ALA A CA  1 
ATOM   266  C C   . ALA A 1 34  ? 4.304   -16.017 3.212   1.00 51.31  ? 54  ALA A C   1 
ATOM   267  O O   . ALA A 1 34  ? 3.495   -16.917 3.463   1.00 54.84  ? 54  ALA A O   1 
ATOM   268  C CB  . ALA A 1 34  ? 3.495   -13.689 3.499   1.00 50.42  ? 54  ALA A CB  1 
ATOM   269  N N   . VAL A 1 35  ? 5.595   -16.037 3.539   1.00 49.35  ? 55  VAL A N   1 
ATOM   270  C CA  . VAL A 1 35  ? 6.179   -16.930 4.551   1.00 48.15  ? 55  VAL A CA  1 
ATOM   271  C C   . VAL A 1 35  ? 6.479   -16.146 5.857   1.00 46.39  ? 55  VAL A C   1 
ATOM   272  O O   . VAL A 1 35  ? 7.169   -15.120 5.850   1.00 45.02  ? 55  VAL A O   1 
ATOM   273  C CB  . VAL A 1 35  ? 7.401   -17.690 3.968   1.00 48.33  ? 55  VAL A CB  1 
ATOM   274  C CG1 . VAL A 1 35  ? 8.448   -18.039 5.026   1.00 45.86  ? 55  VAL A CG1 1 
ATOM   275  C CG2 . VAL A 1 35  ? 6.920   -18.939 3.239   1.00 51.72  ? 55  VAL A CG2 1 
ATOM   276  N N   . ILE A 1 36  ? 5.924   -16.636 6.963   1.00 43.17  ? 56  ILE A N   1 
ATOM   277  C CA  . ILE A 1 36  ? 5.985   -15.960 8.260   1.00 43.01  ? 56  ILE A CA  1 
ATOM   278  C C   . ILE A 1 36  ? 6.498   -16.878 9.416   1.00 44.79  ? 56  ILE A C   1 
ATOM   279  O O   . ILE A 1 36  ? 5.806   -17.833 9.828   1.00 44.75  ? 56  ILE A O   1 
ATOM   280  C CB  . ILE A 1 36  ? 4.595   -15.381 8.617   1.00 42.49  ? 56  ILE A CB  1 
ATOM   281  C CG1 . ILE A 1 36  ? 4.034   -14.540 7.467   1.00 39.78  ? 56  ILE A CG1 1 
ATOM   282  C CG2 . ILE A 1 36  ? 4.649   -14.597 9.926   1.00 42.94  ? 56  ILE A CG2 1 
ATOM   283  C CD1 . ILE A 1 36  ? 2.556   -14.240 7.598   1.00 39.79  ? 56  ILE A CD1 1 
ATOM   284  N N   . ASP A 1 37  ? 7.696   -16.577 9.932   1.00 44.82  ? 57  ASP A N   1 
ATOM   285  C CA  . ASP A 1 37  ? 8.267   -17.273 11.095  1.00 46.47  ? 57  ASP A CA  1 
ATOM   286  C C   . ASP A 1 37  ? 8.353   -16.358 12.310  1.00 48.13  ? 57  ASP A C   1 
ATOM   287  O O   . ASP A 1 37  ? 9.045   -15.329 12.286  1.00 46.49  ? 57  ASP A O   1 
ATOM   288  C CB  . ASP A 1 37  ? 9.662   -17.826 10.784  1.00 47.97  ? 57  ASP A CB  1 
ATOM   289  C CG  . ASP A 1 37  ? 9.636   -19.014 9.821   1.00 51.17  ? 57  ASP A CG  1 
ATOM   290  O OD1 . ASP A 1 37  ? 8.557   -19.605 9.558   1.00 52.13  ? 57  ASP A OD1 1 
ATOM   291  O OD2 . ASP A 1 37  ? 10.725  -19.373 9.329   1.00 51.77  ? 57  ASP A OD2 1 
ATOM   292  N N   . PHE A 1 38  ? 7.678   -16.768 13.383  1.00 46.78  ? 58  PHE A N   1 
ATOM   293  C CA  . PHE A 1 38  ? 7.490   -15.938 14.572  1.00 46.85  ? 58  PHE A CA  1 
ATOM   294  C C   . PHE A 1 38  ? 7.518   -16.783 15.859  1.00 49.44  ? 58  PHE A C   1 
ATOM   295  O O   . PHE A 1 38  ? 7.089   -17.942 15.869  1.00 54.20  ? 58  PHE A O   1 
ATOM   296  C CB  . PHE A 1 38  ? 6.162   -15.163 14.424  1.00 45.62  ? 58  PHE A CB  1 
ATOM   297  C CG  . PHE A 1 38  ? 5.863   -14.216 15.545  1.00 43.49  ? 58  PHE A CG  1 
ATOM   298  C CD1 . PHE A 1 38  ? 6.523   -12.984 15.634  1.00 42.03  ? 58  PHE A CD1 1 
ATOM   299  C CD2 . PHE A 1 38  ? 4.902   -14.545 16.511  1.00 44.07  ? 58  PHE A CD2 1 
ATOM   300  C CE1 . PHE A 1 38  ? 6.247   -12.109 16.672  1.00 42.30  ? 58  PHE A CE1 1 
ATOM   301  C CE2 . PHE A 1 38  ? 4.624   -13.673 17.559  1.00 43.15  ? 58  PHE A CE2 1 
ATOM   302  C CZ  . PHE A 1 38  ? 5.295   -12.456 17.636  1.00 42.98  ? 58  PHE A CZ  1 
ATOM   303  N N   . ASP A 1 39  ? 8.003   -16.186 16.945  1.00 48.40  ? 59  ASP A N   1 
ATOM   304  C CA  . ASP A 1 39  ? 8.205   -16.881 18.214  1.00 45.13  ? 59  ASP A CA  1 
ATOM   305  C C   . ASP A 1 39  ? 7.361   -16.250 19.309  1.00 44.39  ? 59  ASP A C   1 
ATOM   306  O O   . ASP A 1 39  ? 7.785   -15.248 19.910  1.00 44.56  ? 59  ASP A O   1 
ATOM   307  C CB  . ASP A 1 39  ? 9.682   -16.822 18.599  1.00 45.89  ? 59  ASP A CB  1 
ATOM   308  C CG  . ASP A 1 39  ? 10.017  -17.615 19.855  1.00 48.36  ? 59  ASP A CG  1 
ATOM   309  O OD1 . ASP A 1 39  ? 9.183   -18.387 20.416  1.00 48.44  ? 59  ASP A OD1 1 
ATOM   310  O OD2 . ASP A 1 39  ? 11.178  -17.453 20.271  1.00 51.09  ? 59  ASP A OD2 1 
ATOM   311  N N   . PRO A 1 40  ? 6.192   -16.855 19.608  1.00 40.65  ? 60  PRO A N   1 
ATOM   312  C CA  . PRO A 1 40  ? 5.301   -16.254 20.592  1.00 40.23  ? 60  PRO A CA  1 
ATOM   313  C C   . PRO A 1 40  ? 5.918   -16.171 21.998  1.00 40.25  ? 60  PRO A C   1 
ATOM   314  O O   . PRO A 1 40  ? 5.503   -15.322 22.791  1.00 41.76  ? 60  PRO A O   1 
ATOM   315  C CB  . PRO A 1 40  ? 4.063   -17.161 20.570  1.00 39.14  ? 60  PRO A CB  1 
ATOM   316  C CG  . PRO A 1 40  ? 4.231   -18.036 19.386  1.00 39.06  ? 60  PRO A CG  1 
ATOM   317  C CD  . PRO A 1 40  ? 5.700   -18.169 19.171  1.00 38.44  ? 60  PRO A CD  1 
ATOM   318  N N   . ALA A 1 41  ? 6.927   -16.999 22.280  1.00 38.46  ? 61  ALA A N   1 
ATOM   319  C CA  . ALA A 1 41  ? 7.634   -16.952 23.563  1.00 37.71  ? 61  ALA A CA  1 
ATOM   320  C C   . ALA A 1 41  ? 8.464   -15.663 23.766  1.00 37.84  ? 61  ALA A C   1 
ATOM   321  O O   . ALA A 1 41  ? 8.735   -15.258 24.901  1.00 35.69  ? 61  ALA A O   1 
ATOM   322  C CB  . ALA A 1 41  ? 8.514   -18.185 23.705  1.00 37.14  ? 61  ALA A CB  1 
ATOM   323  N N   . SER A 1 42  ? 8.865   -15.034 22.662  1.00 39.70  ? 62  SER A N   1 
ATOM   324  C CA  . SER A 1 42  ? 9.761   -13.878 22.697  1.00 42.46  ? 62  SER A CA  1 
ATOM   325  C C   . SER A 1 42  ? 9.232   -12.662 21.927  1.00 42.55  ? 62  SER A C   1 
ATOM   326  O O   . SER A 1 42  ? 9.804   -11.576 22.005  1.00 42.00  ? 62  SER A O   1 
ATOM   327  C CB  . SER A 1 42  ? 11.147  -14.272 22.170  1.00 43.68  ? 62  SER A CB  1 
ATOM   328  O OG  . SER A 1 42  ? 11.077  -14.668 20.808  1.00 48.08  ? 62  SER A OG  1 
ATOM   329  N N   . ALA A 1 43  ? 8.137   -12.850 21.193  1.00 42.81  ? 63  ALA A N   1 
ATOM   330  C CA  . ALA A 1 43  ? 7.535   -11.810 20.352  1.00 42.26  ? 63  ALA A CA  1 
ATOM   331  C C   . ALA A 1 43  ? 8.542   -11.274 19.327  1.00 41.34  ? 63  ALA A C   1 
ATOM   332  O O   . ALA A 1 43  ? 8.697   -10.052 19.156  1.00 45.38  ? 63  ALA A O   1 
ATOM   333  C CB  . ALA A 1 43  ? 6.906   -10.688 21.199  1.00 40.07  ? 63  ALA A CB  1 
ATOM   334  N N   . GLU A 1 44  ? 9.227   -12.209 18.669  1.00 40.13  ? 64  GLU A N   1 
ATOM   335  C CA  . GLU A 1 44  ? 10.186  -11.897 17.612  1.00 41.61  ? 64  GLU A CA  1 
ATOM   336  C C   . GLU A 1 44  ? 9.844   -12.544 16.305  1.00 41.31  ? 64  GLU A C   1 
ATOM   337  O O   . GLU A 1 44  ? 9.445   -13.702 16.264  1.00 43.33  ? 64  GLU A O   1 
ATOM   338  C CB  . GLU A 1 44  ? 11.586  -12.295 18.026  1.00 42.51  ? 64  GLU A CB  1 
ATOM   339  C CG  . GLU A 1 44  ? 12.137  -11.244 18.949  1.00 48.71  ? 64  GLU A CG  1 
ATOM   340  C CD  . GLU A 1 44  ? 13.316  -11.688 19.752  1.00 52.83  ? 64  GLU A CD  1 
ATOM   341  O OE1 . GLU A 1 44  ? 13.299  -12.823 20.282  1.00 59.53  ? 64  GLU A OE1 1 
ATOM   342  O OE2 . GLU A 1 44  ? 14.244  -10.864 19.875  1.00 55.53  ? 64  GLU A OE2 1 
ATOM   343  N N   . PHE A 1 45  ? 9.979   -11.775 15.237  1.00 39.49  ? 65  PHE A N   1 
ATOM   344  C CA  . PHE A 1 45  ? 9.885   -12.312 13.892  1.00 39.51  ? 65  PHE A CA  1 
ATOM   345  C C   . PHE A 1 45  ? 11.237  -12.871 13.494  1.00 41.27  ? 65  PHE A C   1 
ATOM   346  O O   . PHE A 1 45  ? 12.262  -12.278 13.822  1.00 40.65  ? 65  PHE A O   1 
ATOM   347  C CB  . PHE A 1 45  ? 9.461   -11.216 12.931  1.00 35.83  ? 65  PHE A CB  1 
ATOM   348  C CG  . PHE A 1 45  ? 8.028   -10.859 13.042  1.00 32.67  ? 65  PHE A CG  1 
ATOM   349  C CD1 . PHE A 1 45  ? 7.072   -11.571 12.322  1.00 31.38  ? 65  PHE A CD1 1 
ATOM   350  C CD2 . PHE A 1 45  ? 7.619   -9.822  13.881  1.00 33.37  ? 65  PHE A CD2 1 
ATOM   351  C CE1 . PHE A 1 45  ? 5.718   -11.252 12.424  1.00 32.83  ? 65  PHE A CE1 1 
ATOM   352  C CE2 . PHE A 1 45  ? 6.270   -9.499  13.997  1.00 33.41  ? 65  PHE A CE2 1 
ATOM   353  C CZ  . PHE A 1 45  ? 5.313   -10.212 13.260  1.00 33.08  ? 65  PHE A CZ  1 
ATOM   354  N N   . LYS A 1 46  ? 11.235  -14.014 12.806  1.00 47.26  ? 66  LYS A N   1 
ATOM   355  C CA  . LYS A 1 46  ? 12.484  -14.692 12.383  1.00 53.46  ? 66  LYS A CA  1 
ATOM   356  C C   . LYS A 1 46  ? 12.678  -14.617 10.877  1.00 50.72  ? 66  LYS A C   1 
ATOM   357  O O   . LYS A 1 46  ? 13.801  -14.543 10.397  1.00 45.70  ? 66  LYS A O   1 
ATOM   358  C CB  . LYS A 1 46  ? 12.526  -16.163 12.845  1.00 67.76  ? 66  LYS A CB  1 
ATOM   359  C CG  . LYS A 1 46  ? 12.379  -16.400 14.359  1.00 85.27  ? 66  LYS A CG  1 
ATOM   360  C CD  . LYS A 1 46  ? 13.624  -16.008 15.169  1.00 91.13  ? 66  LYS A CD  1 
ATOM   361  C CE  . LYS A 1 46  ? 13.381  -16.139 16.669  1.00 93.25  ? 66  LYS A CE  1 
ATOM   362  N NZ  . LYS A 1 46  ? 14.476  -15.555 17.494  1.00 89.59  ? 66  LYS A NZ  1 
ATOM   363  N N   . LYS A 1 47  ? 11.561  -14.614 10.151  1.00 52.19  ? 67  LYS A N   1 
ATOM   364  C CA  . LYS A 1 47  ? 11.533  -14.570 8.700   1.00 50.27  ? 67  LYS A CA  1 
ATOM   365  C C   . LYS A 1 47  ? 10.166  -14.000 8.323   1.00 47.83  ? 67  LYS A C   1 
ATOM   366  O O   . LYS A 1 47  ? 9.139   -14.435 8.843   1.00 44.72  ? 67  LYS A O   1 
ATOM   367  C CB  . LYS A 1 47  ? 11.716  -15.992 8.162   1.00 54.49  ? 67  LYS A CB  1 
ATOM   368  C CG  . LYS A 1 47  ? 12.003  -16.191 6.681   1.00 58.80  ? 67  LYS A CG  1 
ATOM   369  C CD  . LYS A 1 47  ? 12.026  -17.693 6.387   1.00 61.86  ? 67  LYS A CD  1 
ATOM   370  C CE  . LYS A 1 47  ? 12.235  -18.028 4.918   1.00 70.84  ? 67  LYS A CE  1 
ATOM   371  N NZ  . LYS A 1 47  ? 13.673  -17.964 4.513   1.00 74.99  ? 67  LYS A NZ  1 
ATOM   372  N N   . LEU A 1 48  ? 10.173  -12.986 7.460   1.00 49.62  ? 68  LEU A N   1 
ATOM   373  C CA  . LEU A 1 48  ? 8.958   -12.480 6.829   1.00 48.60  ? 68  LEU A CA  1 
ATOM   374  C C   . LEU A 1 48  ? 9.269   -12.150 5.377   1.00 47.64  ? 68  LEU A C   1 
ATOM   375  O O   . LEU A 1 48  ? 9.994   -11.208 5.094   1.00 51.08  ? 68  LEU A O   1 
ATOM   376  C CB  . LEU A 1 48  ? 8.396   -11.263 7.574   1.00 49.09  ? 68  LEU A CB  1 
ATOM   377  C CG  . LEU A 1 48  ? 7.143   -10.596 7.007   1.00 49.84  ? 68  LEU A CG  1 
ATOM   378  C CD1 . LEU A 1 48  ? 6.107   -11.621 6.598   1.00 55.87  ? 68  LEU A CD1 1 
ATOM   379  C CD2 . LEU A 1 48  ? 6.546   -9.698  8.062   1.00 51.36  ? 68  LEU A CD2 1 
ATOM   380  N N   . ASP A 1 49  ? 8.731   -12.963 4.475   1.00 46.98  ? 69  ASP A N   1 
ATOM   381  C CA  . ASP A 1 49  ? 8.953   -12.831 3.038   1.00 44.13  ? 69  ASP A CA  1 
ATOM   382  C C   . ASP A 1 49  ? 7.599   -12.740 2.362   1.00 44.12  ? 69  ASP A C   1 
ATOM   383  O O   . ASP A 1 49  ? 6.729   -13.592 2.561   1.00 44.13  ? 69  ASP A O   1 
ATOM   384  C CB  . ASP A 1 49  ? 9.782   -14.002 2.495   1.00 43.80  ? 69  ASP A CB  1 
ATOM   385  C CG  . ASP A 1 49  ? 11.239  -13.986 2.997   1.00 49.54  ? 69  ASP A CG  1 
ATOM   386  O OD1 . ASP A 1 49  ? 11.783  -12.903 3.272   1.00 54.23  ? 69  ASP A OD1 1 
ATOM   387  O OD2 . ASP A 1 49  ? 11.871  -15.057 3.122   1.00 52.86  ? 69  ASP A OD2 1 
ATOM   388  N N   . VAL A 1 50  ? 7.400   -11.662 1.613   1.00 43.61  ? 70  VAL A N   1 
ATOM   389  C CA  . VAL A 1 50  ? 6.119   -11.414 0.941   1.00 42.31  ? 70  VAL A CA  1 
ATOM   390  C C   . VAL A 1 50  ? 6.364   -11.216 -0.566  1.00 43.93  ? 70  VAL A C   1 
ATOM   391  O O   . VAL A 1 50  ? 7.342   -10.560 -0.975  1.00 41.04  ? 70  VAL A O   1 
ATOM   392  C CB  . VAL A 1 50  ? 5.355   -10.201 1.539   1.00 38.82  ? 70  VAL A CB  1 
ATOM   393  C CG1 . VAL A 1 50  ? 3.946   -10.146 0.991   1.00 35.22  ? 70  VAL A CG1 1 
ATOM   394  C CG2 . VAL A 1 50  ? 5.313   -10.232 3.061   1.00 35.75  ? 70  VAL A CG2 1 
ATOM   395  N N   . THR A 1 51  ? 5.495   -11.827 -1.375  1.00 45.15  ? 71  THR A N   1 
ATOM   396  C CA  . THR A 1 51  ? 5.472   -11.632 -2.831  1.00 45.87  ? 71  THR A CA  1 
ATOM   397  C C   . THR A 1 51  ? 4.064   -11.234 -3.159  1.00 46.07  ? 71  THR A C   1 
ATOM   398  O O   . THR A 1 51  ? 3.098   -11.904 -2.745  1.00 42.63  ? 71  THR A O   1 
ATOM   399  C CB  . THR A 1 51  ? 5.834   -12.909 -3.611  1.00 46.32  ? 71  THR A CB  1 
ATOM   400  O OG1 . THR A 1 51  ? 7.132   -13.331 -3.212  1.00 55.26  ? 71  THR A OG1 1 
ATOM   401  C CG2 . THR A 1 51  ? 5.894   -12.666 -5.108  1.00 46.25  ? 71  THR A CG2 1 
ATOM   402  N N   . ILE A 1 52  ? 3.959   -10.123 -3.879  1.00 47.31  ? 72  ILE A N   1 
ATOM   403  C CA  . ILE A 1 52  ? 2.673   -9.533  -4.204  1.00 48.61  ? 72  ILE A CA  1 
ATOM   404  C C   . ILE A 1 52  ? 2.578   -9.495  -5.702  1.00 47.94  ? 72  ILE A C   1 
ATOM   405  O O   . ILE A 1 52  ? 3.528   -9.049  -6.352  1.00 44.27  ? 72  ILE A O   1 
ATOM   406  C CB  . ILE A 1 52  ? 2.579   -8.095  -3.670  1.00 48.88  ? 72  ILE A CB  1 
ATOM   407  C CG1 . ILE A 1 52  ? 2.754   -8.072  -2.148  1.00 47.70  ? 72  ILE A CG1 1 
ATOM   408  C CG2 . ILE A 1 52  ? 1.263   -7.466  -4.099  1.00 45.59  ? 72  ILE A CG2 1 
ATOM   409  C CD1 . ILE A 1 52  ? 3.240   -6.741  -1.629  1.00 49.22  ? 72  ILE A CD1 1 
ATOM   410  N N   . LYS A 1 53  ? 1.441   -9.957  -6.232  1.00 51.52  ? 73  LYS A N   1 
ATOM   411  C CA  . LYS A 1 53  ? 1.172   -9.915  -7.688  1.00 56.52  ? 73  LYS A CA  1 
ATOM   412  C C   . LYS A 1 53  ? 0.568   -8.572  -8.069  1.00 53.59  ? 73  LYS A C   1 
ATOM   413  O O   . LYS A 1 53  ? -0.615  -8.287  -7.774  1.00 47.26  ? 73  LYS A O   1 
ATOM   414  C CB  . LYS A 1 53  ? 0.315   -11.102 -8.179  1.00 59.10  ? 73  LYS A CB  1 
ATOM   415  C CG  . LYS A 1 53  ? 1.015   -12.444 -7.989  1.00 69.26  ? 73  LYS A CG  1 
ATOM   416  C CD  . LYS A 1 53  ? 0.779   -13.459 -9.104  1.00 78.43  ? 73  LYS A CD  1 
ATOM   417  C CE  . LYS A 1 53  ? 1.866   -14.540 -9.096  1.00 81.56  ? 73  LYS A CE  1 
ATOM   418  N NZ  . LYS A 1 53  ? 3.236   -13.947 -9.212  1.00 74.81  ? 73  LYS A NZ  1 
ATOM   419  N N   . ILE A 1 54  ? 1.421   -7.755  -8.696  1.00 49.94  ? 74  ILE A N   1 
ATOM   420  C CA  . ILE A 1 54  ? 1.100   -6.400  -9.136  1.00 50.84  ? 74  ILE A CA  1 
ATOM   421  C C   . ILE A 1 54  ? -0.247  -6.361  -9.899  1.00 54.92  ? 74  ILE A C   1 
ATOM   422  O O   . ILE A 1 54  ? -1.112  -5.518  -9.641  1.00 53.66  ? 74  ILE A O   1 
ATOM   423  C CB  . ILE A 1 54  ? 2.293   -5.828  -9.949  1.00 49.20  ? 74  ILE A CB  1 
ATOM   424  C CG1 . ILE A 1 54  ? 3.413   -5.356  -9.026  1.00 48.30  ? 74  ILE A CG1 1 
ATOM   425  C CG2 . ILE A 1 54  ? 1.879   -4.719  -10.901 1.00 51.42  ? 74  ILE A CG2 1 
ATOM   426  C CD1 . ILE A 1 54  ? 2.946   -4.589  -7.800  1.00 50.34  ? 74  ILE A CD1 1 
ATOM   427  N N   . ALA A 1 55  ? -0.426  -7.321  -10.804 1.00 59.03  ? 75  ALA A N   1 
ATOM   428  C CA  . ALA A 1 55  ? -1.670  -7.507  -11.556 1.00 56.71  ? 75  ALA A CA  1 
ATOM   429  C C   . ALA A 1 55  ? -2.951  -7.374  -10.718 1.00 57.12  ? 75  ALA A C   1 
ATOM   430  O O   . ALA A 1 55  ? -3.943  -6.854  -11.201 1.00 64.73  ? 75  ALA A O   1 
ATOM   431  C CB  . ALA A 1 55  ? -1.632  -8.847  -12.289 1.00 55.24  ? 75  ALA A CB  1 
ATOM   432  N N   . SER A 1 56  ? -2.909  -7.809  -9.459  1.00 57.25  ? 76  SER A N   1 
ATOM   433  C CA  . SER A 1 56  ? -4.099  -7.904  -8.606  1.00 52.83  ? 76  SER A CA  1 
ATOM   434  C C   . SER A 1 56  ? -4.369  -6.649  -7.781  1.00 52.09  ? 76  SER A C   1 
ATOM   435  O O   . SER A 1 56  ? -5.198  -6.689  -6.862  1.00 52.86  ? 76  SER A O   1 
ATOM   436  C CB  . SER A 1 56  ? -3.983  -9.097  -7.657  1.00 55.20  ? 76  SER A CB  1 
ATOM   437  O OG  . SER A 1 56  ? -2.974  -8.886  -6.674  1.00 53.19  ? 76  SER A OG  1 
ATOM   438  N N   . VAL A 1 57  ? -3.676  -5.552  -8.099  1.00 45.82  ? 77  VAL A N   1 
ATOM   439  C CA  . VAL A 1 57  ? -3.944  -4.261  -7.465  1.00 45.83  ? 77  VAL A CA  1 
ATOM   440  C C   . VAL A 1 57  ? -5.438  -3.886  -7.455  1.00 49.83  ? 77  VAL A C   1 
ATOM   441  O O   . VAL A 1 57  ? -6.187  -4.251  -8.363  1.00 52.89  ? 77  VAL A O   1 
ATOM   442  C CB  . VAL A 1 57  ? -3.072  -3.142  -8.063  1.00 41.58  ? 77  VAL A CB  1 
ATOM   443  C CG1 . VAL A 1 57  ? -3.531  -2.772  -9.466  1.00 39.33  ? 77  VAL A CG1 1 
ATOM   444  C CG2 . VAL A 1 57  ? -3.026  -1.943  -7.123  1.00 39.04  ? 77  VAL A CG2 1 
ATOM   445  N N   . ASN A 1 58  ? -5.871  -3.212  -6.397  1.00 52.51  ? 78  ASN A N   1 
ATOM   446  C CA  . ASN A 1 58  ? -7.252  -2.784  -6.298  1.00 56.76  ? 78  ASN A CA  1 
ATOM   447  C C   . ASN A 1 58  ? -7.379  -1.455  -5.561  1.00 56.71  ? 78  ASN A C   1 
ATOM   448  O O   . ASN A 1 58  ? -7.215  -1.372  -4.342  1.00 57.05  ? 78  ASN A O   1 
ATOM   449  C CB  . ASN A 1 58  ? -8.141  -3.872  -5.670  1.00 59.74  ? 78  ASN A CB  1 
ATOM   450  C CG  . ASN A 1 58  ? -9.571  -3.399  -5.441  1.00 70.39  ? 78  ASN A CG  1 
ATOM   451  O OD1 . ASN A 1 58  ? -10.080 -2.509  -6.140  1.00 82.00  ? 78  ASN A OD1 1 
ATOM   452  N ND2 . ASN A 1 58  ? -10.227 -3.983  -4.454  1.00 73.15  ? 78  ASN A ND2 1 
ATOM   453  N N   . THR A 1 59  ? -7.687  -0.420  -6.326  1.00 56.11  ? 79  THR A N   1 
ATOM   454  C CA  . THR A 1 59  ? -7.903  0.893   -5.756  1.00 60.31  ? 79  THR A CA  1 
ATOM   455  C C   . THR A 1 59  ? -9.349  1.296   -5.953  1.00 66.34  ? 79  THR A C   1 
ATOM   456  O O   . THR A 1 59  ? -9.660  2.492   -5.945  1.00 66.51  ? 79  THR A O   1 
ATOM   457  C CB  . THR A 1 59  ? -6.955  1.958   -6.349  1.00 56.77  ? 79  THR A CB  1 
ATOM   458  O OG1 . THR A 1 59  ? -7.061  1.955   -7.772  1.00 56.74  ? 79  THR A OG1 1 
ATOM   459  C CG2 . THR A 1 59  ? -5.522  1.689   -5.970  1.00 58.43  ? 79  THR A CG2 1 
ATOM   460  N N   . GLU A 1 60  ? -10.217 0.285   -6.130  1.00 76.01  ? 80  GLU A N   1 
ATOM   461  C CA  . GLU A 1 60  ? -11.687 0.435   -6.289  1.00 83.97  ? 80  GLU A CA  1 
ATOM   462  C C   . GLU A 1 60  ? -12.094 1.272   -7.511  1.00 87.30  ? 80  GLU A C   1 
ATOM   463  O O   . GLU A 1 60  ? -12.878 2.231   -7.385  1.00 92.59  ? 80  GLU A O   1 
ATOM   464  C CB  . GLU A 1 60  ? -12.323 1.043   -5.023  1.00 90.97  ? 80  GLU A CB  1 
ATOM   465  C CG  . GLU A 1 60  ? -11.929 0.400   -3.707  1.00 103.44 ? 80  GLU A CG  1 
ATOM   466  C CD  . GLU A 1 60  ? -12.738 -0.841  -3.401  1.00 112.55 ? 80  GLU A CD  1 
ATOM   467  O OE1 . GLU A 1 60  ? -13.359 -0.862  -2.317  1.00 119.57 ? 80  GLU A OE1 1 
ATOM   468  O OE2 . GLU A 1 60  ? -12.759 -1.784  -4.233  1.00 109.42 ? 80  GLU A OE2 1 
ATOM   469  N N   . ASN A 1 61  ? -11.561 0.916   -8.687  1.00 82.66  ? 81  ASN A N   1 
ATOM   470  C CA  . ASN A 1 61  ? -11.678 1.772   -9.867  1.00 73.40  ? 81  ASN A CA  1 
ATOM   471  C C   . ASN A 1 61  ? -10.962 1.106   -11.038 1.00 74.36  ? 81  ASN A C   1 
ATOM   472  O O   . ASN A 1 61  ? -9.784  1.428   -11.312 1.00 70.06  ? 81  ASN A O   1 
ATOM   473  C CB  . ASN A 1 61  ? -11.092 3.155   -9.535  1.00 69.39  ? 81  ASN A CB  1 
ATOM   474  C CG  . ASN A 1 61  ? -10.980 4.069   -10.728 1.00 67.63  ? 81  ASN A CG  1 
ATOM   475  O OD1 . ASN A 1 61  ? -11.003 3.647   -11.878 1.00 70.64  ? 81  ASN A OD1 1 
ATOM   476  N ND2 . ASN A 1 61  ? -10.822 5.342   -10.448 1.00 70.22  ? 81  ASN A ND2 1 
ATOM   477  N N   . GLN A 1 62  ? -11.692 0.211   -11.733 1.00 74.71  ? 82  GLN A N   1 
ATOM   478  C CA  . GLN A 1 62  ? -11.106 -0.743  -12.711 1.00 73.63  ? 82  GLN A CA  1 
ATOM   479  C C   . GLN A 1 62  ? -10.200 -0.099  -13.793 1.00 76.83  ? 82  GLN A C   1 
ATOM   480  O O   . GLN A 1 62  ? -9.180  -0.686  -14.165 1.00 80.46  ? 82  GLN A O   1 
ATOM   481  C CB  . GLN A 1 62  ? -12.126 -1.747  -13.293 1.00 61.28  ? 82  GLN A CB  1 
ATOM   482  N N   . THR A 1 63  ? -10.530 1.105   -14.260 1.00 77.24  ? 83  THR A N   1 
ATOM   483  C CA  . THR A 1 63  ? -9.694  1.747   -15.294 1.00 81.17  ? 83  THR A CA  1 
ATOM   484  C C   . THR A 1 63  ? -8.358  2.274   -14.733 1.00 76.89  ? 83  THR A C   1 
ATOM   485  O O   . THR A 1 63  ? -7.375  2.363   -15.485 1.00 79.48  ? 83  THR A O   1 
ATOM   486  C CB  . THR A 1 63  ? -10.438 2.824   -16.143 1.00 85.94  ? 83  THR A CB  1 
ATOM   487  O OG1 . THR A 1 63  ? -10.960 3.837   -15.282 1.00 100.47 ? 83  THR A OG1 1 
ATOM   488  C CG2 . THR A 1 63  ? -11.601 2.220   -16.982 1.00 81.14  ? 83  THR A CG2 1 
ATOM   489  N N   . ARG A 1 64  ? -8.314  2.593   -13.430 1.00 71.70  ? 84  ARG A N   1 
ATOM   490  C CA  . ARG A 1 64  ? -7.050  3.014   -12.783 1.00 72.21  ? 84  ARG A CA  1 
ATOM   491  C C   . ARG A 1 64  ? -6.115  1.837   -12.502 1.00 71.27  ? 84  ARG A C   1 
ATOM   492  O O   . ARG A 1 64  ? -4.920  1.889   -12.805 1.00 71.41  ? 84  ARG A O   1 
ATOM   493  C CB  . ARG A 1 64  ? -7.271  3.810   -11.498 1.00 69.76  ? 84  ARG A CB  1 
ATOM   494  C CG  . ARG A 1 64  ? -6.053  4.649   -11.119 1.00 68.22  ? 84  ARG A CG  1 
ATOM   495  C CD  . ARG A 1 64  ? -5.875  4.704   -9.618  1.00 69.81  ? 84  ARG A CD  1 
ATOM   496  N NE  . ARG A 1 64  ? -6.810  5.633   -8.974  1.00 74.43  ? 84  ARG A NE  1 
ATOM   497  C CZ  . ARG A 1 64  ? -7.894  5.282   -8.272  1.00 71.12  ? 84  ARG A CZ  1 
ATOM   498  N NH1 . ARG A 1 64  ? -8.223  4.012   -8.104  1.00 70.50  ? 84  ARG A NH1 1 
ATOM   499  N NH2 . ARG A 1 64  ? -8.669  6.214   -7.734  1.00 65.98  ? 84  ARG A NH2 1 
ATOM   500  N N   . ASP A 1 65  ? -6.669  0.781   -11.916 1.00 67.79  ? 85  ASP A N   1 
ATOM   501  C CA  . ASP A 1 65  ? -5.951  -0.474  -11.720 1.00 66.07  ? 85  ASP A CA  1 
ATOM   502  C C   . ASP A 1 65  ? -5.282  -0.959  -13.027 1.00 67.80  ? 85  ASP A C   1 
ATOM   503  O O   . ASP A 1 65  ? -4.134  -1.408  -13.000 1.00 71.25  ? 85  ASP A O   1 
ATOM   504  C CB  . ASP A 1 65  ? -6.884  -1.530  -11.099 1.00 65.78  ? 85  ASP A CB  1 
ATOM   505  C CG  . ASP A 1 65  ? -7.589  -1.026  -9.809  1.00 66.45  ? 85  ASP A CG  1 
ATOM   506  O OD1 . ASP A 1 65  ? -6.987  -0.201  -9.083  1.00 61.66  ? 85  ASP A OD1 1 
ATOM   507  O OD2 . ASP A 1 65  ? -8.747  -1.453  -9.528  1.00 65.86  ? 85  ASP A OD2 1 
ATOM   508  N N   . ASN A 1 66  ? -5.983  -0.812  -14.158 1.00 65.22  ? 86  ASN A N   1 
ATOM   509  C CA  . ASN A 1 66  ? -5.431  -1.101  -15.487 1.00 59.90  ? 86  ASN A CA  1 
ATOM   510  C C   . ASN A 1 66  ? -4.296  -0.178  -15.838 1.00 56.97  ? 86  ASN A C   1 
ATOM   511  O O   . ASN A 1 66  ? -3.272  -0.626  -16.344 1.00 56.54  ? 86  ASN A O   1 
ATOM   512  C CB  . ASN A 1 66  ? -6.490  -0.969  -16.576 1.00 67.17  ? 86  ASN A CB  1 
ATOM   513  C CG  . ASN A 1 66  ? -7.574  -2.031  -16.490 1.00 76.57  ? 86  ASN A CG  1 
ATOM   514  O OD1 . ASN A 1 66  ? -7.388  -3.111  -15.911 1.00 80.42  ? 86  ASN A OD1 1 
ATOM   515  N ND2 . ASN A 1 66  ? -8.725  -1.728  -17.087 1.00 79.27  ? 86  ASN A ND2 1 
ATOM   516  N N   . HIS A 1 67  ? -4.480  1.114   -15.587 1.00 57.20  ? 87  HIS A N   1 
ATOM   517  C CA  . HIS A 1 67  ? -3.462  2.088   -15.950 1.00 63.45  ? 87  HIS A CA  1 
ATOM   518  C C   . HIS A 1 67  ? -2.196  1.831   -15.103 1.00 60.54  ? 87  HIS A C   1 
ATOM   519  O O   . HIS A 1 67  ? -1.071  2.105   -15.545 1.00 58.30  ? 87  HIS A O   1 
ATOM   520  C CB  . HIS A 1 67  ? -4.007  3.560   -15.911 1.00 72.31  ? 87  HIS A CB  1 
ATOM   521  C CG  . HIS A 1 67  ? -3.010  4.606   -16.359 1.00 83.82  ? 87  HIS A CG  1 
ATOM   522  N ND1 . HIS A 1 67  ? -2.836  5.808   -15.697 1.00 85.89  ? 87  HIS A ND1 1 
ATOM   523  C CD2 . HIS A 1 67  ? -2.113  4.614   -17.383 1.00 89.04  ? 87  HIS A CD2 1 
ATOM   524  C CE1 . HIS A 1 67  ? -1.884  6.510   -16.292 1.00 85.62  ? 87  HIS A CE1 1 
ATOM   525  N NE2 . HIS A 1 67  ? -1.424  5.805   -17.314 1.00 89.11  ? 87  HIS A NE2 1 
ATOM   526  N N   . LEU A 1 68  ? -2.384  1.246   -13.914 1.00 60.37  ? 88  LEU A N   1 
ATOM   527  C CA  . LEU A 1 68  ? -1.272  1.007   -12.985 1.00 56.90  ? 88  LEU A CA  1 
ATOM   528  C C   . LEU A 1 68  ? -0.265  -0.025  -13.502 1.00 59.74  ? 88  LEU A C   1 
ATOM   529  O O   . LEU A 1 68  ? 0.930   0.047   -13.201 1.00 60.97  ? 88  LEU A O   1 
ATOM   530  C CB  . LEU A 1 68  ? -1.789  0.652   -11.592 1.00 50.11  ? 88  LEU A CB  1 
ATOM   531  C CG  . LEU A 1 68  ? -2.213  1.886   -10.786 1.00 47.17  ? 88  LEU A CG  1 
ATOM   532  C CD1 . LEU A 1 68  ? -3.066  1.492   -9.595  1.00 46.73  ? 88  LEU A CD1 1 
ATOM   533  C CD2 . LEU A 1 68  ? -1.052  2.762   -10.350 1.00 43.23  ? 88  LEU A CD2 1 
ATOM   534  N N   . GLN A 1 69  ? -0.761  -0.947  -14.317 1.00 56.17  ? 89  GLN A N   1 
ATOM   535  C CA  . GLN A 1 69  ? 0.055   -1.949  -14.978 1.00 54.48  ? 89  GLN A CA  1 
ATOM   536  C C   . GLN A 1 69  ? 0.950   -1.392  -16.094 1.00 54.94  ? 89  GLN A C   1 
ATOM   537  O O   . GLN A 1 69  ? 1.938   -2.029  -16.443 1.00 54.69  ? 89  GLN A O   1 
ATOM   538  C CB  . GLN A 1 69  ? -0.851  -3.025  -15.537 1.00 52.51  ? 89  GLN A CB  1 
ATOM   539  C CG  . GLN A 1 69  ? -2.041  -3.333  -14.649 1.00 55.84  ? 89  GLN A CG  1 
ATOM   540  C CD  . GLN A 1 69  ? -1.704  -4.305  -13.556 1.00 61.50  ? 89  GLN A CD  1 
ATOM   541  O OE1 . GLN A 1 69  ? -1.184  -5.382  -13.829 1.00 70.90  ? 89  GLN A OE1 1 
ATOM   542  N NE2 . GLN A 1 69  ? -2.004  -3.943  -12.314 1.00 62.07  ? 89  GLN A NE2 1 
ATOM   543  N N   . GLN A 1 70  ? 0.606   -0.215  -16.630 1.00 60.61  ? 90  GLN A N   1 
ATOM   544  C CA  . GLN A 1 70  ? 1.285   0.401   -17.797 1.00 65.84  ? 90  GLN A CA  1 
ATOM   545  C C   . GLN A 1 70  ? 2.734   0.779   -17.548 1.00 62.34  ? 90  GLN A C   1 
ATOM   546  O O   . GLN A 1 70  ? 3.166   0.877   -16.408 1.00 59.53  ? 90  GLN A O   1 
ATOM   547  C CB  . GLN A 1 70  ? 0.529   1.658   -18.335 1.00 80.47  ? 90  GLN A CB  1 
ATOM   548  C CG  . GLN A 1 70  ? -0.882  1.465   -18.907 1.00 84.74  ? 90  GLN A CG  1 
ATOM   549  C CD  . GLN A 1 70  ? -1.134  0.053   -19.423 1.00 93.37  ? 90  GLN A CD  1 
ATOM   550  O OE1 . GLN A 1 70  ? -0.518  -0.389  -20.403 1.00 99.63  ? 90  GLN A OE1 1 
ATOM   551  N NE2 . GLN A 1 70  ? -2.029  -0.674  -18.748 1.00 93.42  ? 90  GLN A NE2 1 
ATOM   552  N N   . ASP A 1 71  ? 3.459   1.024   -18.639 1.00 67.28  ? 91  ASP A N   1 
ATOM   553  C CA  . ASP A 1 71  ? 4.876   1.393   -18.612 1.00 75.06  ? 91  ASP A CA  1 
ATOM   554  C C   . ASP A 1 71  ? 5.197   2.524   -17.672 1.00 73.76  ? 91  ASP A C   1 
ATOM   555  O O   . ASP A 1 71  ? 6.291   2.553   -17.116 1.00 77.64  ? 91  ASP A O   1 
ATOM   556  C CB  . ASP A 1 71  ? 5.379   1.788   -20.003 1.00 84.98  ? 91  ASP A CB  1 
ATOM   557  C CG  . ASP A 1 71  ? 5.344   0.643   -20.994 1.00 100.47 ? 91  ASP A CG  1 
ATOM   558  O OD1 . ASP A 1 71  ? 5.032   -0.515  -20.615 1.00 106.99 ? 91  ASP A OD1 1 
ATOM   559  O OD2 . ASP A 1 71  ? 5.638   0.917   -22.176 1.00 110.39 ? 91  ASP A OD2 1 
ATOM   560  N N   . ASP A 1 72  ? 4.259   3.457   -17.508 1.00 76.05  ? 92  ASP A N   1 
ATOM   561  C CA  . ASP A 1 72  ? 4.504   4.666   -16.708 1.00 74.35  ? 92  ASP A CA  1 
ATOM   562  C C   . ASP A 1 72  ? 4.220   4.484   -15.183 1.00 68.32  ? 92  ASP A C   1 
ATOM   563  O O   . ASP A 1 72  ? 4.437   5.410   -14.380 1.00 61.79  ? 92  ASP A O   1 
ATOM   564  C CB  . ASP A 1 72  ? 3.893   5.939   -17.372 1.00 74.79  ? 92  ASP A CB  1 
ATOM   565  C CG  . ASP A 1 72  ? 2.405   5.786   -17.776 1.00 83.52  ? 92  ASP A CG  1 
ATOM   566  O OD1 . ASP A 1 72  ? 1.869   4.654   -17.911 1.00 88.75  ? 92  ASP A OD1 1 
ATOM   567  O OD2 . ASP A 1 72  ? 1.759   6.837   -17.968 1.00 81.73  ? 92  ASP A OD2 1 
ATOM   568  N N   . PHE A 1 73  ? 3.768   3.268   -14.819 1.00 66.66  ? 93  PHE A N   1 
ATOM   569  C CA  . PHE A 1 73  ? 3.644   2.783   -13.416 1.00 61.18  ? 93  PHE A CA  1 
ATOM   570  C C   . PHE A 1 73  ? 4.374   1.462   -13.133 1.00 54.28  ? 93  PHE A C   1 
ATOM   571  O O   . PHE A 1 73  ? 5.608   1.450   -13.117 1.00 50.15  ? 93  PHE A O   1 
ATOM   572  C CB  . PHE A 1 73  ? 2.183   2.759   -12.955 1.00 61.08  ? 93  PHE A CB  1 
ATOM   573  C CG  . PHE A 1 73  ? 1.599   4.121   -12.846 1.00 69.40  ? 93  PHE A CG  1 
ATOM   574  C CD1 . PHE A 1 73  ? 1.701   4.834   -11.654 1.00 69.31  ? 93  PHE A CD1 1 
ATOM   575  C CD2 . PHE A 1 73  ? 1.013   4.738   -13.963 1.00 68.69  ? 93  PHE A CD2 1 
ATOM   576  C CE1 . PHE A 1 73  ? 1.198   6.128   -11.570 1.00 71.05  ? 93  PHE A CE1 1 
ATOM   577  C CE2 . PHE A 1 73  ? 0.512   6.029   -13.885 1.00 63.89  ? 93  PHE A CE2 1 
ATOM   578  C CZ  . PHE A 1 73  ? 0.602   6.722   -12.685 1.00 70.38  ? 93  PHE A CZ  1 
ATOM   579  N N   . PHE A 1 74  ? 3.641   0.371   -12.920 1.00 50.24  ? 94  PHE A N   1 
ATOM   580  C CA  . PHE A 1 74  ? 4.246   -0.888  -12.482 1.00 53.04  ? 94  PHE A CA  1 
ATOM   581  C C   . PHE A 1 74  ? 5.029   -1.696  -13.532 1.00 57.59  ? 94  PHE A C   1 
ATOM   582  O O   . PHE A 1 74  ? 5.932   -2.469  -13.168 1.00 67.70  ? 94  PHE A O   1 
ATOM   583  C CB  . PHE A 1 74  ? 3.213   -1.782  -11.807 1.00 53.27  ? 94  PHE A CB  1 
ATOM   584  C CG  . PHE A 1 74  ? 2.888   -1.388  -10.387 1.00 59.22  ? 94  PHE A CG  1 
ATOM   585  C CD1 . PHE A 1 74  ? 3.893   -1.347  -9.393  1.00 60.93  ? 94  PHE A CD1 1 
ATOM   586  C CD2 . PHE A 1 74  ? 1.565   -1.100  -10.013 1.00 58.97  ? 94  PHE A CD2 1 
ATOM   587  C CE1 . PHE A 1 74  ? 3.586   -0.997  -8.071  1.00 61.52  ? 94  PHE A CE1 1 
ATOM   588  C CE2 . PHE A 1 74  ? 1.257   -0.755  -8.692  1.00 60.75  ? 94  PHE A CE2 1 
ATOM   589  C CZ  . PHE A 1 74  ? 2.266   -0.705  -7.720  1.00 61.84  ? 94  PHE A CZ  1 
ATOM   590  N N   . LYS A 1 75  ? 4.682   -1.509  -14.807 1.00 53.02  ? 95  LYS A N   1 
ATOM   591  C CA  . LYS A 1 75  ? 5.154   -2.318  -15.927 1.00 50.09  ? 95  LYS A CA  1 
ATOM   592  C C   . LYS A 1 75  ? 4.974   -3.823  -15.695 1.00 48.75  ? 95  LYS A C   1 
ATOM   593  O O   . LYS A 1 75  ? 5.902   -4.613  -15.917 1.00 47.45  ? 95  LYS A O   1 
ATOM   594  C CB  . LYS A 1 75  ? 6.586   -1.959  -16.311 1.00 55.00  ? 95  LYS A CB  1 
ATOM   595  C CG  . LYS A 1 75  ? 6.867   -2.100  -17.812 1.00 70.22  ? 95  LYS A CG  1 
ATOM   596  C CD  . LYS A 1 75  ? 8.222   -1.511  -18.221 1.00 71.10  ? 95  LYS A CD  1 
ATOM   597  C CE  . LYS A 1 75  ? 8.417   -1.551  -19.726 1.00 67.55  ? 95  LYS A CE  1 
ATOM   598  N NZ  . LYS A 1 75  ? 9.751   -0.997  -20.071 1.00 68.99  ? 95  LYS A NZ  1 
ATOM   599  N N   . ALA A 1 76  ? 3.776   -4.204  -15.243 1.00 45.90  ? 96  ALA A N   1 
ATOM   600  C CA  . ALA A 1 76  ? 3.430   -5.607  -14.900 1.00 49.93  ? 96  ALA A CA  1 
ATOM   601  C C   . ALA A 1 76  ? 3.856   -6.665  -15.911 1.00 53.01  ? 96  ALA A C   1 
ATOM   602  O O   . ALA A 1 76  ? 4.174   -7.781  -15.522 1.00 56.52  ? 96  ALA A O   1 
ATOM   603  C CB  . ALA A 1 76  ? 1.934   -5.745  -14.633 1.00 50.82  ? 96  ALA A CB  1 
ATOM   604  N N   . LYS A 1 77  ? 3.810   -6.321  -17.204 1.00 57.74  ? 97  LYS A N   1 
ATOM   605  C CA  . LYS A 1 77  ? 4.286   -7.202  -18.260 1.00 52.49  ? 97  LYS A CA  1 
ATOM   606  C C   . LYS A 1 77  ? 5.744   -7.593  -17.903 1.00 48.67  ? 97  LYS A C   1 
ATOM   607  O O   . LYS A 1 77  ? 6.015   -8.765  -17.714 1.00 48.84  ? 97  LYS A O   1 
ATOM   608  C CB  . LYS A 1 77  ? 4.104   -6.564  -19.657 1.00 49.38  ? 97  LYS A CB  1 
ATOM   609  N N   . LYS A 1 78  ? 6.639   -6.624  -17.698 1.00 45.52  ? 98  LYS A N   1 
ATOM   610  C CA  . LYS A 1 78  ? 8.067   -6.911  -17.396 1.00 42.68  ? 98  LYS A CA  1 
ATOM   611  C C   . LYS A 1 78  ? 8.367   -7.283  -15.927 1.00 45.79  ? 98  LYS A C   1 
ATOM   612  O O   . LYS A 1 78  ? 9.266   -8.085  -15.682 1.00 52.96  ? 98  LYS A O   1 
ATOM   613  C CB  . LYS A 1 78  ? 8.969   -5.758  -17.887 1.00 38.69  ? 98  LYS A CB  1 
ATOM   614  C CG  . LYS A 1 78  ? 10.481  -5.954  -17.778 1.00 37.51  ? 98  LYS A CG  1 
ATOM   615  C CD  . LYS A 1 78  ? 11.279  -4.803  -18.410 1.00 37.70  ? 98  LYS A CD  1 
ATOM   616  C CE  . LYS A 1 78  ? 12.789  -5.088  -18.465 1.00 42.30  ? 98  LYS A CE  1 
ATOM   617  N NZ  . LYS A 1 78  ? 13.662  -4.361  -19.464 1.00 42.12  ? 98  LYS A NZ  1 
ATOM   618  N N   . TYR A 1 79  ? 7.635   -6.704  -14.965 1.00 46.44  ? 99  TYR A N   1 
ATOM   619  C CA  . TYR A 1 79  ? 7.886   -6.907  -13.523 1.00 43.69  ? 99  TYR A CA  1 
ATOM   620  C C   . TYR A 1 79  ? 6.573   -7.254  -12.850 1.00 46.95  ? 99  TYR A C   1 
ATOM   621  O O   . TYR A 1 79  ? 5.908   -6.400  -12.266 1.00 52.19  ? 99  TYR A O   1 
ATOM   622  C CB  . TYR A 1 79  ? 8.510   -5.672  -12.866 1.00 39.83  ? 99  TYR A CB  1 
ATOM   623  C CG  . TYR A 1 79  ? 9.729   -5.124  -13.562 1.00 40.83  ? 99  TYR A CG  1 
ATOM   624  C CD1 . TYR A 1 79  ? 11.018  -5.671  -13.348 1.00 42.33  ? 99  TYR A CD1 1 
ATOM   625  C CD2 . TYR A 1 79  ? 9.607   -4.058  -14.449 1.00 43.02  ? 99  TYR A CD2 1 
ATOM   626  C CE1 . TYR A 1 79  ? 12.153  -5.154  -13.993 1.00 43.75  ? 99  TYR A CE1 1 
ATOM   627  C CE2 . TYR A 1 79  ? 10.728  -3.530  -15.103 1.00 47.02  ? 99  TYR A CE2 1 
ATOM   628  C CZ  . TYR A 1 79  ? 11.995  -4.080  -14.879 1.00 47.09  ? 99  TYR A CZ  1 
ATOM   629  O OH  . TYR A 1 79  ? 13.063  -3.530  -15.561 1.00 50.66  ? 99  TYR A OH  1 
ATOM   630  N N   . PRO A 1 80  ? 6.175   -8.518  -12.944 1.00 52.71  ? 100 PRO A N   1 
ATOM   631  C CA  . PRO A 1 80  ? 4.814   -8.896  -12.513 1.00 53.00  ? 100 PRO A CA  1 
ATOM   632  C C   . PRO A 1 80  ? 4.602   -8.878  -11.006 1.00 53.68  ? 100 PRO A C   1 
ATOM   633  O O   . PRO A 1 80  ? 3.448   -8.794  -10.546 1.00 59.66  ? 100 PRO A O   1 
ATOM   634  C CB  . PRO A 1 80  ? 4.649   -10.332 -13.049 1.00 50.81  ? 100 PRO A CB  1 
ATOM   635  C CG  . PRO A 1 80  ? 6.043   -10.848 -13.179 1.00 52.46  ? 100 PRO A CG  1 
ATOM   636  C CD  . PRO A 1 80  ? 6.955   -9.669  -13.444 1.00 51.45  ? 100 PRO A CD  1 
ATOM   637  N N   . ASP A 1 81  ? 5.684   -8.994  -10.242 1.00 49.35  ? 101 ASP A N   1 
ATOM   638  C CA  . ASP A 1 81  ? 5.507   -9.007  -8.798  1.00 53.80  ? 101 ASP A CA  1 
ATOM   639  C C   . ASP A 1 81  ? 6.382   -8.045  -7.996  1.00 50.39  ? 101 ASP A C   1 
ATOM   640  O O   . ASP A 1 81  ? 7.440   -7.640  -8.453  1.00 46.53  ? 101 ASP A O   1 
ATOM   641  C CB  . ASP A 1 81  ? 5.414   -10.436 -8.199  1.00 56.86  ? 101 ASP A CB  1 
ATOM   642  C CG  . ASP A 1 81  ? 6.327   -11.448 -8.866  1.00 59.38  ? 101 ASP A CG  1 
ATOM   643  O OD1 . ASP A 1 81  ? 7.513   -11.156 -9.110  1.00 62.85  ? 101 ASP A OD1 1 
ATOM   644  O OD2 . ASP A 1 81  ? 5.847   -12.571 -9.119  1.00 59.54  ? 101 ASP A OD2 1 
ATOM   645  N N   . MET A 1 82  ? 5.896   -7.619  -6.834  1.00 47.05  ? 102 MET A N   1 
ATOM   646  C CA  . MET A 1 82  ? 6.740   -6.861  -5.947  1.00 46.17  ? 102 MET A CA  1 
ATOM   647  C C   . MET A 1 82  ? 6.928   -7.658  -4.682  1.00 44.58  ? 102 MET A C   1 
ATOM   648  O O   . MET A 1 82  ? 6.032   -8.429  -4.259  1.00 43.05  ? 102 MET A O   1 
ATOM   649  C CB  . MET A 1 82  ? 6.222   -5.447  -5.704  1.00 48.73  ? 102 MET A CB  1 
ATOM   650  C CG  . MET A 1 82  ? 5.230   -5.292  -4.572  1.00 51.97  ? 102 MET A CG  1 
ATOM   651  S SD  . MET A 1 82  ? 4.810   -3.562  -4.289  1.00 55.39  ? 102 MET A SD  1 
ATOM   652  C CE  . MET A 1 82  ? 6.385   -2.930  -3.792  1.00 55.75  ? 102 MET A CE  1 
ATOM   653  N N   . THR A 1 83  ? 8.122   -7.499  -4.120  1.00 41.56  ? 103 THR A N   1 
ATOM   654  C CA  . THR A 1 83  ? 8.564   -8.340  -3.019  1.00 42.65  ? 103 THR A CA  1 
ATOM   655  C C   . THR A 1 83  ? 9.223   -7.610  -1.864  1.00 43.20  ? 103 THR A C   1 
ATOM   656  O O   . THR A 1 83  ? 9.937   -6.605  -2.042  1.00 41.29  ? 103 THR A O   1 
ATOM   657  C CB  . THR A 1 83  ? 9.556   -9.429  -3.470  1.00 42.70  ? 103 THR A CB  1 
ATOM   658  O OG1 . THR A 1 83  ? 10.731  -8.813  -4.032  1.00 41.06  ? 103 THR A OG1 1 
ATOM   659  C CG2 . THR A 1 83  ? 8.894   -10.395 -4.443  1.00 39.37  ? 103 THR A CG2 1 
ATOM   660  N N   . PHE A 1 84  ? 8.965   -8.171  -0.684  1.00 43.78  ? 104 PHE A N   1 
ATOM   661  C CA  . PHE A 1 84  ? 9.551   -7.740  0.552   1.00 43.79  ? 104 PHE A CA  1 
ATOM   662  C C   . PHE A 1 84  ? 10.195  -8.922  1.246   1.00 46.31  ? 104 PHE A C   1 
ATOM   663  O O   . PHE A 1 84  ? 9.542   -9.956  1.443   1.00 51.39  ? 104 PHE A O   1 
ATOM   664  C CB  . PHE A 1 84  ? 8.506   -7.151  1.501   1.00 42.03  ? 104 PHE A CB  1 
ATOM   665  C CG  . PHE A 1 84  ? 9.109   -6.689  2.771   1.00 41.18  ? 104 PHE A CG  1 
ATOM   666  C CD1 . PHE A 1 84  ? 9.959   -5.573  2.780   1.00 42.28  ? 104 PHE A CD1 1 
ATOM   667  C CD2 . PHE A 1 84  ? 8.947   -7.419  3.932   1.00 38.25  ? 104 PHE A CD2 1 
ATOM   668  C CE1 . PHE A 1 84  ? 10.581  -5.163  3.952   1.00 40.05  ? 104 PHE A CE1 1 
ATOM   669  C CE2 . PHE A 1 84  ? 9.565   -7.007  5.108   1.00 36.61  ? 104 PHE A CE2 1 
ATOM   670  C CZ  . PHE A 1 84  ? 10.376  -5.881  5.121   1.00 37.67  ? 104 PHE A CZ  1 
ATOM   671  N N   . THR A 1 85  ? 11.441  -8.714  1.667   1.00 44.49  ? 105 THR A N   1 
ATOM   672  C CA  . THR A 1 85  ? 12.270  -9.680  2.386   1.00 44.72  ? 105 THR A CA  1 
ATOM   673  C C   . THR A 1 85  ? 12.780  -9.090  3.697   1.00 44.59  ? 105 THR A C   1 
ATOM   674  O O   . THR A 1 85  ? 13.635  -8.187  3.671   1.00 48.47  ? 105 THR A O   1 
ATOM   675  C CB  . THR A 1 85  ? 13.500  -10.013 1.529   1.00 48.66  ? 105 THR A CB  1 
ATOM   676  O OG1 . THR A 1 85  ? 13.050  -10.629 0.333   1.00 58.36  ? 105 THR A OG1 1 
ATOM   677  C CG2 . THR A 1 85  ? 14.486  -10.951 2.238   1.00 51.42  ? 105 THR A CG2 1 
ATOM   678  N N   . MET A 1 86  ? 12.301  -9.603  4.833   1.00 41.41  ? 106 MET A N   1 
ATOM   679  C CA  . MET A 1 86  ? 12.797  -9.132  6.118   1.00 41.76  ? 106 MET A CA  1 
ATOM   680  C C   . MET A 1 86  ? 14.273  -9.464  6.262   1.00 42.28  ? 106 MET A C   1 
ATOM   681  O O   . MET A 1 86  ? 14.675  -10.562 5.952   1.00 42.36  ? 106 MET A O   1 
ATOM   682  C CB  . MET A 1 86  ? 12.020  -9.735  7.268   1.00 42.50  ? 106 MET A CB  1 
ATOM   683  C CG  . MET A 1 86  ? 12.365  -9.031  8.574   1.00 44.71  ? 106 MET A CG  1 
ATOM   684  S SD  . MET A 1 86  ? 11.854  -9.921  10.040  1.00 44.60  ? 106 MET A SD  1 
ATOM   685  C CE  . MET A 1 86  ? 13.200  -11.095 10.126  1.00 39.30  ? 106 MET A CE  1 
ATOM   686  N N   . LYS A 1 87  ? 15.074  -8.502  6.698   1.00 45.67  ? 107 LYS A N   1 
ATOM   687  C CA  . LYS A 1 87  ? 16.499  -8.730  6.902   1.00 48.74  ? 107 LYS A CA  1 
ATOM   688  C C   . LYS A 1 87  ? 16.922  -8.825  8.383   1.00 50.99  ? 107 LYS A C   1 
ATOM   689  O O   . LYS A 1 87  ? 17.966  -9.410  8.679   1.00 52.90  ? 107 LYS A O   1 
ATOM   690  C CB  . LYS A 1 87  ? 17.337  -7.707  6.129   1.00 50.62  ? 107 LYS A CB  1 
ATOM   691  C CG  . LYS A 1 87  ? 17.546  -8.097  4.665   1.00 62.17  ? 107 LYS A CG  1 
ATOM   692  C CD  . LYS A 1 87  ? 18.805  -7.468  4.055   1.00 74.75  ? 107 LYS A CD  1 
ATOM   693  C CE  . LYS A 1 87  ? 20.062  -8.304  4.329   1.00 85.78  ? 107 LYS A CE  1 
ATOM   694  N NZ  . LYS A 1 87  ? 21.299  -7.690  3.762   1.00 89.34  ? 107 LYS A NZ  1 
ATOM   695  N N   . LYS A 1 88  ? 16.084  -8.308  9.295   1.00 48.38  ? 108 LYS A N   1 
ATOM   696  C CA  . LYS A 1 88  ? 16.444  -8.028  10.689  1.00 43.59  ? 108 LYS A CA  1 
ATOM   697  C C   . LYS A 1 88  ? 15.171  -7.557  11.422  1.00 44.17  ? 108 LYS A C   1 
ATOM   698  O O   . LYS A 1 88  ? 14.409  -6.759  10.871  1.00 44.94  ? 108 LYS A O   1 
ATOM   699  C CB  . LYS A 1 88  ? 17.520  -6.941  10.663  1.00 46.21  ? 108 LYS A CB  1 
ATOM   700  C CG  . LYS A 1 88  ? 17.940  -6.273  11.958  1.00 49.91  ? 108 LYS A CG  1 
ATOM   701  C CD  . LYS A 1 88  ? 18.433  -4.871  11.643  1.00 51.47  ? 108 LYS A CD  1 
ATOM   702  C CE  . LYS A 1 88  ? 19.772  -4.590  12.293  1.00 56.77  ? 108 LYS A CE  1 
ATOM   703  N NZ  . LYS A 1 88  ? 20.377  -3.442  11.565  1.00 58.14  ? 108 LYS A NZ  1 
ATOM   704  N N   . TYR A 1 89  ? 14.915  -8.061  12.634  1.00 42.34  ? 109 TYR A N   1 
ATOM   705  C CA  . TYR A 1 89  ? 13.799  -7.545  13.444  1.00 42.41  ? 109 TYR A CA  1 
ATOM   706  C C   . TYR A 1 89  ? 14.320  -7.132  14.790  1.00 43.99  ? 109 TYR A C   1 
ATOM   707  O O   . TYR A 1 89  ? 14.734  -7.967  15.582  1.00 50.97  ? 109 TYR A O   1 
ATOM   708  C CB  . TYR A 1 89  ? 12.630  -8.531  13.592  1.00 39.78  ? 109 TYR A CB  1 
ATOM   709  C CG  . TYR A 1 89  ? 11.487  -8.032  14.504  1.00 43.79  ? 109 TYR A CG  1 
ATOM   710  C CD1 . TYR A 1 89  ? 10.472  -7.190  14.027  1.00 43.68  ? 109 TYR A CD1 1 
ATOM   711  C CD2 . TYR A 1 89  ? 11.416  -8.417  15.852  1.00 44.75  ? 109 TYR A CD2 1 
ATOM   712  C CE1 . TYR A 1 89  ? 9.423   -6.758  14.864  1.00 41.94  ? 109 TYR A CE1 1 
ATOM   713  C CE2 . TYR A 1 89  ? 10.375  -7.983  16.683  1.00 42.90  ? 109 TYR A CE2 1 
ATOM   714  C CZ  . TYR A 1 89  ? 9.376   -7.152  16.191  1.00 41.05  ? 109 TYR A CZ  1 
ATOM   715  O OH  . TYR A 1 89  ? 8.358   -6.723  17.047  1.00 39.52  ? 109 TYR A OH  1 
ATOM   716  N N   . GLU A 1 90  ? 14.299  -5.833  15.048  1.00 42.73  ? 110 GLU A N   1 
ATOM   717  C CA  . GLU A 1 90  ? 14.794  -5.295  16.300  1.00 40.57  ? 110 GLU A CA  1 
ATOM   718  C C   . GLU A 1 90  ? 13.588  -5.091  17.237  1.00 41.13  ? 110 GLU A C   1 
ATOM   719  O O   . GLU A 1 90  ? 12.800  -4.165  17.020  1.00 41.72  ? 110 GLU A O   1 
ATOM   720  C CB  . GLU A 1 90  ? 15.565  -3.983  16.034  1.00 42.19  ? 110 GLU A CB  1 
ATOM   721  C CG  . GLU A 1 90  ? 16.921  -4.115  15.323  1.00 42.65  ? 110 GLU A CG  1 
ATOM   722  C CD  . GLU A 1 90  ? 17.485  -2.778  14.857  1.00 48.40  ? 110 GLU A CD  1 
ATOM   723  O OE1 . GLU A 1 90  ? 18.619  -2.434  15.250  1.00 53.02  ? 110 GLU A OE1 1 
ATOM   724  O OE2 . GLU A 1 90  ? 16.805  -2.050  14.091  1.00 50.05  ? 110 GLU A OE2 1 
ATOM   725  N N   . LYS A 1 91  ? 13.417  -5.965  18.242  1.00 40.20  ? 111 LYS A N   1 
ATOM   726  C CA  . LYS A 1 91  ? 12.247  -5.896  19.147  1.00 37.86  ? 111 LYS A CA  1 
ATOM   727  C C   . LYS A 1 91  ? 12.304  -4.673  20.059  1.00 38.06  ? 111 LYS A C   1 
ATOM   728  O O   . LYS A 1 91  ? 13.364  -4.399  20.608  1.00 38.75  ? 111 LYS A O   1 
ATOM   729  C CB  . LYS A 1 91  ? 12.209  -7.123  20.036  1.00 38.31  ? 111 LYS A CB  1 
ATOM   730  C CG  . LYS A 1 91  ? 10.867  -7.324  20.729  1.00 41.37  ? 111 LYS A CG  1 
ATOM   731  C CD  . LYS A 1 91  ? 10.987  -7.629  22.229  1.00 41.16  ? 111 LYS A CD  1 
ATOM   732  C CE  . LYS A 1 91  ? 11.316  -9.082  22.607  1.00 38.51  ? 111 LYS A CE  1 
ATOM   733  N NZ  . LYS A 1 91  ? 10.649  -9.473  23.891  1.00 35.07  ? 111 LYS A NZ  1 
ATOM   734  N N   . ILE A 1 92  ? 11.207  -3.927  20.222  1.00 36.41  ? 112 ILE A N   1 
ATOM   735  C CA  . ILE A 1 92  ? 11.218  -2.870  21.251  1.00 37.11  ? 112 ILE A CA  1 
ATOM   736  C C   . ILE A 1 92  ? 10.644  -3.477  22.530  1.00 39.96  ? 112 ILE A C   1 
ATOM   737  O O   . ILE A 1 92  ? 11.312  -3.493  23.558  1.00 40.56  ? 112 ILE A O   1 
ATOM   738  C CB  . ILE A 1 92  ? 10.540  -1.540  20.828  1.00 37.49  ? 112 ILE A CB  1 
ATOM   739  C CG1 . ILE A 1 92  ? 11.360  -0.882  19.711  1.00 36.12  ? 112 ILE A CG1 1 
ATOM   740  C CG2 . ILE A 1 92  ? 10.425  -0.556  22.007  1.00 32.13  ? 112 ILE A CG2 1 
ATOM   741  C CD1 . ILE A 1 92  ? 10.551  -0.042  18.737  1.00 38.40  ? 112 ILE A CD1 1 
ATOM   742  N N   . ASP A 1 93  ? 9.420   -3.987  22.452  1.00 39.35  ? 113 ASP A N   1 
ATOM   743  C CA  . ASP A 1 93  ? 8.845   -4.823  23.498  1.00 36.42  ? 113 ASP A CA  1 
ATOM   744  C C   . ASP A 1 93  ? 7.908   -5.822  22.805  1.00 36.94  ? 113 ASP A C   1 
ATOM   745  O O   . ASP A 1 93  ? 7.985   -6.026  21.562  1.00 39.09  ? 113 ASP A O   1 
ATOM   746  C CB  . ASP A 1 93  ? 8.135   -3.966  24.554  1.00 34.43  ? 113 ASP A CB  1 
ATOM   747  C CG  . ASP A 1 93  ? 6.999   -3.102  23.969  1.00 37.39  ? 113 ASP A CG  1 
ATOM   748  O OD1 . ASP A 1 93  ? 6.329   -3.510  22.972  1.00 34.86  ? 113 ASP A OD1 1 
ATOM   749  O OD2 . ASP A 1 93  ? 6.751   -2.003  24.529  1.00 38.72  ? 113 ASP A OD2 1 
ATOM   750  N N   . ASN A 1 94  ? 7.012   -6.419  23.587  1.00 36.21  ? 114 ASN A N   1 
ATOM   751  C CA  . ASN A 1 94  ? 6.119   -7.451  23.087  1.00 37.50  ? 114 ASN A CA  1 
ATOM   752  C C   . ASN A 1 94  ? 5.060   -6.909  22.154  1.00 41.86  ? 114 ASN A C   1 
ATOM   753  O O   . ASN A 1 94  ? 4.395   -7.719  21.509  1.00 46.55  ? 114 ASN A O   1 
ATOM   754  C CB  . ASN A 1 94  ? 5.383   -8.157  24.215  1.00 38.78  ? 114 ASN A CB  1 
ATOM   755  C CG  . ASN A 1 94  ? 6.268   -9.046  25.079  1.00 40.60  ? 114 ASN A CG  1 
ATOM   756  O OD1 . ASN A 1 94  ? 7.443   -9.323  24.781  1.00 42.52  ? 114 ASN A OD1 1 
ATOM   757  N ND2 . ASN A 1 94  ? 5.683   -9.503  26.187  1.00 39.82  ? 114 ASN A ND2 1 
ATOM   758  N N   . GLU A 1 95  ? 4.865   -5.577  22.094  1.00 44.84  ? 115 GLU A N   1 
ATOM   759  C CA  . GLU A 1 95  ? 3.858   -4.957  21.175  1.00 45.06  ? 115 GLU A CA  1 
ATOM   760  C C   . GLU A 1 95  ? 4.441   -4.311  19.933  1.00 43.94  ? 115 GLU A C   1 
ATOM   761  O O   . GLU A 1 95  ? 3.744   -4.158  18.937  1.00 41.73  ? 115 GLU A O   1 
ATOM   762  C CB  . GLU A 1 95  ? 3.008   -3.916  21.881  1.00 46.06  ? 115 GLU A CB  1 
ATOM   763  C CG  . GLU A 1 95  ? 2.245   -4.485  23.052  1.00 55.63  ? 115 GLU A CG  1 
ATOM   764  C CD  . GLU A 1 95  ? 1.745   -3.428  24.022  1.00 62.35  ? 115 GLU A CD  1 
ATOM   765  O OE1 . GLU A 1 95  ? 2.541   -2.528  24.414  1.00 68.62  ? 115 GLU A OE1 1 
ATOM   766  O OE2 . GLU A 1 95  ? 0.553   -3.531  24.408  1.00 61.31  ? 115 GLU A OE2 1 
ATOM   767  N N   . LYS A 1 96  ? 5.721   -3.949  20.012  1.00 43.64  ? 116 LYS A N   1 
ATOM   768  C CA  . LYS A 1 96  ? 6.359   -3.038  19.074  1.00 42.83  ? 116 LYS A CA  1 
ATOM   769  C C   . LYS A 1 96  ? 7.728   -3.528  18.674  1.00 40.02  ? 116 LYS A C   1 
ATOM   770  O O   . LYS A 1 96  ? 8.499   -4.048  19.493  1.00 42.99  ? 116 LYS A O   1 
ATOM   771  C CB  . LYS A 1 96  ? 6.500   -1.639  19.713  1.00 48.56  ? 116 LYS A CB  1 
ATOM   772  C CG  . LYS A 1 96  ? 5.205   -0.830  19.803  1.00 54.24  ? 116 LYS A CG  1 
ATOM   773  C CD  . LYS A 1 96  ? 5.239   0.294   20.842  1.00 64.29  ? 116 LYS A CD  1 
ATOM   774  C CE  . LYS A 1 96  ? 3.939   1.100   20.736  1.00 68.90  ? 116 LYS A CE  1 
ATOM   775  N NZ  . LYS A 1 96  ? 3.757   2.132   21.803  1.00 72.07  ? 116 LYS A NZ  1 
ATOM   776  N N   . GLY A 1 97  ? 8.037   -3.349  17.408  1.00 36.29  ? 117 GLY A N   1 
ATOM   777  C CA  . GLY A 1 97  ? 9.405   -3.548  16.951  1.00 37.91  ? 117 GLY A CA  1 
ATOM   778  C C   . GLY A 1 97  ? 9.658   -2.867  15.632  1.00 37.07  ? 117 GLY A C   1 
ATOM   779  O O   . GLY A 1 97  ? 8.724   -2.617  14.869  1.00 42.04  ? 117 GLY A O   1 
ATOM   780  N N   . LYS A 1 98  ? 10.919  -2.558  15.379  1.00 35.35  ? 118 LYS A N   1 
ATOM   781  C CA  . LYS A 1 98  ? 11.378  -2.001  14.117  1.00 35.38  ? 118 LYS A CA  1 
ATOM   782  C C   . LYS A 1 98  ? 11.817  -3.174  13.182  1.00 34.17  ? 118 LYS A C   1 
ATOM   783  O O   . LYS A 1 98  ? 12.684  -3.978  13.545  1.00 32.80  ? 118 LYS A O   1 
ATOM   784  C CB  . LYS A 1 98  ? 12.507  -1.032  14.448  1.00 36.10  ? 118 LYS A CB  1 
ATOM   785  C CG  . LYS A 1 98  ? 13.203  -0.332  13.302  1.00 43.85  ? 118 LYS A CG  1 
ATOM   786  C CD  . LYS A 1 98  ? 14.497  0.330   13.812  1.00 51.53  ? 118 LYS A CD  1 
ATOM   787  C CE  . LYS A 1 98  ? 15.027  1.487   12.954  1.00 48.39  ? 118 LYS A CE  1 
ATOM   788  N NZ  . LYS A 1 98  ? 16.486  1.302   12.744  1.00 44.02  ? 118 LYS A NZ  1 
ATOM   789  N N   . MET A 1 99  ? 11.168  -3.303  12.017  1.00 32.34  ? 119 MET A N   1 
ATOM   790  C CA  . MET A 1 99  ? 11.507  -4.341  11.029  1.00 32.15  ? 119 MET A CA  1 
ATOM   791  C C   . MET A 1 99  ? 12.258  -3.750  9.836   1.00 33.45  ? 119 MET A C   1 
ATOM   792  O O   . MET A 1 99  ? 11.808  -2.792  9.235   1.00 38.07  ? 119 MET A O   1 
ATOM   793  C CB  . MET A 1 99  ? 10.258  -5.052  10.543  1.00 29.75  ? 119 MET A CB  1 
ATOM   794  C CG  . MET A 1 99  ? 10.561  -6.239  9.662   1.00 30.21  ? 119 MET A CG  1 
ATOM   795  S SD  . MET A 1 99  ? 9.164   -7.331  9.283   1.00 33.89  ? 119 MET A SD  1 
ATOM   796  C CE  . MET A 1 99  ? 8.593   -7.943  10.866  1.00 34.59  ? 119 MET A CE  1 
ATOM   797  N N   . THR A 1 100 ? 13.408  -4.309  9.503   1.00 32.91  ? 120 THR A N   1 
ATOM   798  C CA  . THR A 1 100 ? 14.175  -3.854  8.352   1.00 33.90  ? 120 THR A CA  1 
ATOM   799  C C   . THR A 1 100 ? 14.150  -4.912  7.238   1.00 35.28  ? 120 THR A C   1 
ATOM   800  O O   . THR A 1 100 ? 14.317  -6.101  7.485   1.00 34.62  ? 120 THR A O   1 
ATOM   801  C CB  . THR A 1 100 ? 15.601  -3.487  8.789   1.00 33.95  ? 120 THR A CB  1 
ATOM   802  O OG1 . THR A 1 100 ? 15.531  -2.328  9.623   1.00 36.40  ? 120 THR A OG1 1 
ATOM   803  C CG2 . THR A 1 100 ? 16.506  -3.178  7.619   1.00 32.16  ? 120 THR A CG2 1 
ATOM   804  N N   . GLY A 1 101 ? 13.920  -4.475  6.008   1.00 37.32  ? 121 GLY A N   1 
ATOM   805  C CA  . GLY A 1 101 ? 13.891  -5.405  4.882   1.00 38.03  ? 121 GLY A CA  1 
ATOM   806  C C   . GLY A 1 101 ? 14.113  -4.801  3.515   1.00 38.56  ? 121 GLY A C   1 
ATOM   807  O O   . GLY A 1 101 ? 14.258  -3.590  3.367   1.00 41.20  ? 121 GLY A O   1 
ATOM   808  N N   . THR A 1 102 ? 14.155  -5.651  2.502   1.00 38.19  ? 122 THR A N   1 
ATOM   809  C CA  . THR A 1 102 ? 14.387  -5.180  1.143   1.00 36.35  ? 122 THR A CA  1 
ATOM   810  C C   . THR A 1 102 ? 13.070  -5.226  0.425   1.00 36.84  ? 122 THR A C   1 
ATOM   811  O O   . THR A 1 102 ? 12.432  -6.286  0.336   1.00 38.46  ? 122 THR A O   1 
ATOM   812  C CB  . THR A 1 102 ? 15.424  -6.031  0.401   1.00 35.12  ? 122 THR A CB  1 
ATOM   813  O OG1 . THR A 1 102 ? 16.616  -6.097  1.188   1.00 35.72  ? 122 THR A OG1 1 
ATOM   814  C CG2 . THR A 1 102 ? 15.774  -5.412  -0.929  1.00 35.30  ? 122 THR A CG2 1 
ATOM   815  N N   . LEU A 1 103 ? 12.651  -4.054  -0.043  1.00 35.38  ? 123 LEU A N   1 
ATOM   816  C CA  . LEU A 1 103 ? 11.502  -3.950  -0.905  1.00 33.74  ? 123 LEU A CA  1 
ATOM   817  C C   . LEU A 1 103 ? 11.989  -3.818  -2.342  1.00 35.83  ? 123 LEU A C   1 
ATOM   818  O O   . LEU A 1 103 ? 12.969  -3.093  -2.628  1.00 34.28  ? 123 LEU A O   1 
ATOM   819  C CB  . LEU A 1 103 ? 10.662  -2.761  -0.509  1.00 32.46  ? 123 LEU A CB  1 
ATOM   820  C CG  . LEU A 1 103 ? 9.287   -2.676  -1.167  1.00 31.92  ? 123 LEU A CG  1 
ATOM   821  C CD1 . LEU A 1 103 ? 8.333   -3.791  -0.737  1.00 30.34  ? 123 LEU A CD1 1 
ATOM   822  C CD2 . LEU A 1 103 ? 8.737   -1.319  -0.782  1.00 31.46  ? 123 LEU A CD2 1 
ATOM   823  N N   . THR A 1 104 ? 11.321  -4.546  -3.237  1.00 36.65  ? 124 THR A N   1 
ATOM   824  C CA  . THR A 1 104 ? 11.643  -4.484  -4.656  1.00 38.35  ? 124 THR A CA  1 
ATOM   825  C C   . THR A 1 104 ? 10.380  -4.142  -5.373  1.00 40.91  ? 124 THR A C   1 
ATOM   826  O O   . THR A 1 104 ? 9.382   -4.860  -5.254  1.00 44.35  ? 124 THR A O   1 
ATOM   827  C CB  . THR A 1 104 ? 12.217  -5.804  -5.183  1.00 36.57  ? 124 THR A CB  1 
ATOM   828  O OG1 . THR A 1 104 ? 13.240  -6.224  -4.291  1.00 37.96  ? 124 THR A OG1 1 
ATOM   829  C CG2 . THR A 1 104 ? 12.867  -5.614  -6.527  1.00 34.79  ? 124 THR A CG2 1 
ATOM   830  N N   . ILE A 1 105 ? 10.422  -3.014  -6.076  1.00 43.91  ? 125 ILE A N   1 
ATOM   831  C CA  . ILE A 1 105 ? 9.319   -2.566  -6.938  1.00 46.28  ? 125 ILE A CA  1 
ATOM   832  C C   . ILE A 1 105 ? 9.916   -2.430  -8.329  1.00 46.28  ? 125 ILE A C   1 
ATOM   833  O O   . ILE A 1 105 ? 11.014  -1.870  -8.469  1.00 43.88  ? 125 ILE A O   1 
ATOM   834  C CB  . ILE A 1 105 ? 8.714   -1.196  -6.512  1.00 46.40  ? 125 ILE A CB  1 
ATOM   835  C CG1 . ILE A 1 105 ? 8.601   -1.070  -4.982  1.00 44.36  ? 125 ILE A CG1 1 
ATOM   836  C CG2 . ILE A 1 105 ? 7.366   -0.993  -7.189  1.00 49.92  ? 125 ILE A CG2 1 
ATOM   837  C CD1 . ILE A 1 105 ? 7.977   0.211   -4.468  1.00 42.40  ? 125 ILE A CD1 1 
ATOM   838  N N   . ALA A 1 106 ? 9.214   -2.959  -9.342  1.00 45.32  ? 126 ALA A N   1 
ATOM   839  C CA  . ALA A 1 106 ? 9.689   -2.910  -10.745 1.00 43.16  ? 126 ALA A CA  1 
ATOM   840  C C   . ALA A 1 106 ? 11.222  -3.088  -10.888 1.00 43.88  ? 126 ALA A C   1 
ATOM   841  O O   . ALA A 1 106 ? 11.901  -2.299  -11.551 1.00 45.87  ? 126 ALA A O   1 
ATOM   842  C CB  . ALA A 1 106 ? 9.214   -1.632  -11.429 1.00 40.73  ? 126 ALA A CB  1 
ATOM   843  N N   . GLY A 1 107 ? 11.765  -4.104  -10.214 1.00 42.56  ? 127 GLY A N   1 
ATOM   844  C CA  . GLY A 1 107 ? 13.168  -4.439  -10.330 1.00 39.91  ? 127 GLY A CA  1 
ATOM   845  C C   . GLY A 1 107 ? 14.116  -3.459  -9.681  1.00 42.53  ? 127 GLY A C   1 
ATOM   846  O O   . GLY A 1 107 ? 15.332  -3.568  -9.830  1.00 47.45  ? 127 GLY A O   1 
ATOM   847  N N   . VAL A 1 108 ? 13.596  -2.491  -8.950  1.00 41.78  ? 128 VAL A N   1 
ATOM   848  C CA  . VAL A 1 108 ? 14.504  -1.681  -8.150  1.00 42.11  ? 128 VAL A CA  1 
ATOM   849  C C   . VAL A 1 108 ? 14.311  -1.971  -6.642  1.00 40.26  ? 128 VAL A C   1 
ATOM   850  O O   . VAL A 1 108 ? 13.175  -2.091  -6.134  1.00 34.15  ? 128 VAL A O   1 
ATOM   851  C CB  . VAL A 1 108 ? 14.609  -0.199  -8.648  1.00 44.04  ? 128 VAL A CB  1 
ATOM   852  C CG1 . VAL A 1 108 ? 13.249  0.393   -8.915  1.00 50.20  ? 128 VAL A CG1 1 
ATOM   853  C CG2 . VAL A 1 108 ? 15.384  0.694   -7.689  1.00 43.26  ? 128 VAL A CG2 1 
ATOM   854  N N   . SER A 1 109 ? 15.450  -2.185  -5.978  1.00 40.81  ? 129 SER A N   1 
ATOM   855  C CA  . SER A 1 109 ? 15.486  -2.717  -4.625  1.00 40.87  ? 129 SER A CA  1 
ATOM   856  C C   . SER A 1 109 ? 16.065  -1.731  -3.665  1.00 40.74  ? 129 SER A C   1 
ATOM   857  O O   . SER A 1 109 ? 17.094  -1.110  -3.942  1.00 38.17  ? 129 SER A O   1 
ATOM   858  C CB  . SER A 1 109 ? 16.314  -3.998  -4.570  1.00 42.66  ? 129 SER A CB  1 
ATOM   859  O OG  . SER A 1 109 ? 15.523  -5.089  -4.988  1.00 44.77  ? 129 SER A OG  1 
ATOM   860  N N   . LYS A 1 110 ? 15.398  -1.609  -2.522  1.00 42.74  ? 130 LYS A N   1 
ATOM   861  C CA  . LYS A 1 110 ? 15.816  -0.691  -1.481  1.00 44.91  ? 130 LYS A CA  1 
ATOM   862  C C   . LYS A 1 110 ? 15.440  -1.245  -0.091  1.00 42.72  ? 130 LYS A C   1 
ATOM   863  O O   . LYS A 1 110 ? 14.449  -1.955  0.084   1.00 40.53  ? 130 LYS A O   1 
ATOM   864  C CB  . LYS A 1 110 ? 15.256  0.703   -1.793  1.00 49.28  ? 130 LYS A CB  1 
ATOM   865  C CG  . LYS A 1 110 ? 15.297  1.710   -0.667  1.00 62.43  ? 130 LYS A CG  1 
ATOM   866  C CD  . LYS A 1 110 ? 16.305  2.824   -0.908  1.00 70.31  ? 130 LYS A CD  1 
ATOM   867  C CE  . LYS A 1 110 ? 16.376  3.714   0.333   1.00 64.02  ? 130 LYS A CE  1 
ATOM   868  N NZ  . LYS A 1 110 ? 17.375  4.787   0.113   1.00 68.05  ? 130 LYS A NZ  1 
ATOM   869  N N   . ASP A 1 111 ? 16.297  -0.967  0.879   1.00 45.28  ? 131 ASP A N   1 
ATOM   870  C CA  . ASP A 1 111 ? 16.057  -1.344  2.261   1.00 45.27  ? 131 ASP A CA  1 
ATOM   871  C C   . ASP A 1 111 ? 15.166  -0.342  2.951   1.00 45.09  ? 131 ASP A C   1 
ATOM   872  O O   . ASP A 1 111 ? 15.406  0.861   2.888   1.00 49.55  ? 131 ASP A O   1 
ATOM   873  C CB  . ASP A 1 111 ? 17.373  -1.451  3.010   1.00 45.73  ? 131 ASP A CB  1 
ATOM   874  C CG  . ASP A 1 111 ? 18.115  -2.716  2.688   1.00 49.97  ? 131 ASP A CG  1 
ATOM   875  O OD1 . ASP A 1 111 ? 17.519  -3.655  2.098   1.00 53.36  ? 131 ASP A OD1 1 
ATOM   876  O OD2 . ASP A 1 111 ? 19.304  -2.767  3.041   1.00 51.68  ? 131 ASP A OD2 1 
ATOM   877  N N   . ILE A 1 112 ? 14.126  -0.841  3.603   1.00 44.49  ? 132 ILE A N   1 
ATOM   878  C CA  . ILE A 1 112 ? 13.159  0.018   4.295   1.00 41.87  ? 132 ILE A CA  1 
ATOM   879  C C   . ILE A 1 112 ? 12.910  -0.404  5.741   1.00 42.54  ? 132 ILE A C   1 
ATOM   880  O O   . ILE A 1 112 ? 13.180  -1.554  6.104   1.00 44.41  ? 132 ILE A O   1 
ATOM   881  C CB  . ILE A 1 112 ? 11.853  0.122   3.502   1.00 38.35  ? 132 ILE A CB  1 
ATOM   882  C CG1 . ILE A 1 112 ? 11.235  -1.263  3.308   1.00 35.34  ? 132 ILE A CG1 1 
ATOM   883  C CG2 . ILE A 1 112 ? 12.139  0.812   2.168   1.00 38.93  ? 132 ILE A CG2 1 
ATOM   884  C CD1 . ILE A 1 112 ? 9.732   -1.245  3.134   1.00 34.66  ? 132 ILE A CD1 1 
ATOM   885  N N   . VAL A 1 113 ? 12.456  0.531   6.578   1.00 42.91  ? 133 VAL A N   1 
ATOM   886  C CA  . VAL A 1 113 ? 11.996  0.145   7.926   1.00 44.38  ? 133 VAL A CA  1 
ATOM   887  C C   . VAL A 1 113 ? 10.482  0.230   8.042   1.00 43.01  ? 133 VAL A C   1 
ATOM   888  O O   . VAL A 1 113 ? 9.859   1.203   7.581   1.00 46.85  ? 133 VAL A O   1 
ATOM   889  C CB  . VAL A 1 113 ? 12.709  0.872   9.104   1.00 44.70  ? 133 VAL A CB  1 
ATOM   890  C CG1 . VAL A 1 113 ? 14.228  0.839   8.927   1.00 43.18  ? 133 VAL A CG1 1 
ATOM   891  C CG2 . VAL A 1 113 ? 12.216  2.303   9.262   1.00 52.14  ? 133 VAL A CG2 1 
ATOM   892  N N   . LEU A 1 114 ? 9.894   -0.815  8.616   1.00 40.64  ? 134 LEU A N   1 
ATOM   893  C CA  . LEU A 1 114 ? 8.468   -0.818  8.958   1.00 37.55  ? 134 LEU A CA  1 
ATOM   894  C C   . LEU A 1 114 ? 8.311   -0.950  10.468  1.00 36.96  ? 134 LEU A C   1 
ATOM   895  O O   . LEU A 1 114 ? 9.112   -1.635  11.140  1.00 33.45  ? 134 LEU A O   1 
ATOM   896  C CB  . LEU A 1 114 ? 7.719   -1.935  8.241   1.00 35.90  ? 134 LEU A CB  1 
ATOM   897  C CG  . LEU A 1 114 ? 7.948   -2.031  6.731   1.00 36.48  ? 134 LEU A CG  1 
ATOM   898  C CD1 . LEU A 1 114 ? 7.660   -3.446  6.271   1.00 36.34  ? 134 LEU A CD1 1 
ATOM   899  C CD2 . LEU A 1 114 ? 7.110   -1.031  5.953   1.00 36.04  ? 134 LEU A CD2 1 
ATOM   900  N N   . ASP A 1 115 ? 7.302   -0.264  10.996  1.00 35.69  ? 135 ASP A N   1 
ATOM   901  C CA  . ASP A 1 115 ? 6.947   -0.423  12.388  1.00 35.44  ? 135 ASP A CA  1 
ATOM   902  C C   . ASP A 1 115 ? 5.961   -1.535  12.549  1.00 36.37  ? 135 ASP A C   1 
ATOM   903  O O   . ASP A 1 115 ? 4.860   -1.533  11.952  1.00 38.73  ? 135 ASP A O   1 
ATOM   904  C CB  . ASP A 1 115 ? 6.456   0.875   12.978  1.00 38.27  ? 135 ASP A CB  1 
ATOM   905  C CG  . ASP A 1 115 ? 7.550   1.919   13.022  1.00 43.91  ? 135 ASP A CG  1 
ATOM   906  O OD1 . ASP A 1 115 ? 8.728   1.563   13.279  1.00 47.08  ? 135 ASP A OD1 1 
ATOM   907  O OD2 . ASP A 1 115 ? 7.248   3.101   12.792  1.00 44.96  ? 135 ASP A OD2 1 
ATOM   908  N N   . ALA A 1 116 ? 6.403   -2.521  13.322  1.00 35.35  ? 136 ALA A N   1 
ATOM   909  C CA  . ALA A 1 116 ? 5.599   -3.676  13.634  1.00 34.78  ? 136 ALA A CA  1 
ATOM   910  C C   . ALA A 1 116 ? 4.900   -3.332  14.910  1.00 36.67  ? 136 ALA A C   1 
ATOM   911  O O   . ALA A 1 116 ? 5.505   -2.799  15.849  1.00 38.70  ? 136 ALA A O   1 
ATOM   912  C CB  . ALA A 1 116 ? 6.461   -4.900  13.800  1.00 32.89  ? 136 ALA A CB  1 
ATOM   913  N N   . GLU A 1 117 ? 3.605   -3.575  14.899  1.00 39.48  ? 137 GLU A N   1 
ATOM   914  C CA  . GLU A 1 117 ? 2.773   -3.468  16.065  1.00 41.52  ? 137 GLU A CA  1 
ATOM   915  C C   . GLU A 1 117 ? 2.070   -4.815  16.194  1.00 41.06  ? 137 GLU A C   1 
ATOM   916  O O   . GLU A 1 117 ? 1.381   -5.246  15.264  1.00 39.68  ? 137 GLU A O   1 
ATOM   917  C CB  . GLU A 1 117 ? 1.782   -2.353  15.850  1.00 48.44  ? 137 GLU A CB  1 
ATOM   918  C CG  . GLU A 1 117 ? 0.972   -1.965  17.073  1.00 60.79  ? 137 GLU A CG  1 
ATOM   919  C CD  . GLU A 1 117 ? 1.035   -0.476  17.308  1.00 70.64  ? 137 GLU A CD  1 
ATOM   920  O OE1 . GLU A 1 117 ? 0.909   0.306   16.321  1.00 69.91  ? 137 GLU A OE1 1 
ATOM   921  O OE2 . GLU A 1 117 ? 1.259   -0.101  18.483  1.00 80.27  ? 137 GLU A OE2 1 
ATOM   922  N N   . ILE A 1 118 ? 2.286   -5.509  17.309  1.00 39.97  ? 138 ILE A N   1 
ATOM   923  C CA  . ILE A 1 118 ? 1.611   -6.780  17.509  1.00 40.52  ? 138 ILE A CA  1 
ATOM   924  C C   . ILE A 1 118 ? 0.292   -6.528  18.216  1.00 43.04  ? 138 ILE A C   1 
ATOM   925  O O   . ILE A 1 118 ? 0.264   -6.105  19.378  1.00 47.32  ? 138 ILE A O   1 
ATOM   926  C CB  . ILE A 1 118 ? 2.454   -7.847  18.236  1.00 38.37  ? 138 ILE A CB  1 
ATOM   927  C CG1 . ILE A 1 118 ? 3.675   -8.220  17.412  1.00 35.16  ? 138 ILE A CG1 1 
ATOM   928  C CG2 . ILE A 1 118 ? 1.646   -9.122  18.376  1.00 36.71  ? 138 ILE A CG2 1 
ATOM   929  C CD1 . ILE A 1 118 ? 4.995   -7.830  18.017  1.00 33.03  ? 138 ILE A CD1 1 
ATOM   930  N N   . GLY A 1 119 ? -0.789  -6.792  17.482  1.00 43.57  ? 139 GLY A N   1 
ATOM   931  C CA  . GLY A 1 119 ? -2.150  -6.591  17.948  1.00 43.09  ? 139 GLY A CA  1 
ATOM   932  C C   . GLY A 1 119 ? -2.611  -7.706  18.868  1.00 45.69  ? 139 GLY A C   1 
ATOM   933  O O   . GLY A 1 119 ? -3.438  -7.475  19.759  1.00 47.81  ? 139 GLY A O   1 
ATOM   934  N N   . GLY A 1 120 ? -2.080  -8.912  18.665  1.00 42.70  ? 140 GLY A N   1 
ATOM   935  C CA  . GLY A 1 120 ? -2.555  -10.075 19.400  1.00 42.72  ? 140 GLY A CA  1 
ATOM   936  C C   . GLY A 1 120 ? -1.766  -11.335 19.128  1.00 44.69  ? 140 GLY A C   1 
ATOM   937  O O   . GLY A 1 120 ? -1.424  -11.620 17.989  1.00 48.64  ? 140 GLY A O   1 
ATOM   938  N N   . VAL A 1 121 ? -1.463  -12.068 20.197  1.00 43.98  ? 141 VAL A N   1 
ATOM   939  C CA  . VAL A 1 121 ? -0.807  -13.369 20.148  1.00 42.08  ? 141 VAL A CA  1 
ATOM   940  C C   . VAL A 1 121 ? -1.665  -14.301 20.989  1.00 46.69  ? 141 VAL A C   1 
ATOM   941  O O   . VAL A 1 121 ? -1.978  -13.981 22.134  1.00 48.93  ? 141 VAL A O   1 
ATOM   942  C CB  . VAL A 1 121 ? 0.601   -13.279 20.750  1.00 39.62  ? 141 VAL A CB  1 
ATOM   943  C CG1 . VAL A 1 121 ? 1.202   -14.658 20.984  1.00 40.98  ? 141 VAL A CG1 1 
ATOM   944  C CG2 . VAL A 1 121 ? 1.499   -12.459 19.849  1.00 37.93  ? 141 VAL A CG2 1 
ATOM   945  N N   . ALA A 1 122 ? -2.081  -15.432 20.415  1.00 53.50  ? 142 ALA A N   1 
ATOM   946  C CA  . ALA A 1 122 ? -2.935  -16.395 21.127  1.00 57.99  ? 142 ALA A CA  1 
ATOM   947  C C   . ALA A 1 122 ? -2.665  -17.862 20.726  1.00 66.07  ? 142 ALA A C   1 
ATOM   948  O O   . ALA A 1 122 ? -2.041  -18.131 19.678  1.00 65.29  ? 142 ALA A O   1 
ATOM   949  C CB  . ALA A 1 122 ? -4.414  -16.026 20.966  1.00 50.97  ? 142 ALA A CB  1 
ATOM   950  N N   . LYS A 1 123 ? -3.069  -18.784 21.612  1.00 74.98  ? 143 LYS A N   1 
ATOM   951  C CA  . LYS A 1 123 ? -3.323  -20.195 21.279  1.00 80.65  ? 143 LYS A CA  1 
ATOM   952  C C   . LYS A 1 123 ? -4.826  -20.320 21.156  1.00 84.17  ? 143 LYS A C   1 
ATOM   953  O O   . LYS A 1 123 ? -5.554  -19.988 22.096  1.00 85.19  ? 143 LYS A O   1 
ATOM   954  C CB  . LYS A 1 123 ? -2.845  -21.130 22.381  1.00 83.85  ? 143 LYS A CB  1 
ATOM   955  C CG  . LYS A 1 123 ? -1.562  -21.863 22.083  1.00 87.72  ? 143 LYS A CG  1 
ATOM   956  C CD  . LYS A 1 123 ? -1.292  -22.843 23.204  1.00 97.39  ? 143 LYS A CD  1 
ATOM   957  C CE  . LYS A 1 123 ? -0.533  -24.052 22.687  1.00 105.93 ? 143 LYS A CE  1 
ATOM   958  N NZ  . LYS A 1 123 ? -0.506  -25.124 23.725  1.00 114.24 ? 143 LYS A NZ  1 
ATOM   959  N N   . GLY A 1 124 ? -5.287  -20.775 19.992  1.00 94.52  ? 144 GLY A N   1 
ATOM   960  C CA  . GLY A 1 124 ? -6.717  -20.843 19.688  1.00 110.25 ? 144 GLY A CA  1 
ATOM   961  C C   . GLY A 1 124 ? -7.460  -21.820 20.578  1.00 125.28 ? 144 GLY A C   1 
ATOM   962  O O   . GLY A 1 124 ? -6.834  -22.638 21.282  1.00 121.86 ? 144 GLY A O   1 
ATOM   963  N N   . LYS A 1 125 ? -8.795  -21.722 20.556  1.00 136.02 ? 145 LYS A N   1 
ATOM   964  C CA  . LYS A 1 125 ? -9.666  -22.719 21.203  1.00 127.56 ? 145 LYS A CA  1 
ATOM   965  C C   . LYS A 1 125 ? -9.251  -24.144 20.742  1.00 122.61 ? 145 LYS A C   1 
ATOM   966  O O   . LYS A 1 125 ? -9.009  -25.020 21.578  1.00 108.25 ? 145 LYS A O   1 
ATOM   967  C CB  . LYS A 1 125 ? -11.180 -22.388 21.040  1.00 117.20 ? 145 LYS A CB  1 
ATOM   968  C CG  . LYS A 1 125 ? -11.753 -22.277 19.620  1.00 116.04 ? 145 LYS A CG  1 
ATOM   969  C CD  . LYS A 1 125 ? -11.703 -20.864 19.050  1.00 104.07 ? 145 LYS A CD  1 
ATOM   970  C CE  . LYS A 1 125 ? -10.697 -20.769 17.913  1.00 89.32  ? 145 LYS A CE  1 
ATOM   971  N NZ  . LYS A 1 125 ? -10.369 -19.333 17.769  1.00 83.40  ? 145 LYS A NZ  1 
ATOM   972  N N   . ASP A 1 126 ? -9.069  -24.315 19.426  1.00 117.23 ? 146 ASP A N   1 
ATOM   973  C CA  . ASP A 1 126 ? -8.508  -25.529 18.802  1.00 106.68 ? 146 ASP A CA  1 
ATOM   974  C C   . ASP A 1 126 ? -7.067  -25.945 19.212  1.00 98.32  ? 146 ASP A C   1 
ATOM   975  O O   . ASP A 1 126 ? -6.565  -26.961 18.726  1.00 98.63  ? 146 ASP A O   1 
ATOM   976  C CB  . ASP A 1 126 ? -8.617  -25.426 17.263  1.00 108.40 ? 146 ASP A CB  1 
ATOM   977  C CG  . ASP A 1 126 ? -7.943  -24.168 16.700  1.00 109.19 ? 146 ASP A CG  1 
ATOM   978  O OD1 . ASP A 1 126 ? -8.564  -23.077 16.771  1.00 105.63 ? 146 ASP A OD1 1 
ATOM   979  O OD2 . ASP A 1 126 ? -6.805  -24.280 16.180  1.00 99.97  ? 146 ASP A OD2 1 
ATOM   980  N N   . GLY A 1 127 ? -6.406  -25.175 20.085  1.00 90.82  ? 147 GLY A N   1 
ATOM   981  C CA  . GLY A 1 127 ? -5.040  -25.498 20.549  1.00 88.09  ? 147 GLY A CA  1 
ATOM   982  C C   . GLY A 1 127 ? -3.878  -25.103 19.633  1.00 88.92  ? 147 GLY A C   1 
ATOM   983  O O   . GLY A 1 127 ? -2.702  -25.194 20.026  1.00 78.02  ? 147 GLY A O   1 
ATOM   984  N N   . LYS A 1 128 ? -4.205  -24.666 18.411  1.00 94.76  ? 148 LYS A N   1 
ATOM   985  C CA  . LYS A 1 128 ? -3.215  -24.159 17.447  1.00 87.99  ? 148 LYS A CA  1 
ATOM   986  C C   . LYS A 1 128 ? -3.043  -22.618 17.531  1.00 85.33  ? 148 LYS A C   1 
ATOM   987  O O   . LYS A 1 128 ? -4.018  -21.870 17.752  1.00 77.94  ? 148 LYS A O   1 
ATOM   988  C CB  . LYS A 1 128 ? -3.547  -24.637 16.021  1.00 92.14  ? 148 LYS A CB  1 
ATOM   989  C CG  . LYS A 1 128 ? -3.503  -26.155 15.866  1.00 99.34  ? 148 LYS A CG  1 
ATOM   990  C CD  . LYS A 1 128 ? -3.193  -26.614 14.431  1.00 104.52 ? 148 LYS A CD  1 
ATOM   991  C CE  . LYS A 1 128 ? -2.455  -27.955 14.482  1.00 112.22 ? 148 LYS A CE  1 
ATOM   992  N NZ  . LYS A 1 128 ? -2.190  -28.597 13.154  1.00 122.79 ? 148 LYS A NZ  1 
ATOM   993  N N   . GLU A 1 129 ? -1.790  -22.176 17.358  1.00 77.79  ? 149 GLU A N   1 
ATOM   994  C CA  . GLU A 1 129 ? -1.359  -20.766 17.481  1.00 65.06  ? 149 GLU A CA  1 
ATOM   995  C C   . GLU A 1 129 ? -1.959  -19.802 16.453  1.00 61.85  ? 149 GLU A C   1 
ATOM   996  O O   . GLU A 1 129 ? -2.246  -20.167 15.297  1.00 61.21  ? 149 GLU A O   1 
ATOM   997  C CB  . GLU A 1 129 ? 0.167   -20.672 17.372  1.00 62.95  ? 149 GLU A CB  1 
ATOM   998  C CG  . GLU A 1 129 ? 0.961   -21.244 18.532  1.00 64.18  ? 149 GLU A CG  1 
ATOM   999  C CD  . GLU A 1 129 ? 1.073   -20.306 19.721  1.00 69.88  ? 149 GLU A CD  1 
ATOM   1000 O OE1 . GLU A 1 129 ? 1.331   -20.856 20.815  1.00 67.55  ? 149 GLU A OE1 1 
ATOM   1001 O OE2 . GLU A 1 129 ? 0.923   -19.051 19.567  1.00 70.11  ? 149 GLU A OE2 1 
ATOM   1002 N N   . LYS A 1 130 ? -2.135  -18.561 16.893  1.00 57.25  ? 150 LYS A N   1 
ATOM   1003 C CA  . LYS A 1 130 ? -2.443  -17.450 15.995  1.00 53.63  ? 150 LYS A CA  1 
ATOM   1004 C C   . LYS A 1 130 ? -1.698  -16.179 16.404  1.00 53.09  ? 150 LYS A C   1 
ATOM   1005 O O   . LYS A 1 130 ? -1.079  -16.124 17.490  1.00 53.89  ? 150 LYS A O   1 
ATOM   1006 C CB  . LYS A 1 130 ? -3.950  -17.226 15.831  1.00 49.58  ? 150 LYS A CB  1 
ATOM   1007 C CG  . LYS A 1 130 ? -4.737  -17.191 17.113  1.00 51.46  ? 150 LYS A CG  1 
ATOM   1008 C CD  . LYS A 1 130 ? -6.176  -17.592 16.855  1.00 54.62  ? 150 LYS A CD  1 
ATOM   1009 C CE  . LYS A 1 130 ? -6.986  -17.575 18.150  1.00 61.86  ? 150 LYS A CE  1 
ATOM   1010 N NZ  . LYS A 1 130 ? -8.208  -16.711 18.084  1.00 69.03  ? 150 LYS A NZ  1 
ATOM   1011 N N   . ILE A 1 131 ? -1.687  -15.220 15.476  1.00 47.68  ? 151 ILE A N   1 
ATOM   1012 C CA  . ILE A 1 131 ? -1.155  -13.878 15.691  1.00 47.42  ? 151 ILE A CA  1 
ATOM   1013 C C   . ILE A 1 131 ? -1.896  -12.899 14.825  1.00 48.83  ? 151 ILE A C   1 
ATOM   1014 O O   . ILE A 1 131 ? -2.337  -13.245 13.717  1.00 48.85  ? 151 ILE A O   1 
ATOM   1015 C CB  . ILE A 1 131 ? 0.343   -13.697 15.339  1.00 46.22  ? 151 ILE A CB  1 
ATOM   1016 C CG1 . ILE A 1 131 ? 0.663   -14.333 13.997  1.00 43.92  ? 151 ILE A CG1 1 
ATOM   1017 C CG2 . ILE A 1 131 ? 1.261   -14.232 16.430  1.00 50.13  ? 151 ILE A CG2 1 
ATOM   1018 C CD1 . ILE A 1 131 ? 1.904   -13.749 13.391  1.00 43.85  ? 151 ILE A CD1 1 
ATOM   1019 N N   . GLY A 1 132 ? -1.995  -11.672 15.340  1.00 49.81  ? 152 GLY A N   1 
ATOM   1020 C CA  . GLY A 1 132 ? -2.427  -10.490 14.586  1.00 50.77  ? 152 GLY A CA  1 
ATOM   1021 C C   . GLY A 1 132 ? -1.443  -9.343  14.755  1.00 50.18  ? 152 GLY A C   1 
ATOM   1022 O O   . GLY A 1 132 ? -1.056  -9.001  15.879  1.00 59.40  ? 152 GLY A O   1 
ATOM   1023 N N   . PHE A 1 133 ? -1.018  -8.751  13.655  1.00 44.08  ? 153 PHE A N   1 
ATOM   1024 C CA  . PHE A 1 133 ? -0.028  -7.696  13.738  1.00 44.45  ? 153 PHE A CA  1 
ATOM   1025 C C   . PHE A 1 133 ? -0.150  -6.772  12.547  1.00 46.98  ? 153 PHE A C   1 
ATOM   1026 O O   . PHE A 1 133 ? -0.797  -7.123  11.538  1.00 49.19  ? 153 PHE A O   1 
ATOM   1027 C CB  . PHE A 1 133 ? 1.394   -8.272  13.839  1.00 41.36  ? 153 PHE A CB  1 
ATOM   1028 C CG  . PHE A 1 133 ? 1.861   -8.974  12.593  1.00 42.80  ? 153 PHE A CG  1 
ATOM   1029 C CD1 . PHE A 1 133 ? 1.564   -10.320 12.369  1.00 43.69  ? 153 PHE A CD1 1 
ATOM   1030 C CD2 . PHE A 1 133 ? 2.616   -8.308  11.637  1.00 41.45  ? 153 PHE A CD2 1 
ATOM   1031 C CE1 . PHE A 1 133 ? 2.000   -10.973 11.212  1.00 39.99  ? 153 PHE A CE1 1 
ATOM   1032 C CE2 . PHE A 1 133 ? 3.051   -8.972  10.486  1.00 40.54  ? 153 PHE A CE2 1 
ATOM   1033 C CZ  . PHE A 1 133 ? 2.747   -10.304 10.277  1.00 37.84  ? 153 PHE A CZ  1 
ATOM   1034 N N   . SER A 1 134 ? 0.485   -5.605  12.663  1.00 44.05  ? 154 SER A N   1 
ATOM   1035 C CA  . SER A 1 134 ? 0.534   -4.659  11.568  1.00 42.73  ? 154 SER A CA  1 
ATOM   1036 C C   . SER A 1 134 ? 1.953   -4.132  11.314  1.00 43.33  ? 154 SER A C   1 
ATOM   1037 O O   . SER A 1 134 ? 2.707   -3.857  12.254  1.00 47.04  ? 154 SER A O   1 
ATOM   1038 C CB  . SER A 1 134 ? -0.458  -3.526  11.803  1.00 40.68  ? 154 SER A CB  1 
ATOM   1039 O OG  . SER A 1 134 ? 0.148   -2.542  12.617  1.00 45.46  ? 154 SER A OG  1 
ATOM   1040 N N   . LEU A 1 135 ? 2.301   -4.019  10.034  1.00 41.75  ? 155 LEU A N   1 
ATOM   1041 C CA  . LEU A 1 135 ? 3.518   -3.331  9.591   1.00 41.73  ? 155 LEU A CA  1 
ATOM   1042 C C   . LEU A 1 135 ? 3.131   -2.065  8.882   1.00 43.21  ? 155 LEU A C   1 
ATOM   1043 O O   . LEU A 1 135 ? 2.222   -2.080  8.029   1.00 43.13  ? 155 LEU A O   1 
ATOM   1044 C CB  . LEU A 1 135 ? 4.304   -4.179  8.610   1.00 37.57  ? 155 LEU A CB  1 
ATOM   1045 C CG  . LEU A 1 135 ? 4.429   -5.616  9.050   1.00 37.16  ? 155 LEU A CG  1 
ATOM   1046 C CD1 . LEU A 1 135 ? 4.805   -6.421  7.833   1.00 35.21  ? 155 LEU A CD1 1 
ATOM   1047 C CD2 . LEU A 1 135 ? 5.465   -5.737  10.164  1.00 37.56  ? 155 LEU A CD2 1 
ATOM   1048 N N   . ASN A 1 136 ? 3.814   -0.971  9.216   1.00 44.65  ? 156 ASN A N   1 
ATOM   1049 C CA  . ASN A 1 136 ? 3.614   0.280   8.481   1.00 48.21  ? 156 ASN A CA  1 
ATOM   1050 C C   . ASN A 1 136 ? 4.850   1.157   8.376   1.00 45.91  ? 156 ASN A C   1 
ATOM   1051 O O   . ASN A 1 136 ? 5.779   1.031   9.172   1.00 45.00  ? 156 ASN A O   1 
ATOM   1052 C CB  . ASN A 1 136 ? 2.407   1.064   9.002   1.00 55.41  ? 156 ASN A CB  1 
ATOM   1053 C CG  . ASN A 1 136 ? 2.625   1.601   10.380  1.00 63.04  ? 156 ASN A CG  1 
ATOM   1054 O OD1 . ASN A 1 136 ? 2.629   0.850   11.366  1.00 82.29  ? 156 ASN A OD1 1 
ATOM   1055 N ND2 . ASN A 1 136 ? 2.801   2.904   10.471  1.00 60.27  ? 156 ASN A ND2 1 
ATOM   1056 N N   . GLY A 1 137 ? 4.842   2.023   7.362   1.00 44.82  ? 157 GLY A N   1 
ATOM   1057 C CA  . GLY A 1 137 ? 5.989   2.843   6.986   1.00 42.92  ? 157 GLY A CA  1 
ATOM   1058 C C   . GLY A 1 137 ? 5.695   3.628   5.721   1.00 42.25  ? 157 GLY A C   1 
ATOM   1059 O O   . GLY A 1 137 ? 4.802   3.276   4.946   1.00 41.94  ? 157 GLY A O   1 
ATOM   1060 N N   . LYS A 1 138 ? 6.432   4.723   5.549   1.00 41.68  ? 158 LYS A N   1 
ATOM   1061 C CA  . LYS A 1 138 ? 6.353   5.593   4.380   1.00 41.14  ? 158 LYS A CA  1 
ATOM   1062 C C   . LYS A 1 138 ? 7.544   5.215   3.481   1.00 41.30  ? 158 LYS A C   1 
ATOM   1063 O O   . LYS A 1 138 ? 8.656   5.105   3.966   1.00 39.84  ? 158 LYS A O   1 
ATOM   1064 C CB  . LYS A 1 138 ? 6.377   7.103   4.796   1.00 35.92  ? 158 LYS A CB  1 
ATOM   1065 N N   . ILE A 1 139 ? 7.319   4.986   2.187   1.00 43.31  ? 159 ILE A N   1 
ATOM   1066 C CA  . ILE A 1 139 ? 8.435   4.861   1.208   1.00 42.70  ? 159 ILE A CA  1 
ATOM   1067 C C   . ILE A 1 139 ? 8.354   5.997   0.186   1.00 44.85  ? 159 ILE A C   1 
ATOM   1068 O O   . ILE A 1 139 ? 7.259   6.565   -0.012  1.00 49.73  ? 159 ILE A O   1 
ATOM   1069 C CB  . ILE A 1 139 ? 8.467   3.488   0.503   1.00 39.80  ? 159 ILE A CB  1 
ATOM   1070 C CG1 . ILE A 1 139 ? 7.106   3.136   -0.087  1.00 38.85  ? 159 ILE A CG1 1 
ATOM   1071 C CG2 . ILE A 1 139 ? 8.846   2.409   1.490   1.00 39.58  ? 159 ILE A CG2 1 
ATOM   1072 C CD1 . ILE A 1 139 ? 7.185   2.170   -1.241  1.00 39.98  ? 159 ILE A CD1 1 
ATOM   1073 N N   . LYS A 1 140 ? 9.483   6.339   -0.439  1.00 40.66  ? 160 LYS A N   1 
ATOM   1074 C CA  . LYS A 1 140 ? 9.491   7.414   -1.428  1.00 38.81  ? 160 LYS A CA  1 
ATOM   1075 C C   . LYS A 1 140 ? 9.520   6.874   -2.854  1.00 39.51  ? 160 LYS A C   1 
ATOM   1076 O O   . LYS A 1 140 ? 10.478  6.201   -3.235  1.00 42.51  ? 160 LYS A O   1 
ATOM   1077 C CB  . LYS A 1 140 ? 10.690  8.326   -1.218  1.00 37.09  ? 160 LYS A CB  1 
ATOM   1078 C CG  . LYS A 1 140 ? 10.508  9.357   -0.145  1.00 38.78  ? 160 LYS A CG  1 
ATOM   1079 C CD  . LYS A 1 140 ? 11.805  10.105  0.126   1.00 43.93  ? 160 LYS A CD  1 
ATOM   1080 C CE  . LYS A 1 140 ? 11.513  11.315  1.019   1.00 56.66  ? 160 LYS A CE  1 
ATOM   1081 N NZ  . LYS A 1 140 ? 12.646  11.851  1.846   1.00 64.75  ? 160 LYS A NZ  1 
ATOM   1082 N N   . ARG A 1 141 ? 8.497   7.184   -3.652  1.00 39.60  ? 161 ARG A N   1 
ATOM   1083 C CA  . ARG A 1 141 ? 8.500   6.891   -5.110  1.00 37.75  ? 161 ARG A CA  1 
ATOM   1084 C C   . ARG A 1 141 ? 9.869   7.163   -5.737  1.00 36.22  ? 161 ARG A C   1 
ATOM   1085 O O   . ARG A 1 141 ? 10.366  6.381   -6.533  1.00 35.42  ? 161 ARG A O   1 
ATOM   1086 C CB  . ARG A 1 141 ? 7.442   7.719   -5.842  1.00 37.35  ? 161 ARG A CB  1 
ATOM   1087 C CG  . ARG A 1 141 ? 6.022   7.178   -5.780  1.00 39.80  ? 161 ARG A CG  1 
ATOM   1088 C CD  . ARG A 1 141 ? 5.007   8.164   -6.347  1.00 40.39  ? 161 ARG A CD  1 
ATOM   1089 N NE  . ARG A 1 141 ? 5.462   8.740   -7.608  1.00 46.53  ? 161 ARG A NE  1 
ATOM   1090 C CZ  . ARG A 1 141 ? 5.337   10.020  -7.970  1.00 51.09  ? 161 ARG A CZ  1 
ATOM   1091 N NH1 . ARG A 1 141 ? 4.753   10.918  -7.193  1.00 53.97  ? 161 ARG A NH1 1 
ATOM   1092 N NH2 . ARG A 1 141 ? 5.814   10.413  -9.136  1.00 56.64  ? 161 ARG A NH2 1 
ATOM   1093 N N   . SER A 1 142 ? 10.481  8.268   -5.331  1.00 36.30  ? 162 SER A N   1 
ATOM   1094 C CA  . SER A 1 142 ? 11.732  8.721   -5.899  1.00 37.61  ? 162 SER A CA  1 
ATOM   1095 C C   . SER A 1 142 ? 12.880  7.768   -5.569  1.00 40.39  ? 162 SER A C   1 
ATOM   1096 O O   . SER A 1 142 ? 13.833  7.642   -6.333  1.00 41.71  ? 162 SER A O   1 
ATOM   1097 C CB  . SER A 1 142 ? 12.048  10.142  -5.418  1.00 34.74  ? 162 SER A CB  1 
ATOM   1098 O OG  . SER A 1 142 ? 12.482  10.169  -4.059  1.00 35.68  ? 162 SER A OG  1 
ATOM   1099 N N   . ASP A 1 143 ? 12.794  7.104   -4.424  1.00 42.90  ? 163 ASP A N   1 
ATOM   1100 C CA  . ASP A 1 143 ? 13.835  6.178   -4.013  1.00 42.97  ? 163 ASP A CA  1 
ATOM   1101 C C   . ASP A 1 143 ? 13.823  4.942   -4.877  1.00 41.91  ? 163 ASP A C   1 
ATOM   1102 O O   . ASP A 1 143 ? 14.866  4.323   -5.052  1.00 44.55  ? 163 ASP A O   1 
ATOM   1103 C CB  . ASP A 1 143 ? 13.635  5.729   -2.576  1.00 47.31  ? 163 ASP A CB  1 
ATOM   1104 C CG  . ASP A 1 143 ? 14.011  6.771   -1.565  1.00 45.67  ? 163 ASP A CG  1 
ATOM   1105 O OD1 . ASP A 1 143 ? 14.851  7.657   -1.845  1.00 42.17  ? 163 ASP A OD1 1 
ATOM   1106 O OD2 . ASP A 1 143 ? 13.441  6.654   -0.465  1.00 47.78  ? 163 ASP A OD2 1 
ATOM   1107 N N   . PHE A 1 144 ? 12.650  4.586   -5.391  1.00 39.54  ? 164 PHE A N   1 
ATOM   1108 C CA  . PHE A 1 144 ? 12.506  3.443   -6.278  1.00 41.55  ? 164 PHE A CA  1 
ATOM   1109 C C   . PHE A 1 144 ? 12.389  3.816   -7.727  1.00 43.86  ? 164 PHE A C   1 
ATOM   1110 O O   . PHE A 1 144 ? 11.967  2.977   -8.531  1.00 43.97  ? 164 PHE A O   1 
ATOM   1111 C CB  . PHE A 1 144 ? 11.243  2.695   -5.930  1.00 41.24  ? 164 PHE A CB  1 
ATOM   1112 C CG  . PHE A 1 144 ? 11.328  2.001   -4.646  1.00 42.74  ? 164 PHE A CG  1 
ATOM   1113 C CD1 . PHE A 1 144 ? 11.070  2.686   -3.468  1.00 41.36  ? 164 PHE A CD1 1 
ATOM   1114 C CD2 . PHE A 1 144 ? 11.706  0.666   -4.605  1.00 44.34  ? 164 PHE A CD2 1 
ATOM   1115 C CE1 . PHE A 1 144 ? 11.161  2.043   -2.261  1.00 44.53  ? 164 PHE A CE1 1 
ATOM   1116 C CE2 . PHE A 1 144 ? 11.800  0.005   -3.399  1.00 45.27  ? 164 PHE A CE2 1 
ATOM   1117 C CZ  . PHE A 1 144 ? 11.531  0.697   -2.227  1.00 47.56  ? 164 PHE A CZ  1 
ATOM   1118 N N   . LYS A 1 145 ? 12.714  5.069   -8.059  1.00 43.48  ? 165 LYS A N   1 
ATOM   1119 C CA  . LYS A 1 145 ? 12.473  5.609   -9.399  1.00 45.17  ? 165 LYS A CA  1 
ATOM   1120 C C   . LYS A 1 145 ? 11.137  5.089   -10.003 1.00 44.26  ? 165 LYS A C   1 
ATOM   1121 O O   . LYS A 1 145 ? 11.071  4.582   -11.140 1.00 47.95  ? 165 LYS A O   1 
ATOM   1122 C CB  . LYS A 1 145 ? 13.693  5.364   -10.278 1.00 45.06  ? 165 LYS A CB  1 
ATOM   1123 C CG  . LYS A 1 145 ? 14.732  6.450   -10.088 1.00 51.63  ? 165 LYS A CG  1 
ATOM   1124 C CD  . LYS A 1 145 ? 16.102  5.890   -10.357 1.00 57.82  ? 165 LYS A CD  1 
ATOM   1125 C CE  . LYS A 1 145 ? 17.169  6.972   -10.311 1.00 63.57  ? 165 LYS A CE  1 
ATOM   1126 N NZ  . LYS A 1 145 ? 18.428  6.167   -10.371 1.00 72.50  ? 165 LYS A NZ  1 
ATOM   1127 N N   . PHE A 1 146 ? 10.084  5.201   -9.196  1.00 39.27  ? 166 PHE A N   1 
ATOM   1128 C CA  . PHE A 1 146 ? 8.806   4.667   -9.541  1.00 39.79  ? 166 PHE A CA  1 
ATOM   1129 C C   . PHE A 1 146 ? 7.845   5.743   -10.037 1.00 46.14  ? 166 PHE A C   1 
ATOM   1130 O O   . PHE A 1 146 ? 7.652   6.787   -9.367  1.00 48.23  ? 166 PHE A O   1 
ATOM   1131 C CB  . PHE A 1 146 ? 8.209   3.959   -8.352  1.00 38.12  ? 166 PHE A CB  1 
ATOM   1132 C CG  . PHE A 1 146 ? 6.794   3.546   -8.573  1.00 39.70  ? 166 PHE A CG  1 
ATOM   1133 C CD1 . PHE A 1 146 ? 6.504   2.350   -9.231  1.00 41.21  ? 166 PHE A CD1 1 
ATOM   1134 C CD2 . PHE A 1 146 ? 5.736   4.369   -8.168  1.00 38.70  ? 166 PHE A CD2 1 
ATOM   1135 C CE1 . PHE A 1 146 ? 5.183   1.964   -9.464  1.00 42.33  ? 166 PHE A CE1 1 
ATOM   1136 C CE2 . PHE A 1 146 ? 4.417   3.990   -8.399  1.00 41.27  ? 166 PHE A CE2 1 
ATOM   1137 C CZ  . PHE A 1 146 ? 4.135   2.786   -9.047  1.00 42.94  ? 166 PHE A CZ  1 
ATOM   1138 N N   . ALA A 1 147 ? 7.215   5.439   -11.183 1.00 48.36  ? 167 ALA A N   1 
ATOM   1139 C CA  . ALA A 1 147 ? 6.325   6.343   -11.944 1.00 49.60  ? 167 ALA A CA  1 
ATOM   1140 C C   . ALA A 1 147 ? 6.939   7.714   -12.190 1.00 49.67  ? 167 ALA A C   1 
ATOM   1141 O O   . ALA A 1 147 ? 6.276   8.726   -11.997 1.00 50.75  ? 167 ALA A O   1 
ATOM   1142 C CB  . ALA A 1 147 ? 4.958   6.472   -11.275 1.00 47.86  ? 167 ALA A CB  1 
ATOM   1143 N N   . THR A 1 148 ? 8.199   7.727   -12.630 1.00 49.19  ? 168 THR A N   1 
ATOM   1144 C CA  . THR A 1 148 ? 9.010   8.958   -12.685 1.00 54.00  ? 168 THR A CA  1 
ATOM   1145 C C   . THR A 1 148 ? 8.426   10.070  -13.542 1.00 54.35  ? 168 THR A C   1 
ATOM   1146 O O   . THR A 1 148 ? 8.652   11.237  -13.233 1.00 54.22  ? 168 THR A O   1 
ATOM   1147 C CB  . THR A 1 148 ? 10.493  8.722   -13.092 1.00 55.69  ? 168 THR A CB  1 
ATOM   1148 O OG1 . THR A 1 148 ? 10.616  7.456   -13.765 1.00 68.10  ? 168 THR A OG1 1 
ATOM   1149 C CG2 . THR A 1 148 ? 11.453  8.790   -11.842 1.00 57.35  ? 168 THR A CG2 1 
ATOM   1150 N N   . SER A 1 149 ? 7.671   9.706   -14.586 1.00 57.20  ? 169 SER A N   1 
ATOM   1151 C CA  . SER A 1 149 ? 7.038   10.671  -15.502 1.00 57.22  ? 169 SER A CA  1 
ATOM   1152 C C   . SER A 1 149 ? 5.867   11.463  -14.861 1.00 58.74  ? 169 SER A C   1 
ATOM   1153 O O   . SER A 1 149 ? 5.517   12.563  -15.326 1.00 60.83  ? 169 SER A O   1 
ATOM   1154 C CB  . SER A 1 149 ? 6.602   9.986   -16.802 1.00 56.22  ? 169 SER A CB  1 
ATOM   1155 O OG  . SER A 1 149 ? 5.716   8.924   -16.527 1.00 61.54  ? 169 SER A OG  1 
ATOM   1156 N N   . THR A 1 150 ? 5.278   10.906  -13.797 1.00 56.53  ? 170 THR A N   1 
ATOM   1157 C CA  . THR A 1 150 ? 4.273   11.608  -12.981 1.00 50.59  ? 170 THR A CA  1 
ATOM   1158 C C   . THR A 1 150 ? 4.942   12.501  -11.935 1.00 50.51  ? 170 THR A C   1 
ATOM   1159 O O   . THR A 1 150 ? 5.738   12.024  -11.134 1.00 54.17  ? 170 THR A O   1 
ATOM   1160 C CB  . THR A 1 150 ? 3.347   10.619  -12.283 1.00 47.93  ? 170 THR A CB  1 
ATOM   1161 O OG1 . THR A 1 150 ? 3.001   9.558   -13.190 1.00 49.21  ? 170 THR A OG1 1 
ATOM   1162 C CG2 . THR A 1 150 ? 2.110   11.317  -11.818 1.00 50.68  ? 170 THR A CG2 1 
ATOM   1163 N N   . SER A 1 151 ? 4.631   13.796  -11.976 1.00 51.93  ? 171 SER A N   1 
ATOM   1164 C CA  . SER A 1 151 ? 5.195   14.812  -11.077 1.00 50.22  ? 171 SER A CA  1 
ATOM   1165 C C   . SER A 1 151 ? 4.851   14.530  -9.635  1.00 48.26  ? 171 SER A C   1 
ATOM   1166 O O   . SER A 1 151 ? 3.755   14.025  -9.342  1.00 46.50  ? 171 SER A O   1 
ATOM   1167 C CB  . SER A 1 151 ? 4.607   16.177  -11.417 1.00 54.24  ? 171 SER A CB  1 
ATOM   1168 O OG  . SER A 1 151 ? 5.168   17.200  -10.628 1.00 57.35  ? 171 SER A OG  1 
ATOM   1169 N N   . THR A 1 152 ? 5.771   14.890  -8.739  1.00 44.99  ? 172 THR A N   1 
ATOM   1170 C CA  . THR A 1 152 ? 5.495   14.824  -7.300  1.00 45.60  ? 172 THR A CA  1 
ATOM   1171 C C   . THR A 1 152 ? 4.435   15.862  -6.828  1.00 46.38  ? 172 THR A C   1 
ATOM   1172 O O   . THR A 1 152 ? 3.970   15.814  -5.687  1.00 52.18  ? 172 THR A O   1 
ATOM   1173 C CB  . THR A 1 152 ? 6.769   14.935  -6.459  1.00 44.72  ? 172 THR A CB  1 
ATOM   1174 O OG1 . THR A 1 152 ? 7.399   16.176  -6.744  1.00 46.87  ? 172 THR A OG1 1 
ATOM   1175 C CG2 . THR A 1 152 ? 7.741   13.797  -6.767  1.00 49.89  ? 172 THR A CG2 1 
ATOM   1176 N N   . ILE A 1 153 ? 4.050   16.778  -7.713  1.00 44.26  ? 173 ILE A N   1 
ATOM   1177 C CA  . ILE A 1 153 ? 2.919   17.666  -7.496  1.00 42.49  ? 173 ILE A CA  1 
ATOM   1178 C C   . ILE A 1 153 ? 1.602   16.904  -7.649  1.00 44.79  ? 173 ILE A C   1 
ATOM   1179 O O   . ILE A 1 153 ? 0.811   16.859  -6.712  1.00 49.54  ? 173 ILE A O   1 
ATOM   1180 C CB  . ILE A 1 153 ? 2.944   18.872  -8.453  1.00 42.53  ? 173 ILE A CB  1 
ATOM   1181 C CG1 . ILE A 1 153 ? 4.280   19.621  -8.340  1.00 42.81  ? 173 ILE A CG1 1 
ATOM   1182 C CG2 . ILE A 1 153 ? 1.780   19.803  -8.152  1.00 42.13  ? 173 ILE A CG2 1 
ATOM   1183 C CD1 . ILE A 1 153 ? 4.594   20.597  -9.469  1.00 40.26  ? 173 ILE A CD1 1 
ATOM   1184 N N   . THR A 1 154 ? 1.366   16.318  -8.823  1.00 47.57  ? 174 THR A N   1 
ATOM   1185 C CA  . THR A 1 154 ? 0.128   15.576  -9.106  1.00 49.77  ? 174 THR A CA  1 
ATOM   1186 C C   . THR A 1 154 ? -0.114  14.417  -8.111  1.00 50.23  ? 174 THR A C   1 
ATOM   1187 O O   . THR A 1 154 ? -1.225  14.252  -7.583  1.00 48.98  ? 174 THR A O   1 
ATOM   1188 C CB  . THR A 1 154 ? 0.148   15.081  -10.569 1.00 52.85  ? 174 THR A CB  1 
ATOM   1189 O OG1 . THR A 1 154 ? 0.245   16.230  -11.417 1.00 60.99  ? 174 THR A OG1 1 
ATOM   1190 C CG2 . THR A 1 154 ? -1.109  14.197  -10.957 1.00 51.50  ? 174 THR A CG2 1 
ATOM   1191 N N   . LEU A 1 155 ? 0.947   13.647  -7.859  1.00 48.90  ? 175 LEU A N   1 
ATOM   1192 C CA  . LEU A 1 155 ? 0.921   12.427  -7.046  1.00 42.74  ? 175 LEU A CA  1 
ATOM   1193 C C   . LEU A 1 155 ? 2.066   12.528  -6.064  1.00 42.74  ? 175 LEU A C   1 
ATOM   1194 O O   . LEU A 1 155 ? 3.206   12.749  -6.477  1.00 40.44  ? 175 LEU A O   1 
ATOM   1195 C CB  . LEU A 1 155 ? 1.129   11.220  -7.945  1.00 37.90  ? 175 LEU A CB  1 
ATOM   1196 C CG  . LEU A 1 155 ? 1.098   9.822   -7.366  1.00 36.96  ? 175 LEU A CG  1 
ATOM   1197 C CD1 . LEU A 1 155 ? -0.306  9.433   -6.976  1.00 36.43  ? 175 LEU A CD1 1 
ATOM   1198 C CD2 . LEU A 1 155 ? 1.609   8.837   -8.397  1.00 36.09  ? 175 LEU A CD2 1 
ATOM   1199 N N   . SER A 1 156 ? 1.754   12.385  -4.773  1.00 44.04  ? 176 SER A N   1 
ATOM   1200 C CA  . SER A 1 156 ? 2.742   12.475  -3.696  1.00 44.20  ? 176 SER A CA  1 
ATOM   1201 C C   . SER A 1 156 ? 3.938   11.547  -3.912  1.00 43.24  ? 176 SER A C   1 
ATOM   1202 O O   . SER A 1 156 ? 3.769   10.386  -4.325  1.00 42.83  ? 176 SER A O   1 
ATOM   1203 C CB  . SER A 1 156 ? 2.102   12.117  -2.356  1.00 46.44  ? 176 SER A CB  1 
ATOM   1204 O OG  . SER A 1 156 ? 3.037   12.363  -1.320  1.00 54.69  ? 176 SER A OG  1 
ATOM   1205 N N   . ASP A 1 157 ? 5.136   12.037  -3.607  1.00 39.94  ? 177 ASP A N   1 
ATOM   1206 C CA  . ASP A 1 157 ? 6.302   11.159  -3.585  1.00 40.14  ? 177 ASP A CA  1 
ATOM   1207 C C   . ASP A 1 157 ? 6.195   10.052  -2.514  1.00 42.47  ? 177 ASP A C   1 
ATOM   1208 O O   . ASP A 1 157 ? 6.838   9.006   -2.637  1.00 41.67  ? 177 ASP A O   1 
ATOM   1209 C CB  . ASP A 1 157 ? 7.581   11.961  -3.389  1.00 39.85  ? 177 ASP A CB  1 
ATOM   1210 C CG  . ASP A 1 157 ? 8.821   11.187  -3.805  1.00 42.17  ? 177 ASP A CG  1 
ATOM   1211 O OD1 . ASP A 1 157 ? 8.736   10.308  -4.696  1.00 45.62  ? 177 ASP A OD1 1 
ATOM   1212 O OD2 . ASP A 1 157 ? 9.896   11.464  -3.246  1.00 40.27  ? 177 ASP A OD2 1 
ATOM   1213 N N   . ASP A 1 158 ? 5.374   10.286  -1.480  1.00 44.92  ? 178 ASP A N   1 
ATOM   1214 C CA  . ASP A 1 158 ? 5.249   9.368   -0.348  1.00 45.90  ? 178 ASP A CA  1 
ATOM   1215 C C   . ASP A 1 158 ? 4.130   8.401   -0.573  1.00 45.43  ? 178 ASP A C   1 
ATOM   1216 O O   . ASP A 1 158 ? 2.992   8.806   -0.878  1.00 46.00  ? 178 ASP A O   1 
ATOM   1217 C CB  . ASP A 1 158 ? 5.045   10.114  0.980   1.00 49.81  ? 178 ASP A CB  1 
ATOM   1218 C CG  . ASP A 1 158 ? 6.132   11.142  1.243   1.00 59.01  ? 178 ASP A CG  1 
ATOM   1219 O OD1 . ASP A 1 158 ? 7.187   10.788  1.831   1.00 64.68  ? 178 ASP A OD1 1 
ATOM   1220 O OD2 . ASP A 1 158 ? 5.938   12.308  0.826   1.00 63.17  ? 178 ASP A OD2 1 
ATOM   1221 N N   . ILE A 1 159 ? 4.475   7.121   -0.426  1.00 45.98  ? 179 ILE A N   1 
ATOM   1222 C CA  . ILE A 1 159 ? 3.491   6.048   -0.300  1.00 45.81  ? 179 ILE A CA  1 
ATOM   1223 C C   . ILE A 1 159 ? 3.511   5.568   1.147   1.00 45.46  ? 179 ILE A C   1 
ATOM   1224 O O   . ILE A 1 159 ? 4.598   5.343   1.687   1.00 43.89  ? 179 ILE A O   1 
ATOM   1225 C CB  . ILE A 1 159 ? 3.795   4.873   -1.248  1.00 44.87  ? 179 ILE A CB  1 
ATOM   1226 C CG1 . ILE A 1 159 ? 4.163   5.399   -2.638  1.00 46.67  ? 179 ILE A CG1 1 
ATOM   1227 C CG2 . ILE A 1 159 ? 2.594   3.940   -1.319  1.00 43.42  ? 179 ILE A CG2 1 
ATOM   1228 C CD1 . ILE A 1 159 ? 4.515   4.338   -3.658  1.00 49.59  ? 179 ILE A CD1 1 
ATOM   1229 N N   . ASN A 1 160 ? 2.329   5.461   1.772   1.00 46.56  ? 180 ASN A N   1 
ATOM   1230 C CA  . ASN A 1 160 ? 2.198   4.896   3.127   1.00 53.08  ? 180 ASN A CA  1 
ATOM   1231 C C   . ASN A 1 160 ? 1.722   3.481   3.049   1.00 49.27  ? 180 ASN A C   1 
ATOM   1232 O O   . ASN A 1 160 ? 0.640   3.192   2.547   1.00 49.13  ? 180 ASN A O   1 
ATOM   1233 C CB  . ASN A 1 160 ? 1.274   5.701   4.065   1.00 61.22  ? 180 ASN A CB  1 
ATOM   1234 C CG  . ASN A 1 160 ? 1.932   6.977   4.609   1.00 72.26  ? 180 ASN A CG  1 
ATOM   1235 O OD1 . ASN A 1 160 ? 3.137   7.028   4.903   1.00 81.65  ? 180 ASN A OD1 1 
ATOM   1236 N ND2 . ASN A 1 160 ? 1.127   8.022   4.750   1.00 79.11  ? 180 ASN A ND2 1 
ATOM   1237 N N   . LEU A 1 161 ? 2.565   2.607   3.562   1.00 47.21  ? 181 LEU A N   1 
ATOM   1238 C CA  . LEU A 1 161 ? 2.297   1.195   3.578   1.00 46.76  ? 181 LEU A CA  1 
ATOM   1239 C C   . LEU A 1 161 ? 1.576   0.867   4.849   1.00 49.04  ? 181 LEU A C   1 
ATOM   1240 O O   . LEU A 1 161 ? 1.940   1.327   5.930   1.00 51.13  ? 181 LEU A O   1 
ATOM   1241 C CB  . LEU A 1 161 ? 3.603   0.427   3.515   1.00 44.84  ? 181 LEU A CB  1 
ATOM   1242 C CG  . LEU A 1 161 ? 4.533   0.941   2.434   1.00 45.78  ? 181 LEU A CG  1 
ATOM   1243 C CD1 . LEU A 1 161 ? 5.860   0.209   2.467   1.00 45.75  ? 181 LEU A CD1 1 
ATOM   1244 C CD2 . LEU A 1 161 ? 3.841   0.819   1.086   1.00 48.08  ? 181 LEU A CD2 1 
ATOM   1245 N N   . CYS A 1 162 ? 0.523   0.090   4.709   1.00 50.78  ? 182 CYS A N   1 
ATOM   1246 C CA  . CYS A 1 162 ? -0.145  -0.456  5.857   1.00 50.84  ? 182 CYS A CA  1 
ATOM   1247 C C   . CYS A 1 162 ? -0.519  -1.929  5.616   1.00 50.33  ? 182 CYS A C   1 
ATOM   1248 O O   . CYS A 1 162 ? -1.494  -2.227  4.882   1.00 49.12  ? 182 CYS A O   1 
ATOM   1249 C CB  . CYS A 1 162 ? -1.369  0.379   6.170   1.00 55.23  ? 182 CYS A CB  1 
ATOM   1250 S SG  . CYS A 1 162 ? -2.261  -0.289  7.575   1.00 74.18  ? 182 CYS A SG  1 
ATOM   1251 N N   . ILE A 1 163 ? 0.272   -2.833  6.215   1.00 45.17  ? 183 ILE A N   1 
ATOM   1252 C CA  . ILE A 1 163 ? 0.025   -4.285  6.148   1.00 43.16  ? 183 ILE A CA  1 
ATOM   1253 C C   . ILE A 1 163 ? -0.609  -4.719  7.463   1.00 45.98  ? 183 ILE A C   1 
ATOM   1254 O O   . ILE A 1 163 ? 0.030   -4.597  8.502   1.00 48.06  ? 183 ILE A O   1 
ATOM   1255 C CB  . ILE A 1 163 ? 1.320   -5.118  5.958   1.00 38.24  ? 183 ILE A CB  1 
ATOM   1256 C CG1 . ILE A 1 163 ? 2.349   -4.424  5.060   1.00 34.84  ? 183 ILE A CG1 1 
ATOM   1257 C CG2 . ILE A 1 163 ? 0.995   -6.523  5.489   1.00 35.18  ? 183 ILE A CG2 1 
ATOM   1258 C CD1 . ILE A 1 163 ? 1.909   -4.117  3.654   1.00 35.80  ? 183 ILE A CD1 1 
ATOM   1259 N N   . GLU A 1 164 ? -1.863  -5.182  7.416   1.00 48.49  ? 184 GLU A N   1 
ATOM   1260 C CA  . GLU A 1 164 ? -2.533  -5.821  8.558   1.00 51.57  ? 184 GLU A CA  1 
ATOM   1261 C C   . GLU A 1 164 ? -2.632  -7.317  8.294   1.00 51.31  ? 184 GLU A C   1 
ATOM   1262 O O   . GLU A 1 164 ? -3.155  -7.737  7.261   1.00 51.91  ? 184 GLU A O   1 
ATOM   1263 C CB  . GLU A 1 164 ? -3.927  -5.260  8.772   1.00 55.46  ? 184 GLU A CB  1 
ATOM   1264 C CG  . GLU A 1 164 ? -3.986  -3.920  9.483   1.00 68.99  ? 184 GLU A CG  1 
ATOM   1265 C CD  . GLU A 1 164 ? -5.152  -3.039  9.006   1.00 77.80  ? 184 GLU A CD  1 
ATOM   1266 O OE1 . GLU A 1 164 ? -5.811  -3.330  7.973   1.00 84.74  ? 184 GLU A OE1 1 
ATOM   1267 O OE2 . GLU A 1 164 ? -5.418  -2.017  9.666   1.00 79.87  ? 184 GLU A OE2 1 
ATOM   1268 N N   . VAL A 1 165 ? -2.114  -8.122  9.216   1.00 47.13  ? 185 VAL A N   1 
ATOM   1269 C CA  . VAL A 1 165 ? -2.097  -9.569  9.027   1.00 46.15  ? 185 VAL A CA  1 
ATOM   1270 C C   . VAL A 1 165 ? -2.832  -10.216 10.181  1.00 47.29  ? 185 VAL A C   1 
ATOM   1271 O O   . VAL A 1 165 ? -2.614  -9.821  11.330  1.00 52.00  ? 185 VAL A O   1 
ATOM   1272 C CB  . VAL A 1 165 ? -0.652  -10.117 8.963   1.00 44.33  ? 185 VAL A CB  1 
ATOM   1273 C CG1 . VAL A 1 165 ? -0.651  -11.617 8.702   1.00 46.51  ? 185 VAL A CG1 1 
ATOM   1274 C CG2 . VAL A 1 165 ? 0.150   -9.405  7.886   1.00 40.39  ? 185 VAL A CG2 1 
ATOM   1275 N N   . GLU A 1 166 ? -3.753  -11.133 9.865   1.00 46.60  ? 186 GLU A N   1 
ATOM   1276 C CA  . GLU A 1 166 ? -4.194  -12.189 10.795  1.00 49.26  ? 186 GLU A CA  1 
ATOM   1277 C C   . GLU A 1 166 ? -3.541  -13.443 10.226  1.00 48.57  ? 186 GLU A C   1 
ATOM   1278 O O   . GLU A 1 166 ? -3.480  -13.588 9.003   1.00 49.32  ? 186 GLU A O   1 
ATOM   1279 C CB  . GLU A 1 166 ? -5.733  -12.317 10.874  1.00 45.46  ? 186 GLU A CB  1 
ATOM   1280 N N   . ALA A 1 167 ? -2.990  -14.305 11.084  1.00 48.16  ? 187 ALA A N   1 
ATOM   1281 C CA  . ALA A 1 167 ? -2.318  -15.553 10.622  1.00 49.35  ? 187 ALA A CA  1 
ATOM   1282 C C   . ALA A 1 167 ? -2.369  -16.715 11.638  1.00 51.91  ? 187 ALA A C   1 
ATOM   1283 O O   . ALA A 1 167 ? -2.313  -16.484 12.850  1.00 59.32  ? 187 ALA A O   1 
ATOM   1284 C CB  . ALA A 1 167 ? -0.883  -15.276 10.179  1.00 42.14  ? 187 ALA A CB  1 
ATOM   1285 N N   . ASN A 1 168 ? -2.461  -17.951 11.145  1.00 49.87  ? 188 ASN A N   1 
ATOM   1286 C CA  . ASN A 1 168 ? -2.520  -19.131 12.012  1.00 48.85  ? 188 ASN A CA  1 
ATOM   1287 C C   . ASN A 1 168 ? -1.341  -20.025 11.784  1.00 51.01  ? 188 ASN A C   1 
ATOM   1288 O O   . ASN A 1 168 ? -0.644  -19.884 10.788  1.00 55.50  ? 188 ASN A O   1 
ATOM   1289 C CB  . ASN A 1 168 ? -3.783  -19.912 11.751  1.00 48.00  ? 188 ASN A CB  1 
ATOM   1290 C CG  . ASN A 1 168 ? -5.009  -19.037 11.777  1.00 51.50  ? 188 ASN A CG  1 
ATOM   1291 O OD1 . ASN A 1 168 ? -5.641  -18.848 12.824  1.00 53.10  ? 188 ASN A OD1 1 
ATOM   1292 N ND2 . ASN A 1 168 ? -5.342  -18.470 10.625  1.00 53.54  ? 188 ASN A ND2 1 
ATOM   1293 N N   . GLU A 1 169 ? -1.116  -20.945 12.711  1.00 52.75  ? 189 GLU A N   1 
ATOM   1294 C CA  . GLU A 1 169 ? -0.001  -21.886 12.623  1.00 59.75  ? 189 GLU A CA  1 
ATOM   1295 C C   . GLU A 1 169 ? -0.153  -22.810 11.400  1.00 67.10  ? 189 GLU A C   1 
ATOM   1296 O O   . GLU A 1 169 ? -1.272  -23.003 10.930  1.00 70.58  ? 189 GLU A O   1 
ATOM   1297 C CB  . GLU A 1 169 ? 0.046   -22.700 13.913  1.00 58.97  ? 189 GLU A CB  1 
ATOM   1298 C CG  . GLU A 1 169 ? 1.409   -23.291 14.231  1.00 63.31  ? 189 GLU A CG  1 
ATOM   1299 C CD  . GLU A 1 169 ? 1.469   -23.955 15.592  1.00 65.68  ? 189 GLU A CD  1 
ATOM   1300 O OE1 . GLU A 1 169 ? 2.581   -24.413 15.963  1.00 66.41  ? 189 GLU A OE1 1 
ATOM   1301 O OE2 . GLU A 1 169 ? 0.419   -24.013 16.282  1.00 66.78  ? 189 GLU A OE2 1 
ATOM   1302 N N   . LYS A 1 170 ? 0.957   -23.376 10.904  1.00 72.95  ? 190 LYS A N   1 
ATOM   1303 C CA  . LYS A 1 170 ? 0.986   -24.208 9.680   1.00 82.02  ? 190 LYS A CA  1 
ATOM   1304 C C   . LYS A 1 170 ? 0.879   -25.745 9.930   1.00 95.09  ? 190 LYS A C   1 
ATOM   1305 O O   . LYS A 1 170 ? 1.153   -26.190 11.054  1.00 102.61 ? 190 LYS A O   1 
ATOM   1306 C CB  . LYS A 1 170 ? 2.260   -23.869 8.873   1.00 83.55  ? 190 LYS A CB  1 
ATOM   1307 C CG  . LYS A 1 170 ? 2.046   -23.893 7.366   1.00 90.95  ? 190 LYS A CG  1 
ATOM   1308 C CD  . LYS A 1 170 ? 3.316   -23.957 6.534   1.00 85.26  ? 190 LYS A CD  1 
ATOM   1309 C CE  . LYS A 1 170 ? 2.886   -24.197 5.092   1.00 96.08  ? 190 LYS A CE  1 
ATOM   1310 N NZ  . LYS A 1 170 ? 4.014   -24.426 4.148   1.00 106.82 ? 190 LYS A NZ  1 
ATOM   1311 N N   . GLU A 1 171 ? 0.486   -26.522 8.889   1.00 103.18 ? 191 GLU A N   1 
ATOM   1312 C CA  . GLU A 1 171 ? 0.473   -28.035 8.842   1.00 97.43  ? 191 GLU A CA  1 
ATOM   1313 C C   . GLU A 1 171 ? -0.195  -28.747 10.030  1.00 100.95 ? 191 GLU A C   1 
ATOM   1314 O O   . GLU A 1 171 ? -1.343  -28.455 10.374  1.00 106.98 ? 191 GLU A O   1 
ATOM   1315 C CB  . GLU A 1 171 ? 1.879   -28.640 8.611   1.00 83.92  ? 191 GLU A CB  1 
HETATM 1316 C C1  . LFA B 2 .   ? 4.856   -4.094  1.047   1.00 38.56  ? 301 LFA A C1  1 
HETATM 1317 C C2  . LFA B 2 .   ? 3.682   -3.418  0.319   1.00 44.82  ? 301 LFA A C2  1 
HETATM 1318 C C3  . LFA B 2 .   ? 4.112   -2.418  -0.758  1.00 44.73  ? 301 LFA A C3  1 
HETATM 1319 C C4  . LFA B 2 .   ? 2.991   -1.548  -1.341  1.00 44.83  ? 301 LFA A C4  1 
HETATM 1320 C C5  . LFA B 2 .   ? 3.566   -0.533  -2.359  1.00 45.17  ? 301 LFA A C5  1 
HETATM 1321 C C6  . LFA B 2 .   ? 2.544   -0.137  -3.434  1.00 46.64  ? 301 LFA A C6  1 
HETATM 1322 C C7  . LFA B 2 .   ? 2.838   1.136   -4.243  1.00 44.52  ? 301 LFA A C7  1 
HETATM 1323 C C8  . LFA B 2 .   ? 1.529   1.605   -4.926  1.00 45.27  ? 301 LFA A C8  1 
HETATM 1324 C C9  . LFA B 2 .   ? 1.559   2.942   -5.713  1.00 43.24  ? 301 LFA A C9  1 
HETATM 1325 C C10 . LFA B 2 .   ? 0.188   3.355   -6.289  1.00 43.57  ? 301 LFA A C10 1 
HETATM 1326 C C11 . LFA B 2 .   ? 0.093   4.685   -7.070  1.00 48.56  ? 301 LFA A C11 1 
HETATM 1327 C C12 . LFA B 2 .   ? -1.353  5.143   -7.399  1.00 54.05  ? 301 LFA A C12 1 
HETATM 1328 C C13 . LFA B 2 .   ? -1.455  6.150   -8.574  1.00 61.74  ? 301 LFA A C13 1 
HETATM 1329 C C14 . LFA B 2 .   ? -2.861  6.708   -8.935  1.00 68.86  ? 301 LFA A C14 1 
HETATM 1330 C C15 . LFA B 2 .   ? -2.967  7.503   -10.266 1.00 70.85  ? 301 LFA A C15 1 
HETATM 1331 C C16 . LFA B 2 .   ? -3.599  8.907   -10.167 1.00 75.22  ? 301 LFA A C16 1 
HETATM 1332 C C17 . LFA B 2 .   ? -2.739  10.035  -10.764 1.00 69.37  ? 301 LFA A C17 1 
HETATM 1333 S S   . SO4 C 3 .   ? 19.607  0.553   -0.060  0.90 87.29  ? 302 SO4 A S   1 
HETATM 1334 O O1  . SO4 C 3 .   ? 21.082  0.665   0.039   0.90 79.26  ? 302 SO4 A O1  1 
HETATM 1335 O O2  . SO4 C 3 .   ? 19.146  -0.816  -0.438  0.90 83.38  ? 302 SO4 A O2  1 
HETATM 1336 O O3  . SO4 C 3 .   ? 19.172  1.520   -1.102  0.90 99.30  ? 302 SO4 A O3  1 
HETATM 1337 O O4  . SO4 C 3 .   ? 19.012  0.905   1.252   0.90 87.14  ? 302 SO4 A O4  1 
HETATM 1338 S S   . SO4 D 3 .   ? 1.380   14.873  -14.319 0.45 28.20  ? 303 SO4 A S   1 
HETATM 1339 O O1  . SO4 D 3 .   ? 1.870   14.527  -15.675 0.45 28.72  ? 303 SO4 A O1  1 
HETATM 1340 O O2  . SO4 D 3 .   ? 0.150   14.068  -14.049 0.45 27.86  ? 303 SO4 A O2  1 
HETATM 1341 O O3  . SO4 D 3 .   ? 2.410   14.556  -13.306 0.45 27.48  ? 303 SO4 A O3  1 
HETATM 1342 O O4  . SO4 D 3 .   ? 1.128   16.337  -14.264 0.45 27.40  ? 303 SO4 A O4  1 
HETATM 1343 C C6  . MNB E 4 .   ? -1.599  2.108   9.637   1.00 100.64 ? 304 MNB A C6  1 
HETATM 1344 C C1  . MNB E 4 .   ? -1.567  3.277   10.379  1.00 109.66 ? 304 MNB A C1  1 
HETATM 1345 C C2  . MNB E 4 .   ? -0.990  3.201   11.764  1.00 111.91 ? 304 MNB A C2  1 
HETATM 1346 C C3  . MNB E 4 .   ? -0.511  1.994   12.271  1.00 99.04  ? 304 MNB A C3  1 
HETATM 1347 C C4  . MNB E 4 .   ? -0.580  0.864   11.467  1.00 94.22  ? 304 MNB A C4  1 
HETATM 1348 C C5  . MNB E 4 .   ? -1.107  0.929   10.181  1.00 88.93  ? 304 MNB A C5  1 
HETATM 1349 S S5  . MNB E 4 .   ? -1.172  -0.487  9.233   1.00 90.72  ? 304 MNB A S5  1 
HETATM 1350 C C10 . MNB E 4 .   ? -2.117  4.535   9.755   1.00 107.61 ? 304 MNB A C10 1 
HETATM 1351 O O12 . MNB E 4 .   ? -3.054  5.123   10.333  1.00 105.89 ? 304 MNB A O12 1 
HETATM 1352 O O11 . MNB E 4 .   ? -1.650  4.950   8.669   1.00 106.66 ? 304 MNB A O11 1 
HETATM 1353 N N7  . MNB E 4 .   ? -0.914  4.320   12.582  1.00 118.91 ? 304 MNB A N7  1 
HETATM 1354 O O9  . MNB E 4 .   ? -1.347  4.237   13.716  1.00 127.23 ? 304 MNB A O9  1 
HETATM 1355 O O8  . MNB E 4 .   ? -0.337  5.506   12.106  1.00 126.55 ? 304 MNB A O8  1 
HETATM 1356 O O   . HOH F 5 .   ? 10.877  -2.253  -22.015 1.00 51.29  ? 401 HOH A O   1 
HETATM 1357 O O   . HOH F 5 .   ? 12.595  -7.778  -2.256  1.00 33.65  ? 402 HOH A O   1 
HETATM 1358 O O   . HOH F 5 .   ? 14.991  -3.552  12.240  1.00 31.85  ? 403 HOH A O   1 
HETATM 1359 O O   . HOH F 5 .   ? 10.341  1.004   -9.362  1.00 52.52  ? 404 HOH A O   1 
HETATM 1360 O O   . HOH F 5 .   ? 8.431   4.177   -13.362 1.00 47.54  ? 405 HOH A O   1 
HETATM 1361 O O   . HOH F 5 .   ? 11.378  2.188   13.999  1.00 47.41  ? 406 HOH A O   1 
HETATM 1362 O O   . HOH F 5 .   ? 2.090   -0.512  -21.495 1.00 40.82  ? 407 HOH A O   1 
HETATM 1363 O O   . HOH F 5 .   ? 11.372  14.284  2.829   1.00 32.69  ? 408 HOH A O   1 
HETATM 1364 O O   . HOH F 5 .   ? 11.913  6.467   -16.386 1.00 52.71  ? 409 HOH A O   1 
HETATM 1365 O O   . HOH F 5 .   ? 6.382   -16.582 -0.376  1.00 31.99  ? 410 HOH A O   1 
HETATM 1366 O O   . HOH F 5 .   ? -14.854 0.772   -11.790 1.00 40.32  ? 411 HOH A O   1 
HETATM 1367 O O   . HOH F 5 .   ? 8.943   15.595  -9.527  1.00 20.93  ? 412 HOH A O   1 
HETATM 1368 O O   . HOH F 5 .   ? -10.930 -0.067  -18.780 1.00 50.59  ? 413 HOH A O   1 
HETATM 1369 O O   . HOH F 5 .   ? -1.386  3.136   5.177   1.00 55.78  ? 414 HOH A O   1 
HETATM 1370 O O   . HOH F 5 .   ? -11.596 7.904   -7.350  1.00 26.65  ? 415 HOH A O   1 
HETATM 1371 O O   . HOH F 5 .   ? -8.810  10.694  1.973   1.00 42.40  ? 416 HOH A O   1 
HETATM 1372 O O   . HOH F 5 .   ? 0.576   -18.142 2.028   1.00 39.44  ? 417 HOH A O   1 
HETATM 1373 O O   . HOH F 5 .   ? -0.053  15.801  -3.483  1.00 22.52  ? 418 HOH A O   1 
HETATM 1374 O O   . HOH F 5 .   ? -36.204 40.705  -12.444 1.00 50.24  ? 419 HOH A O   1 
HETATM 1375 O O   . HOH F 5 .   ? 8.120   0.143   -15.284 1.00 44.99  ? 420 HOH A O   1 
HETATM 1376 O O   . HOH F 5 .   ? 12.742  14.990  -0.092  1.00 32.19  ? 421 HOH A O   1 
HETATM 1377 O O   . HOH F 5 .   ? -11.562 -5.415  0.174   1.00 34.59  ? 422 HOH A O   1 
# 
